data_7HM4
# 
_entry.id   7HM4 
# 
_audit_conform.dict_name       mmcif_pdbx.dic 
_audit_conform.dict_version    5.399 
_audit_conform.dict_location   http://mmcif.pdb.org/dictionaries/ascii/mmcif_pdbx.dic 
# 
loop_
_database_2.database_id 
_database_2.database_code 
_database_2.pdbx_database_accession 
_database_2.pdbx_DOI 
PDB   7HM4         pdb_00007hm4 10.2210/pdb7hm4/pdb 
WWPDB D_1001407646 ?            ?                   
# 
_pdbx_audit_revision_history.ordinal             1 
_pdbx_audit_revision_history.data_content_type   'Structure model' 
_pdbx_audit_revision_history.major_revision      1 
_pdbx_audit_revision_history.minor_revision      0 
_pdbx_audit_revision_history.revision_date       2024-11-27 
# 
_pdbx_audit_revision_details.ordinal             1 
_pdbx_audit_revision_details.revision_ordinal    1 
_pdbx_audit_revision_details.data_content_type   'Structure model' 
_pdbx_audit_revision_details.provider            repository 
_pdbx_audit_revision_details.type                'Initial release' 
_pdbx_audit_revision_details.description         ? 
_pdbx_audit_revision_details.details             ? 
# 
_pdbx_database_status.entry_id                        7HM4 
_pdbx_database_status.status_code                     REL 
_pdbx_database_status.status_code_sf                  REL 
_pdbx_database_status.status_code_mr                  ? 
_pdbx_database_status.status_code_cs                  ? 
_pdbx_database_status.recvd_initial_deposition_date   2024-11-04 
_pdbx_database_status.status_code_nmr_data            ? 
_pdbx_database_status.deposit_site                    RCSB 
_pdbx_database_status.process_site                    RCSB 
_pdbx_database_status.SG_entry                        ? 
_pdbx_database_status.pdb_format_compatible           Y 
_pdbx_database_status.methods_development_category    ? 
# 
_pdbx_contact_author.id                 1 
_pdbx_contact_author.email              knapp@pharmchem.uni-frankfurt.de 
_pdbx_contact_author.name_first         Stefan 
_pdbx_contact_author.name_last          Knapp 
_pdbx_contact_author.role               'principal investigator/group leader' 
_pdbx_contact_author.identifier_ORCID   0000-0001-5995-6494 
_pdbx_contact_author.name_mi            ? 
# 
loop_
_audit_author.name 
_audit_author.pdbx_ordinal 
'Kim, Y.'                              1 
'Marples, P.'                          2 
'Fearon, D.'                           3 
'von Delft, F.'                        4 
'Knapp, S.'                            5 
'Kraemer, A.'                          6 
'Structural Genomics Consortium (SGC)' 7 
# 
_citation.id                        primary 
_citation.title                     'PanDDA analysis group deposition' 
_citation.journal_abbrev            'To Be Published' 
_citation.journal_volume            ? 
_citation.page_first                ? 
_citation.page_last                 ? 
_citation.year                      ? 
_citation.journal_id_ASTM           ? 
_citation.country                   ? 
_citation.journal_id_ISSN           ? 
_citation.journal_id_CSD            0353 
_citation.book_publisher            ? 
_citation.pdbx_database_id_PubMed   ? 
_citation.pdbx_database_id_DOI      ? 
# 
loop_
_citation_author.citation_id 
_citation_author.name 
_citation_author.identifier_ORCID 
_citation_author.ordinal 
primary 'Kim, Y.'                              ? 1 
primary 'Marples, P.'                          ? 2 
primary 'Fearon, D.'                           ? 3 
primary 'von Delft, F.'                        ? 4 
primary 'Knapp, S.'                            ? 5 
primary 'Kraemer, A.'                          ? 6 
primary 'Structural Genomics Consortium (SGC)' ? 7 
# 
loop_
_entity.id 
_entity.type 
_entity.src_method 
_entity.pdbx_description 
_entity.formula_weight 
_entity.pdbx_number_of_molecules 
_entity.pdbx_ec 
_entity.pdbx_mutation 
_entity.pdbx_fragment 
_entity.details 
1 polymer     man 'E3 ubiquitin-protein ligase TRIM21' 21596.361 1   2.3.2.27 ? ? ? 
2 non-polymer syn '(2S)-2-phenylpropane-1-sulfonamide' 199.270   1   ?        ? ? ? 
3 non-polymer syn 1,2-ETHANEDIOL                       62.068    1   ?        ? ? ? 
4 non-polymer syn 'SULFATE ION'                        96.063    1   ?        ? ? ? 
5 water       nat water                                18.015    139 ?        ? ? ? 
# 
_entity_name_com.entity_id   1 
_entity_name_com.name        
;52 kDa Ro protein,52 kDa ribonucleoprotein autoantigen Ro/SS-A,Ro(SS-A),Sjoegren syndrome type A antigen,SS-A,Tripartite motif-containing protein 21
;
# 
_entity_poly.entity_id                      1 
_entity_poly.type                           'polypeptide(L)' 
_entity_poly.nstd_linkage                   no 
_entity_poly.nstd_monomer                   no 
_entity_poly.pdbx_seq_one_letter_code       
;MHHHHHHMVHITLDRNTANSWLIISKDRRQVRMGDTHQNVSDNKERFSNYPMVLGAQRFSSGKMYWEVDVTQKEAWDLGV
CRDSVQRKGQFSLSPENGFWTIWLWQDSYEAGTSPQTTLHIQVPPCQIGIFVDYEAGVVSFYNITDHGSLIYTFSECVFA
GPLRPFFNVGFNYSGGNAAPLKLCPLKM
;
_entity_poly.pdbx_seq_one_letter_code_can   
;MHHHHHHMVHITLDRNTANSWLIISKDRRQVRMGDTHQNVSDNKERFSNYPMVLGAQRFSSGKMYWEVDVTQKEAWDLGV
CRDSVQRKGQFSLSPENGFWTIWLWQDSYEAGTSPQTTLHIQVPPCQIGIFVDYEAGVVSFYNITDHGSLIYTFSECVFA
GPLRPFFNVGFNYSGGNAAPLKLCPLKM
;
_entity_poly.pdbx_strand_id                 B 
_entity_poly.pdbx_target_identifier         ? 
# 
loop_
_pdbx_entity_nonpoly.entity_id 
_pdbx_entity_nonpoly.name 
_pdbx_entity_nonpoly.comp_id 
2 '(2S)-2-phenylpropane-1-sulfonamide' VW4 
3 1,2-ETHANEDIOL                       EDO 
4 'SULFATE ION'                        SO4 
5 water                                HOH 
# 
loop_
_entity_poly_seq.entity_id 
_entity_poly_seq.num 
_entity_poly_seq.mon_id 
_entity_poly_seq.hetero 
1 1   MET n 
1 2   HIS n 
1 3   HIS n 
1 4   HIS n 
1 5   HIS n 
1 6   HIS n 
1 7   HIS n 
1 8   MET n 
1 9   VAL n 
1 10  HIS n 
1 11  ILE n 
1 12  THR n 
1 13  LEU n 
1 14  ASP n 
1 15  ARG n 
1 16  ASN n 
1 17  THR n 
1 18  ALA n 
1 19  ASN n 
1 20  SER n 
1 21  TRP n 
1 22  LEU n 
1 23  ILE n 
1 24  ILE n 
1 25  SER n 
1 26  LYS n 
1 27  ASP n 
1 28  ARG n 
1 29  ARG n 
1 30  GLN n 
1 31  VAL n 
1 32  ARG n 
1 33  MET n 
1 34  GLY n 
1 35  ASP n 
1 36  THR n 
1 37  HIS n 
1 38  GLN n 
1 39  ASN n 
1 40  VAL n 
1 41  SER n 
1 42  ASP n 
1 43  ASN n 
1 44  LYS n 
1 45  GLU n 
1 46  ARG n 
1 47  PHE n 
1 48  SER n 
1 49  ASN n 
1 50  TYR n 
1 51  PRO n 
1 52  MET n 
1 53  VAL n 
1 54  LEU n 
1 55  GLY n 
1 56  ALA n 
1 57  GLN n 
1 58  ARG n 
1 59  PHE n 
1 60  SER n 
1 61  SER n 
1 62  GLY n 
1 63  LYS n 
1 64  MET n 
1 65  TYR n 
1 66  TRP n 
1 67  GLU n 
1 68  VAL n 
1 69  ASP n 
1 70  VAL n 
1 71  THR n 
1 72  GLN n 
1 73  LYS n 
1 74  GLU n 
1 75  ALA n 
1 76  TRP n 
1 77  ASP n 
1 78  LEU n 
1 79  GLY n 
1 80  VAL n 
1 81  CYS n 
1 82  ARG n 
1 83  ASP n 
1 84  SER n 
1 85  VAL n 
1 86  GLN n 
1 87  ARG n 
1 88  LYS n 
1 89  GLY n 
1 90  GLN n 
1 91  PHE n 
1 92  SER n 
1 93  LEU n 
1 94  SER n 
1 95  PRO n 
1 96  GLU n 
1 97  ASN n 
1 98  GLY n 
1 99  PHE n 
1 100 TRP n 
1 101 THR n 
1 102 ILE n 
1 103 TRP n 
1 104 LEU n 
1 105 TRP n 
1 106 GLN n 
1 107 ASP n 
1 108 SER n 
1 109 TYR n 
1 110 GLU n 
1 111 ALA n 
1 112 GLY n 
1 113 THR n 
1 114 SER n 
1 115 PRO n 
1 116 GLN n 
1 117 THR n 
1 118 THR n 
1 119 LEU n 
1 120 HIS n 
1 121 ILE n 
1 122 GLN n 
1 123 VAL n 
1 124 PRO n 
1 125 PRO n 
1 126 CYS n 
1 127 GLN n 
1 128 ILE n 
1 129 GLY n 
1 130 ILE n 
1 131 PHE n 
1 132 VAL n 
1 133 ASP n 
1 134 TYR n 
1 135 GLU n 
1 136 ALA n 
1 137 GLY n 
1 138 VAL n 
1 139 VAL n 
1 140 SER n 
1 141 PHE n 
1 142 TYR n 
1 143 ASN n 
1 144 ILE n 
1 145 THR n 
1 146 ASP n 
1 147 HIS n 
1 148 GLY n 
1 149 SER n 
1 150 LEU n 
1 151 ILE n 
1 152 TYR n 
1 153 THR n 
1 154 PHE n 
1 155 SER n 
1 156 GLU n 
1 157 CYS n 
1 158 VAL n 
1 159 PHE n 
1 160 ALA n 
1 161 GLY n 
1 162 PRO n 
1 163 LEU n 
1 164 ARG n 
1 165 PRO n 
1 166 PHE n 
1 167 PHE n 
1 168 ASN n 
1 169 VAL n 
1 170 GLY n 
1 171 PHE n 
1 172 ASN n 
1 173 TYR n 
1 174 SER n 
1 175 GLY n 
1 176 GLY n 
1 177 ASN n 
1 178 ALA n 
1 179 ALA n 
1 180 PRO n 
1 181 LEU n 
1 182 LYS n 
1 183 LEU n 
1 184 CYS n 
1 185 PRO n 
1 186 LEU n 
1 187 LYS n 
1 188 MET n 
# 
_entity_src_gen.entity_id                          1 
_entity_src_gen.pdbx_src_id                        1 
_entity_src_gen.pdbx_alt_source_flag               sample 
_entity_src_gen.pdbx_seq_type                      'Biological sequence' 
_entity_src_gen.pdbx_beg_seq_num                   1 
_entity_src_gen.pdbx_end_seq_num                   188 
_entity_src_gen.gene_src_common_name               'house mouse' 
_entity_src_gen.gene_src_genus                     ? 
_entity_src_gen.pdbx_gene_src_gene                 'Trim21, Ro52, Ssa1' 
_entity_src_gen.gene_src_species                   ? 
_entity_src_gen.gene_src_strain                    ? 
_entity_src_gen.gene_src_tissue                    ? 
_entity_src_gen.gene_src_tissue_fraction           ? 
_entity_src_gen.gene_src_details                   ? 
_entity_src_gen.pdbx_gene_src_fragment             ? 
_entity_src_gen.pdbx_gene_src_scientific_name      'Mus musculus' 
_entity_src_gen.pdbx_gene_src_ncbi_taxonomy_id     10090 
_entity_src_gen.pdbx_gene_src_variant              ? 
_entity_src_gen.pdbx_gene_src_cell_line            ? 
_entity_src_gen.pdbx_gene_src_atcc                 ? 
_entity_src_gen.pdbx_gene_src_organ                ? 
_entity_src_gen.pdbx_gene_src_organelle            ? 
_entity_src_gen.pdbx_gene_src_cell                 ? 
_entity_src_gen.pdbx_gene_src_cellular_location    ? 
_entity_src_gen.host_org_common_name               ? 
_entity_src_gen.pdbx_host_org_scientific_name      'Escherichia coli' 
_entity_src_gen.pdbx_host_org_ncbi_taxonomy_id     562 
_entity_src_gen.host_org_genus                     ? 
_entity_src_gen.pdbx_host_org_gene                 ? 
_entity_src_gen.pdbx_host_org_organ                ? 
_entity_src_gen.host_org_species                   ? 
_entity_src_gen.pdbx_host_org_tissue               ? 
_entity_src_gen.pdbx_host_org_tissue_fraction      ? 
_entity_src_gen.pdbx_host_org_strain               ? 
_entity_src_gen.pdbx_host_org_variant              ? 
_entity_src_gen.pdbx_host_org_cell_line            ? 
_entity_src_gen.pdbx_host_org_atcc                 ? 
_entity_src_gen.pdbx_host_org_culture_collection   ? 
_entity_src_gen.pdbx_host_org_cell                 ? 
_entity_src_gen.pdbx_host_org_organelle            ? 
_entity_src_gen.pdbx_host_org_cellular_location    ? 
_entity_src_gen.pdbx_host_org_vector_type          ? 
_entity_src_gen.pdbx_host_org_vector               ? 
_entity_src_gen.host_org_details                   ? 
_entity_src_gen.expression_system_id               ? 
_entity_src_gen.plasmid_name                       ? 
_entity_src_gen.plasmid_details                    ? 
_entity_src_gen.pdbx_description                   ? 
# 
loop_
_chem_comp.id 
_chem_comp.type 
_chem_comp.mon_nstd_flag 
_chem_comp.name 
_chem_comp.pdbx_synonyms 
_chem_comp.formula 
_chem_comp.formula_weight 
ALA 'L-peptide linking' y ALANINE                              ?                 'C3 H7 N O2'     89.093  
ARG 'L-peptide linking' y ARGININE                             ?                 'C6 H15 N4 O2 1' 175.209 
ASN 'L-peptide linking' y ASPARAGINE                           ?                 'C4 H8 N2 O3'    132.118 
ASP 'L-peptide linking' y 'ASPARTIC ACID'                      ?                 'C4 H7 N O4'     133.103 
CYS 'L-peptide linking' y CYSTEINE                             ?                 'C3 H7 N O2 S'   121.158 
EDO non-polymer         . 1,2-ETHANEDIOL                       'ETHYLENE GLYCOL' 'C2 H6 O2'       62.068  
GLN 'L-peptide linking' y GLUTAMINE                            ?                 'C5 H10 N2 O3'   146.144 
GLU 'L-peptide linking' y 'GLUTAMIC ACID'                      ?                 'C5 H9 N O4'     147.129 
GLY 'peptide linking'   y GLYCINE                              ?                 'C2 H5 N O2'     75.067  
HIS 'L-peptide linking' y HISTIDINE                            ?                 'C6 H10 N3 O2 1' 156.162 
HOH non-polymer         . WATER                                ?                 'H2 O'           18.015  
ILE 'L-peptide linking' y ISOLEUCINE                           ?                 'C6 H13 N O2'    131.173 
LEU 'L-peptide linking' y LEUCINE                              ?                 'C6 H13 N O2'    131.173 
LYS 'L-peptide linking' y LYSINE                               ?                 'C6 H15 N2 O2 1' 147.195 
MET 'L-peptide linking' y METHIONINE                           ?                 'C5 H11 N O2 S'  149.211 
PHE 'L-peptide linking' y PHENYLALANINE                        ?                 'C9 H11 N O2'    165.189 
PRO 'L-peptide linking' y PROLINE                              ?                 'C5 H9 N O2'     115.130 
SER 'L-peptide linking' y SERINE                               ?                 'C3 H7 N O3'     105.093 
SO4 non-polymer         . 'SULFATE ION'                        ?                 'O4 S -2'        96.063  
THR 'L-peptide linking' y THREONINE                            ?                 'C4 H9 N O3'     119.119 
TRP 'L-peptide linking' y TRYPTOPHAN                           ?                 'C11 H12 N2 O2'  204.225 
TYR 'L-peptide linking' y TYROSINE                             ?                 'C9 H11 N O3'    181.189 
VAL 'L-peptide linking' y VALINE                               ?                 'C5 H11 N O2'    117.146 
VW4 non-polymer         . '(2S)-2-phenylpropane-1-sulfonamide' ?                 'C9 H13 N O2 S'  199.270 
# 
loop_
_pdbx_poly_seq_scheme.asym_id 
_pdbx_poly_seq_scheme.entity_id 
_pdbx_poly_seq_scheme.seq_id 
_pdbx_poly_seq_scheme.mon_id 
_pdbx_poly_seq_scheme.ndb_seq_num 
_pdbx_poly_seq_scheme.pdb_seq_num 
_pdbx_poly_seq_scheme.auth_seq_num 
_pdbx_poly_seq_scheme.pdb_mon_id 
_pdbx_poly_seq_scheme.auth_mon_id 
_pdbx_poly_seq_scheme.pdb_strand_id 
_pdbx_poly_seq_scheme.pdb_ins_code 
_pdbx_poly_seq_scheme.hetero 
A 1 1   MET 1   7   ?   ?   ?   B . n 
A 1 2   HIS 2   8   8   HIS HIS B . n 
A 1 3   HIS 3   9   9   HIS HIS B . n 
A 1 4   HIS 4   10  10  HIS HIS B . n 
A 1 5   HIS 5   11  11  HIS HIS B . n 
A 1 6   HIS 6   12  12  HIS HIS B . n 
A 1 7   HIS 7   13  13  HIS HIS B . n 
A 1 8   MET 8   14  14  MET MET B . n 
A 1 9   VAL 9   15  15  VAL VAL B . n 
A 1 10  HIS 10  16  16  HIS HIS B . n 
A 1 11  ILE 11  17  17  ILE ILE B . n 
A 1 12  THR 12  18  18  THR THR B . n 
A 1 13  LEU 13  19  19  LEU LEU B . n 
A 1 14  ASP 14  20  20  ASP ASP B . n 
A 1 15  ARG 15  21  21  ARG ARG B . n 
A 1 16  ASN 16  22  22  ASN ASN B . n 
A 1 17  THR 17  23  23  THR THR B . n 
A 1 18  ALA 18  24  24  ALA ALA B . n 
A 1 19  ASN 19  25  25  ASN ASN B . n 
A 1 20  SER 20  26  26  SER SER B . n 
A 1 21  TRP 21  27  27  TRP TRP B . n 
A 1 22  LEU 22  28  28  LEU LEU B . n 
A 1 23  ILE 23  29  29  ILE ILE B . n 
A 1 24  ILE 24  30  30  ILE ILE B . n 
A 1 25  SER 25  31  31  SER SER B . n 
A 1 26  LYS 26  32  32  LYS LYS B . n 
A 1 27  ASP 27  33  33  ASP ASP B . n 
A 1 28  ARG 28  34  34  ARG ARG B . n 
A 1 29  ARG 29  35  35  ARG ARG B . n 
A 1 30  GLN 30  36  36  GLN GLN B . n 
A 1 31  VAL 31  37  37  VAL VAL B . n 
A 1 32  ARG 32  38  38  ARG ARG B . n 
A 1 33  MET 33  39  39  MET MET B . n 
A 1 34  GLY 34  40  40  GLY GLY B . n 
A 1 35  ASP 35  41  41  ASP ASP B . n 
A 1 36  THR 36  42  42  THR THR B . n 
A 1 37  HIS 37  43  43  HIS HIS B . n 
A 1 38  GLN 38  44  44  GLN GLN B . n 
A 1 39  ASN 39  45  45  ASN ASN B . n 
A 1 40  VAL 40  46  46  VAL VAL B . n 
A 1 41  SER 41  47  47  SER SER B . n 
A 1 42  ASP 42  48  48  ASP ASP B . n 
A 1 43  ASN 43  49  49  ASN ASN B . n 
A 1 44  LYS 44  50  50  LYS LYS B . n 
A 1 45  GLU 45  51  51  GLU GLU B . n 
A 1 46  ARG 46  52  52  ARG ARG B . n 
A 1 47  PHE 47  53  53  PHE PHE B . n 
A 1 48  SER 48  54  54  SER SER B . n 
A 1 49  ASN 49  55  55  ASN ASN B . n 
A 1 50  TYR 50  56  56  TYR TYR B . n 
A 1 51  PRO 51  57  57  PRO PRO B . n 
A 1 52  MET 52  58  58  MET MET B . n 
A 1 53  VAL 53  59  59  VAL VAL B . n 
A 1 54  LEU 54  60  60  LEU LEU B . n 
A 1 55  GLY 55  61  61  GLY GLY B . n 
A 1 56  ALA 56  62  62  ALA ALA B . n 
A 1 57  GLN 57  63  63  GLN GLN B . n 
A 1 58  ARG 58  64  64  ARG ARG B . n 
A 1 59  PHE 59  65  65  PHE PHE B . n 
A 1 60  SER 60  66  66  SER SER B . n 
A 1 61  SER 61  67  67  SER SER B . n 
A 1 62  GLY 62  68  68  GLY GLY B . n 
A 1 63  LYS 63  69  69  LYS LYS B . n 
A 1 64  MET 64  70  70  MET MET B . n 
A 1 65  TYR 65  71  71  TYR TYR B . n 
A 1 66  TRP 66  72  72  TRP TRP B . n 
A 1 67  GLU 67  73  73  GLU GLU B . n 
A 1 68  VAL 68  74  74  VAL VAL B . n 
A 1 69  ASP 69  75  75  ASP ASP B . n 
A 1 70  VAL 70  76  76  VAL VAL B . n 
A 1 71  THR 71  77  77  THR THR B . n 
A 1 72  GLN 72  78  78  GLN GLN B . n 
A 1 73  LYS 73  79  79  LYS LYS B . n 
A 1 74  GLU 74  80  80  GLU GLU B . n 
A 1 75  ALA 75  81  81  ALA ALA B . n 
A 1 76  TRP 76  82  82  TRP TRP B . n 
A 1 77  ASP 77  83  83  ASP ASP B . n 
A 1 78  LEU 78  84  84  LEU LEU B . n 
A 1 79  GLY 79  85  85  GLY GLY B . n 
A 1 80  VAL 80  86  86  VAL VAL B . n 
A 1 81  CYS 81  87  87  CYS CYS B . n 
A 1 82  ARG 82  88  88  ARG ARG B . n 
A 1 83  ASP 83  89  89  ASP ASP B . n 
A 1 84  SER 84  90  90  SER SER B . n 
A 1 85  VAL 85  91  91  VAL VAL B . n 
A 1 86  GLN 86  92  92  GLN GLN B . n 
A 1 87  ARG 87  93  93  ARG ARG B . n 
A 1 88  LYS 88  94  94  LYS LYS B . n 
A 1 89  GLY 89  95  95  GLY GLY B . n 
A 1 90  GLN 90  96  96  GLN GLN B . n 
A 1 91  PHE 91  97  97  PHE PHE B . n 
A 1 92  SER 92  98  98  SER SER B . n 
A 1 93  LEU 93  99  99  LEU LEU B . n 
A 1 94  SER 94  100 100 SER SER B . n 
A 1 95  PRO 95  101 101 PRO PRO B . n 
A 1 96  GLU 96  102 102 GLU GLU B . n 
A 1 97  ASN 97  103 103 ASN ASN B . n 
A 1 98  GLY 98  104 104 GLY GLY B . n 
A 1 99  PHE 99  105 105 PHE PHE B . n 
A 1 100 TRP 100 106 106 TRP TRP B . n 
A 1 101 THR 101 107 107 THR THR B . n 
A 1 102 ILE 102 108 108 ILE ILE B . n 
A 1 103 TRP 103 109 109 TRP TRP B . n 
A 1 104 LEU 104 110 110 LEU LEU B . n 
A 1 105 TRP 105 111 111 TRP TRP B . n 
A 1 106 GLN 106 112 112 GLN GLN B . n 
A 1 107 ASP 107 113 113 ASP ASP B . n 
A 1 108 SER 108 114 114 SER SER B . n 
A 1 109 TYR 109 115 115 TYR TYR B . n 
A 1 110 GLU 110 116 116 GLU GLU B . n 
A 1 111 ALA 111 117 117 ALA ALA B . n 
A 1 112 GLY 112 118 118 GLY GLY B . n 
A 1 113 THR 113 119 119 THR THR B . n 
A 1 114 SER 114 120 120 SER SER B . n 
A 1 115 PRO 115 121 121 PRO PRO B . n 
A 1 116 GLN 116 122 122 GLN GLN B . n 
A 1 117 THR 117 123 123 THR THR B . n 
A 1 118 THR 118 124 124 THR THR B . n 
A 1 119 LEU 119 125 125 LEU LEU B . n 
A 1 120 HIS 120 126 126 HIS HIS B . n 
A 1 121 ILE 121 127 127 ILE ILE B . n 
A 1 122 GLN 122 128 128 GLN GLN B . n 
A 1 123 VAL 123 129 129 VAL VAL B . n 
A 1 124 PRO 124 130 130 PRO PRO B . n 
A 1 125 PRO 125 131 131 PRO PRO B . n 
A 1 126 CYS 126 132 132 CYS CYS B . n 
A 1 127 GLN 127 133 133 GLN GLN B . n 
A 1 128 ILE 128 134 134 ILE ILE B . n 
A 1 129 GLY 129 135 135 GLY GLY B . n 
A 1 130 ILE 130 136 136 ILE ILE B . n 
A 1 131 PHE 131 137 137 PHE PHE B . n 
A 1 132 VAL 132 138 138 VAL VAL B . n 
A 1 133 ASP 133 139 139 ASP ASP B . n 
A 1 134 TYR 134 140 140 TYR TYR B . n 
A 1 135 GLU 135 141 141 GLU GLU B . n 
A 1 136 ALA 136 142 142 ALA ALA B . n 
A 1 137 GLY 137 143 143 GLY GLY B . n 
A 1 138 VAL 138 144 144 VAL VAL B . n 
A 1 139 VAL 139 145 145 VAL VAL B . n 
A 1 140 SER 140 146 146 SER SER B . n 
A 1 141 PHE 141 147 147 PHE PHE B . n 
A 1 142 TYR 142 148 148 TYR TYR B . n 
A 1 143 ASN 143 149 149 ASN ASN B . n 
A 1 144 ILE 144 150 150 ILE ILE B . n 
A 1 145 THR 145 151 151 THR THR B . n 
A 1 146 ASP 146 152 152 ASP ASP B . n 
A 1 147 HIS 147 153 153 HIS HIS B . n 
A 1 148 GLY 148 154 154 GLY GLY B . n 
A 1 149 SER 149 155 155 SER SER B . n 
A 1 150 LEU 150 156 156 LEU LEU B . n 
A 1 151 ILE 151 157 157 ILE ILE B . n 
A 1 152 TYR 152 158 158 TYR TYR B . n 
A 1 153 THR 153 159 159 THR THR B . n 
A 1 154 PHE 154 160 160 PHE PHE B . n 
A 1 155 SER 155 161 161 SER SER B . n 
A 1 156 GLU 156 162 162 GLU GLU B . n 
A 1 157 CYS 157 163 163 CYS CYS B . n 
A 1 158 VAL 158 164 164 VAL VAL B . n 
A 1 159 PHE 159 165 165 PHE PHE B . n 
A 1 160 ALA 160 166 166 ALA ALA B . n 
A 1 161 GLY 161 167 167 GLY GLY B . n 
A 1 162 PRO 162 168 168 PRO PRO B . n 
A 1 163 LEU 163 169 169 LEU LEU B . n 
A 1 164 ARG 164 170 170 ARG ARG B . n 
A 1 165 PRO 165 171 171 PRO PRO B . n 
A 1 166 PHE 166 172 172 PHE PHE B . n 
A 1 167 PHE 167 173 173 PHE PHE B . n 
A 1 168 ASN 168 174 174 ASN ASN B . n 
A 1 169 VAL 169 175 175 VAL VAL B . n 
A 1 170 GLY 170 176 176 GLY GLY B . n 
A 1 171 PHE 171 177 177 PHE PHE B . n 
A 1 172 ASN 172 178 178 ASN ASN B . n 
A 1 173 TYR 173 179 179 TYR TYR B . n 
A 1 174 SER 174 180 180 SER SER B . n 
A 1 175 GLY 175 181 181 GLY GLY B . n 
A 1 176 GLY 176 182 182 GLY GLY B . n 
A 1 177 ASN 177 183 183 ASN ASN B . n 
A 1 178 ALA 178 184 184 ALA ALA B . n 
A 1 179 ALA 179 185 185 ALA ALA B . n 
A 1 180 PRO 180 186 186 PRO PRO B . n 
A 1 181 LEU 181 187 187 LEU LEU B . n 
A 1 182 LYS 182 188 188 LYS LYS B . n 
A 1 183 LEU 183 189 189 LEU LEU B . n 
A 1 184 CYS 184 190 190 CYS CYS B . n 
A 1 185 PRO 185 191 191 PRO PRO B . n 
A 1 186 LEU 186 192 192 LEU LEU B . n 
A 1 187 LYS 187 193 ?   ?   ?   B . n 
A 1 188 MET 188 194 ?   ?   ?   B . n 
# 
_pdbx_entity_instance_feature.ordinal        1 
_pdbx_entity_instance_feature.comp_id        VW4 
_pdbx_entity_instance_feature.asym_id        ? 
_pdbx_entity_instance_feature.seq_num        ? 
_pdbx_entity_instance_feature.auth_comp_id   VW4 
_pdbx_entity_instance_feature.auth_asym_id   ? 
_pdbx_entity_instance_feature.auth_seq_num   ? 
_pdbx_entity_instance_feature.feature_type   'SUBJECT OF INVESTIGATION' 
_pdbx_entity_instance_feature.details        ? 
# 
loop_
_pdbx_nonpoly_scheme.asym_id 
_pdbx_nonpoly_scheme.entity_id 
_pdbx_nonpoly_scheme.mon_id 
_pdbx_nonpoly_scheme.ndb_seq_num 
_pdbx_nonpoly_scheme.pdb_seq_num 
_pdbx_nonpoly_scheme.auth_seq_num 
_pdbx_nonpoly_scheme.pdb_mon_id 
_pdbx_nonpoly_scheme.auth_mon_id 
_pdbx_nonpoly_scheme.pdb_strand_id 
_pdbx_nonpoly_scheme.pdb_ins_code 
B 2 VW4 1   201 302 VW4 LIG B . 
C 3 EDO 1   202 305 EDO EDO B . 
D 4 SO4 1   203 1   SO4 SO4 B . 
E 5 HOH 1   301 264 HOH HOH B . 
E 5 HOH 2   302 12  HOH HOH B . 
E 5 HOH 3   303 29  HOH HOH B . 
E 5 HOH 4   304 33  HOH HOH B . 
E 5 HOH 5   305 11  HOH HOH B . 
E 5 HOH 6   306 107 HOH HOH B . 
E 5 HOH 7   307 4   HOH HOH B . 
E 5 HOH 8   308 2   HOH HOH B . 
E 5 HOH 9   309 1   HOH HOH B . 
E 5 HOH 10  310 40  HOH HOH B . 
E 5 HOH 11  311 102 HOH HOH B . 
E 5 HOH 12  312 26  HOH HOH B . 
E 5 HOH 13  313 184 HOH HOH B . 
E 5 HOH 14  314 80  HOH HOH B . 
E 5 HOH 15  315 99  HOH HOH B . 
E 5 HOH 16  316 63  HOH HOH B . 
E 5 HOH 17  317 9   HOH HOH B . 
E 5 HOH 18  318 25  HOH HOH B . 
E 5 HOH 19  319 19  HOH HOH B . 
E 5 HOH 20  320 267 HOH HOH B . 
E 5 HOH 21  321 10  HOH HOH B . 
E 5 HOH 22  322 72  HOH HOH B . 
E 5 HOH 23  323 16  HOH HOH B . 
E 5 HOH 24  324 27  HOH HOH B . 
E 5 HOH 25  325 43  HOH HOH B . 
E 5 HOH 26  326 27  HOH HOH B . 
E 5 HOH 27  327 21  HOH HOH B . 
E 5 HOH 28  328 90  HOH HOH B . 
E 5 HOH 29  329 11  HOH HOH B . 
E 5 HOH 30  330 28  HOH HOH B . 
E 5 HOH 31  331 211 HOH HOH B . 
E 5 HOH 32  332 129 HOH HOH B . 
E 5 HOH 33  333 89  HOH HOH B . 
E 5 HOH 34  334 70  HOH HOH B . 
E 5 HOH 35  335 95  HOH HOH B . 
E 5 HOH 36  336 39  HOH HOH B . 
E 5 HOH 37  337 16  HOH HOH B . 
E 5 HOH 38  338 34  HOH HOH B . 
E 5 HOH 39  339 31  HOH HOH B . 
E 5 HOH 40  340 15  HOH HOH B . 
E 5 HOH 41  341 62  HOH HOH B . 
E 5 HOH 42  342 68  HOH HOH B . 
E 5 HOH 43  343 18  HOH HOH B . 
E 5 HOH 44  344 81  HOH HOH B . 
E 5 HOH 45  345 58  HOH HOH B . 
E 5 HOH 46  346 2   HOH HOH B . 
E 5 HOH 47  347 51  HOH HOH B . 
E 5 HOH 48  348 20  HOH HOH B . 
E 5 HOH 49  349 76  HOH HOH B . 
E 5 HOH 50  350 36  HOH HOH B . 
E 5 HOH 51  351 7   HOH HOH B . 
E 5 HOH 52  352 73  HOH HOH B . 
E 5 HOH 53  353 26  HOH HOH B . 
E 5 HOH 54  354 22  HOH HOH B . 
E 5 HOH 55  355 59  HOH HOH B . 
E 5 HOH 56  356 86  HOH HOH B . 
E 5 HOH 57  357 33  HOH HOH B . 
E 5 HOH 58  358 55  HOH HOH B . 
E 5 HOH 59  359 10  HOH HOH B . 
E 5 HOH 60  360 263 HOH HOH B . 
E 5 HOH 61  361 281 HOH HOH B . 
E 5 HOH 62  362 50  HOH HOH B . 
E 5 HOH 63  363 157 HOH HOH B . 
E 5 HOH 64  364 13  HOH HOH B . 
E 5 HOH 65  365 214 HOH HOH B . 
E 5 HOH 66  366 126 HOH HOH B . 
E 5 HOH 67  367 93  HOH HOH B . 
E 5 HOH 68  368 71  HOH HOH B . 
E 5 HOH 69  369 32  HOH HOH B . 
E 5 HOH 70  370 29  HOH HOH B . 
E 5 HOH 71  371 6   HOH HOH B . 
E 5 HOH 72  372 47  HOH HOH B . 
E 5 HOH 73  373 64  HOH HOH B . 
E 5 HOH 74  374 8   HOH HOH B . 
E 5 HOH 75  375 1   HOH HOH B . 
E 5 HOH 76  376 3   HOH HOH B . 
E 5 HOH 77  377 304 HOH HOH B . 
E 5 HOH 78  378 172 HOH HOH B . 
E 5 HOH 79  379 14  HOH HOH B . 
E 5 HOH 80  380 4   HOH HOH B . 
E 5 HOH 81  381 61  HOH HOH B . 
E 5 HOH 82  382 24  HOH HOH B . 
E 5 HOH 83  383 100 HOH HOH B . 
E 5 HOH 84  384 60  HOH HOH B . 
E 5 HOH 85  385 137 HOH HOH B . 
E 5 HOH 86  386 49  HOH HOH B . 
E 5 HOH 87  387 42  HOH HOH B . 
E 5 HOH 88  388 45  HOH HOH B . 
E 5 HOH 89  389 12  HOH HOH B . 
E 5 HOH 90  390 20  HOH HOH B . 
E 5 HOH 91  391 3   HOH HOH B . 
E 5 HOH 92  392 5   HOH HOH B . 
E 5 HOH 93  393 303 HOH HOH B . 
E 5 HOH 94  394 23  HOH HOH B . 
E 5 HOH 95  395 140 HOH HOH B . 
E 5 HOH 96  396 25  HOH HOH B . 
E 5 HOH 97  397 97  HOH HOH B . 
E 5 HOH 98  398 125 HOH HOH B . 
E 5 HOH 99  399 7   HOH HOH B . 
E 5 HOH 100 400 48  HOH HOH B . 
E 5 HOH 101 401 120 HOH HOH B . 
E 5 HOH 102 402 56  HOH HOH B . 
E 5 HOH 103 403 30  HOH HOH B . 
E 5 HOH 104 404 22  HOH HOH B . 
E 5 HOH 105 405 8   HOH HOH B . 
E 5 HOH 106 406 53  HOH HOH B . 
E 5 HOH 107 407 57  HOH HOH B . 
E 5 HOH 108 408 15  HOH HOH B . 
E 5 HOH 109 409 54  HOH HOH B . 
E 5 HOH 110 410 257 HOH HOH B . 
E 5 HOH 111 411 41  HOH HOH B . 
E 5 HOH 112 412 197 HOH HOH B . 
E 5 HOH 113 413 154 HOH HOH B . 
E 5 HOH 114 414 85  HOH HOH B . 
E 5 HOH 115 415 114 HOH HOH B . 
E 5 HOH 116 416 69  HOH HOH B . 
E 5 HOH 117 417 18  HOH HOH B . 
E 5 HOH 118 418 38  HOH HOH B . 
E 5 HOH 119 419 19  HOH HOH B . 
E 5 HOH 120 420 44  HOH HOH B . 
E 5 HOH 121 421 103 HOH HOH B . 
E 5 HOH 122 422 133 HOH HOH B . 
E 5 HOH 123 423 82  HOH HOH B . 
E 5 HOH 124 424 112 HOH HOH B . 
E 5 HOH 125 425 30  HOH HOH B . 
E 5 HOH 126 426 266 HOH HOH B . 
E 5 HOH 127 427 115 HOH HOH B . 
E 5 HOH 128 428 205 HOH HOH B . 
E 5 HOH 129 429 13  HOH HOH B . 
E 5 HOH 130 430 21  HOH HOH B . 
E 5 HOH 131 431 23  HOH HOH B . 
E 5 HOH 132 432 104 HOH HOH B . 
E 5 HOH 133 433 98  HOH HOH B . 
E 5 HOH 134 434 127 HOH HOH B . 
E 5 HOH 135 435 166 HOH HOH B . 
E 5 HOH 136 436 14  HOH HOH B . 
E 5 HOH 137 437 131 HOH HOH B . 
E 5 HOH 138 438 270 HOH HOH B . 
E 5 HOH 139 439 259 HOH HOH B . 
# 
loop_
_pdbx_unobs_or_zero_occ_atoms.id 
_pdbx_unobs_or_zero_occ_atoms.PDB_model_num 
_pdbx_unobs_or_zero_occ_atoms.polymer_flag 
_pdbx_unobs_or_zero_occ_atoms.occupancy_flag 
_pdbx_unobs_or_zero_occ_atoms.auth_asym_id 
_pdbx_unobs_or_zero_occ_atoms.auth_comp_id 
_pdbx_unobs_or_zero_occ_atoms.auth_seq_id 
_pdbx_unobs_or_zero_occ_atoms.PDB_ins_code 
_pdbx_unobs_or_zero_occ_atoms.auth_atom_id 
_pdbx_unobs_or_zero_occ_atoms.label_alt_id 
_pdbx_unobs_or_zero_occ_atoms.label_asym_id 
_pdbx_unobs_or_zero_occ_atoms.label_comp_id 
_pdbx_unobs_or_zero_occ_atoms.label_seq_id 
_pdbx_unobs_or_zero_occ_atoms.label_atom_id 
1 1 Y 1 B LEU 192 ? CG  ? A LEU 186 CG  
2 1 Y 1 B LEU 192 ? CD1 ? A LEU 186 CD1 
3 1 Y 1 B LEU 192 ? CD2 ? A LEU 186 CD2 
# 
loop_
_software.pdbx_ordinal 
_software.name 
_software.version 
_software.date 
_software.type 
_software.contact_author 
_software.contact_author_email 
_software.classification 
_software.location 
_software.language 
_software.citation_id 
1 REFMAC      5.8.0267 ?               program 'Garib N. Murshudov' garib@ysbl.york.ac.uk    refinement        
http://www.ccp4.ac.uk/dist/html/refmac5.html        Fortran_77 ? 
2 Aimless     0.7.7    23/04/21        program 'Phil Evans'         ?                        'data scaling'    
http://www.mrc-lmb.cam.ac.uk/harry/pre/aimless.html ?          ? 
3 PDB_EXTRACT 3.23     'SEP. 23, 2016' package PDB                  deposit@deposit.rcsb.org 'data extraction' 
http://sw-tools.pdb.org/apps/PDB_EXTRACT/           C++        ? 
4 XDS         .        ?               program ?                    ?                        'data reduction'  ? ?          ? 
5 REFMAC      .        ?               program ?                    ?                        phasing           ? ?          ? 
# 
_cell.entry_id           7HM4 
_cell.length_a           95.733 
_cell.length_b           95.733 
_cell.length_c           45.741 
_cell.angle_alpha        90.000 
_cell.angle_beta         90.000 
_cell.angle_gamma        90.000 
_cell.Z_PDB              8 
_cell.pdbx_unique_axis   ? 
# 
_symmetry.entry_id                         7HM4 
_symmetry.space_group_name_H-M             'I 4' 
_symmetry.pdbx_full_space_group_name_H-M   ? 
_symmetry.cell_setting                     ? 
_symmetry.Int_Tables_number                79 
# 
_exptl.crystals_number   1 
_exptl.entry_id          7HM4 
_exptl.method            'X-RAY DIFFRACTION' 
# 
_exptl_crystal.id                    1 
_exptl_crystal.pdbx_mosaicity        0.000 
_exptl_crystal.pdbx_mosaicity_esd    ? 
_exptl_crystal.density_Matthews      2.43 
_exptl_crystal.density_diffrn        ? 
_exptl_crystal.density_meas          ? 
_exptl_crystal.density_meas_temp     ? 
_exptl_crystal.density_percent_sol   49.31 
_exptl_crystal.size_max              ? 
_exptl_crystal.size_mid              ? 
_exptl_crystal.size_min              ? 
_exptl_crystal.size_rad              ? 
_exptl_crystal.description           ? 
# 
_exptl_crystal_grow.crystal_id      1 
_exptl_crystal_grow.method          'VAPOR DIFFUSION, SITTING DROP' 
_exptl_crystal_grow.pH              8 
_exptl_crystal_grow.temp            293 
_exptl_crystal_grow.pdbx_details    '4 % PEG 400, 2 M AmmSO4, 0.1 M HEPES pH 8' 
_exptl_crystal_grow.temp_details    ? 
_exptl_crystal_grow.pdbx_pH_range   ? 
# 
_diffrn.id                     1 
_diffrn.ambient_temp           100 
_diffrn.crystal_id             1 
_diffrn.ambient_temp_details   ? 
# 
_diffrn_detector.detector               PIXEL 
_diffrn_detector.type                   'DECTRIS EIGER2 XE 9M' 
_diffrn_detector.pdbx_collection_date   2024-05-23 
_diffrn_detector.diffrn_id              1 
_diffrn_detector.details                ? 
# 
_diffrn_radiation.diffrn_id                        1 
_diffrn_radiation.wavelength_id                    1 
_diffrn_radiation.pdbx_diffrn_protocol             'SINGLE WAVELENGTH' 
_diffrn_radiation.pdbx_monochromatic_or_laue_m_l   ? 
_diffrn_radiation.monochromator                    ? 
_diffrn_radiation.pdbx_scattering_type             x-ray 
# 
_diffrn_radiation_wavelength.id           1 
_diffrn_radiation_wavelength.wavelength   0.92124 
_diffrn_radiation_wavelength.wt           1.0 
# 
_diffrn_source.diffrn_id                   1 
_diffrn_source.source                      SYNCHROTRON 
_diffrn_source.type                        'DIAMOND BEAMLINE I04-1' 
_diffrn_source.pdbx_wavelength_list        0.92124 
_diffrn_source.pdbx_synchrotron_site       Diamond 
_diffrn_source.pdbx_synchrotron_beamline   I04-1 
_diffrn_source.pdbx_wavelength             ? 
# 
_reflns.entry_id                     7HM4 
_reflns.pdbx_diffrn_id               1 
_reflns.pdbx_ordinal                 1 
_reflns.observed_criterion_sigma_I   ? 
_reflns.observed_criterion_sigma_F   ? 
_reflns.d_resolution_low             41.260 
_reflns.d_resolution_high            1.420 
_reflns.number_obs                   39250 
_reflns.number_all                   ? 
_reflns.percent_possible_obs         100.000 
_reflns.pdbx_Rmerge_I_obs            0.139 
_reflns.pdbx_Rsym_value              ? 
_reflns.pdbx_netI_over_sigmaI        9.700 
_reflns.B_iso_Wilson_estimate        ? 
_reflns.pdbx_redundancy              12.600 
_reflns.pdbx_Rrim_I_all              0.145 
_reflns.pdbx_Rpim_I_all              0.040 
_reflns.pdbx_CC_half                 0.998 
_reflns.pdbx_netI_over_av_sigmaI     ? 
_reflns.pdbx_number_measured_all     496399 
_reflns.pdbx_scaling_rejects         0 
_reflns.pdbx_chi_squared             ? 
_reflns.Rmerge_F_all                 ? 
_reflns.Rmerge_F_obs                 ? 
_reflns.observed_criterion_F_max     ? 
_reflns.observed_criterion_F_min     ? 
_reflns.observed_criterion_I_max     ? 
_reflns.observed_criterion_I_min     ? 
_reflns.pdbx_d_res_high_opt          ? 
_reflns.pdbx_d_res_low_opt           ? 
_reflns.details                      ? 
# 
loop_
_reflns_shell.pdbx_diffrn_id 
_reflns_shell.pdbx_ordinal 
_reflns_shell.d_res_high 
_reflns_shell.d_res_low 
_reflns_shell.number_measured_obs 
_reflns_shell.number_measured_all 
_reflns_shell.number_unique_obs 
_reflns_shell.pdbx_rejects 
_reflns_shell.Rmerge_I_obs 
_reflns_shell.meanI_over_sigI_obs 
_reflns_shell.pdbx_Rsym_value 
_reflns_shell.pdbx_chi_squared 
_reflns_shell.pdbx_redundancy 
_reflns_shell.percent_possible_obs 
_reflns_shell.pdbx_netI_over_sigmaI_obs 
_reflns_shell.number_possible 
_reflns_shell.number_unique_all 
_reflns_shell.Rmerge_F_all 
_reflns_shell.Rmerge_F_obs 
_reflns_shell.Rmerge_I_all 
_reflns_shell.meanI_over_sigI_all 
_reflns_shell.percent_possible_all 
_reflns_shell.pdbx_Rrim_I_all 
_reflns_shell.pdbx_Rpim_I_all 
_reflns_shell.pdbx_CC_half 
1 1 1.420 1.440  ? 17359 1952 ? 3.386 ? ? ? 8.900  ? 0.400  ? ? ? ? ? ? 100.000 3.597 1.201 0.314 
1 2 7.770 41.260 ? 3072  263  ? 0.071 ? ? ? 11.700 ? 53.200 ? ? ? ? ? ? 99.500  0.075 0.023 0.992 
# 
_refine.entry_id                                 7HM4 
_refine.pdbx_refine_id                           'X-RAY DIFFRACTION' 
_refine.ls_d_res_high                            1.4200 
_refine.ls_d_res_low                             41.3100 
_refine.pdbx_ls_sigma_F                          0.000 
_refine.pdbx_data_cutoff_high_absF               ? 
_refine.pdbx_data_cutoff_low_absF                ? 
_refine.ls_percent_reflns_obs                    99.8700 
_refine.ls_number_reflns_obs                     37319 
_refine.ls_number_reflns_all                     ? 
_refine.pdbx_ls_cross_valid_method               THROUGHOUT 
_refine.ls_matrix_type                           ? 
_refine.pdbx_R_Free_selection_details            RANDOM 
_refine.details                                  
'HYDROGENS HAVE BEEN ADDED IN THE RIDING POSITIONS U VALUES      : REFINED INDIVIDUALLY' 
_refine.ls_R_factor_all                          ? 
_refine.ls_R_factor_obs                          0.1888 
_refine.ls_R_factor_R_work                       0.1875 
_refine.ls_wR_factor_R_work                      ? 
_refine.ls_R_factor_R_free                       0.2131 
_refine.ls_wR_factor_R_free                      ? 
_refine.ls_percent_reflns_R_free                 4.8000 
_refine.ls_number_reflns_R_free                  1899 
_refine.ls_number_reflns_R_work                  ? 
_refine.ls_R_factor_R_free_error                 ? 
_refine.B_iso_mean                               21.0000 
_refine.solvent_model_param_bsol                 ? 
_refine.solvent_model_param_ksol                 ? 
_refine.pdbx_isotropic_thermal_model             ? 
_refine.aniso_B[1][1]                            0.3200 
_refine.aniso_B[2][2]                            0.3200 
_refine.aniso_B[3][3]                            -0.6300 
_refine.aniso_B[1][2]                            0.0000 
_refine.aniso_B[1][3]                            -0.0000 
_refine.aniso_B[2][3]                            -0.0000 
_refine.correlation_coeff_Fo_to_Fc               0.9690 
_refine.correlation_coeff_Fo_to_Fc_free          0.9590 
_refine.overall_SU_R_Cruickshank_DPI             ? 
_refine.pdbx_overall_SU_R_free_Cruickshank_DPI   ? 
_refine.pdbx_overall_SU_R_Blow_DPI               ? 
_refine.pdbx_overall_SU_R_free_Blow_DPI          ? 
_refine.overall_SU_R_free                        ? 
_refine.pdbx_overall_ESU_R                       0.0700 
_refine.pdbx_overall_ESU_R_Free                  0.0710 
_refine.overall_SU_ML                            0.0710 
_refine.overall_SU_B                             2.0330 
_refine.solvent_model_details                    MASK 
_refine.pdbx_solvent_vdw_probe_radii             1.2000 
_refine.pdbx_solvent_ion_probe_radii             0.8000 
_refine.pdbx_solvent_shrinkage_radii             0.8000 
_refine.ls_number_parameters                     ? 
_refine.ls_number_restraints                     ? 
_refine.pdbx_starting_model                      ? 
_refine.pdbx_method_to_determine_struct          'FOURIER SYNTHESIS' 
_refine.pdbx_stereochemistry_target_values       'MAXIMUM LIKELIHOOD' 
_refine.pdbx_stereochem_target_val_spec_case     ? 
_refine.overall_FOM_work_R_set                   ? 
_refine.B_iso_max                                106.900 
_refine.B_iso_min                                11.390 
_refine.pdbx_overall_phase_error                 ? 
_refine.occupancy_max                            ? 
_refine.occupancy_min                            ? 
_refine.pdbx_diffrn_id                           1 
_refine.pdbx_TLS_residual_ADP_flag               ? 
_refine.pdbx_ls_sigma_I                          ? 
_refine.pdbx_data_cutoff_high_rms_absF           ? 
_refine.ls_R_factor_R_free_error_details         ? 
# 
_refine_hist.cycle_id                         final 
_refine_hist.pdbx_refine_id                   'X-RAY DIFFRACTION' 
_refine_hist.d_res_high                       1.4200 
_refine_hist.d_res_low                        41.3100 
_refine_hist.pdbx_number_atoms_ligand         22 
_refine_hist.number_atoms_solvent             139 
_refine_hist.number_atoms_total               1654 
_refine_hist.pdbx_number_residues_total       185 
_refine_hist.pdbx_B_iso_mean_ligand           37.29 
_refine_hist.pdbx_B_iso_mean_solvent          32.47 
_refine_hist.pdbx_number_atoms_protein        1493 
_refine_hist.pdbx_number_atoms_nucleic_acid   0 
# 
loop_
_refine_ls_restr.pdbx_refine_id 
_refine_ls_restr.type 
_refine_ls_restr.number 
_refine_ls_restr.dev_ideal 
_refine_ls_restr.dev_ideal_target 
_refine_ls_restr.weight 
_refine_ls_restr.pdbx_restraint_function 
'X-RAY DIFFRACTION' r_bond_refined_d       2115 0.010  0.013  ? ? 
'X-RAY DIFFRACTION' r_bond_other_d         1662 0.001  0.015  ? ? 
'X-RAY DIFFRACTION' r_angle_refined_deg    2624 1.598  1.641  ? ? 
'X-RAY DIFFRACTION' r_angle_other_deg      3834 1.396  1.579  ? ? 
'X-RAY DIFFRACTION' r_dihedral_angle_1_deg 247  7.256  5.000  ? ? 
'X-RAY DIFFRACTION' r_dihedral_angle_2_deg 113  27.302 21.150 ? ? 
'X-RAY DIFFRACTION' r_dihedral_angle_3_deg 291  12.641 15.000 ? ? 
'X-RAY DIFFRACTION' r_dihedral_angle_4_deg 15   21.842 15.000 ? ? 
'X-RAY DIFFRACTION' r_chiral_restr         227  0.080  0.200  ? ? 
'X-RAY DIFFRACTION' r_gen_planes_refined   2343 0.010  0.020  ? ? 
'X-RAY DIFFRACTION' r_gen_planes_other     535  0.002  0.020  ? ? 
'X-RAY DIFFRACTION' r_mcbond_it            995  1.702  1.946  ? ? 
'X-RAY DIFFRACTION' r_mcbond_other         984  1.693  1.919  ? ? 
'X-RAY DIFFRACTION' r_mcangle_it           1177 2.689  2.884  ? ? 
# 
_refine_ls_shell.d_res_high                       1.4200 
_refine_ls_shell.d_res_low                        1.4570 
_refine_ls_shell.pdbx_total_number_of_bins_used   20 
_refine_ls_shell.percent_reflns_obs               98.6000 
_refine_ls_shell.number_reflns_R_work             2747 
_refine_ls_shell.R_factor_all                     ? 
_refine_ls_shell.R_factor_R_work                  0.3630 
_refine_ls_shell.R_factor_R_free                  0.3650 
_refine_ls_shell.percent_reflns_R_free            ? 
_refine_ls_shell.number_reflns_R_free             136 
_refine_ls_shell.R_factor_R_free_error            ? 
_refine_ls_shell.number_reflns_all                2883 
_refine_ls_shell.number_reflns_obs                ? 
_refine_ls_shell.pdbx_refine_id                   'X-RAY DIFFRACTION' 
# 
_struct.entry_id                  7HM4 
_struct.title                     'PanDDA analysis group deposition -- Crystal Structure of TRIM21 in complex with Z1407673036' 
_struct.pdbx_model_details        ? 
_struct.pdbx_CASP_flag            ? 
_struct.pdbx_model_type_details   ? 
# 
_struct_keywords.entry_id        7HM4 
_struct_keywords.text            'SGC - Diamond I04-1 fragment screening, PanDDA, XChemExplorer, TRIM21, LIGASE' 
_struct_keywords.pdbx_keywords   LIGASE 
# 
loop_
_struct_asym.id 
_struct_asym.pdbx_blank_PDB_chainid_flag 
_struct_asym.pdbx_modified 
_struct_asym.entity_id 
_struct_asym.details 
A N N 1 ? 
B N N 2 ? 
C N N 3 ? 
D N N 4 ? 
E N N 5 ? 
# 
_struct_ref.id                         1 
_struct_ref.db_name                    UNP 
_struct_ref.db_code                    RO52_MOUSE 
_struct_ref.pdbx_db_accession          Q62191 
_struct_ref.pdbx_db_isoform            ? 
_struct_ref.entity_id                  1 
_struct_ref.pdbx_seq_one_letter_code   
;VHITLDRNTANSWLIISKDRRQVRMGDTHQNVSDNKERFSNYPMVLGAQRFSSGKMYWEVDVTQKEAWDLGVCRDSVQRK
GQFSLSPENGFWTIWLWQDSYEAGTSPQTTLHIQVPPCQIGIFVDYEAGVVSFYNITDHGSLIYTFSECVFAGPLRPFFN
VGFNYSGGNAAPLKLCPLKM
;
_struct_ref.pdbx_align_begin           291 
# 
_struct_ref_seq.align_id                      1 
_struct_ref_seq.ref_id                        1 
_struct_ref_seq.pdbx_PDB_id_code              7HM4 
_struct_ref_seq.pdbx_strand_id                B 
_struct_ref_seq.seq_align_beg                 9 
_struct_ref_seq.pdbx_seq_align_beg_ins_code   ? 
_struct_ref_seq.seq_align_end                 188 
_struct_ref_seq.pdbx_seq_align_end_ins_code   ? 
_struct_ref_seq.pdbx_db_accession             Q62191 
_struct_ref_seq.db_align_beg                  291 
_struct_ref_seq.pdbx_db_align_beg_ins_code    ? 
_struct_ref_seq.db_align_end                  470 
_struct_ref_seq.pdbx_db_align_end_ins_code    ? 
_struct_ref_seq.pdbx_auth_seq_align_beg       15 
_struct_ref_seq.pdbx_auth_seq_align_end       194 
# 
loop_
_struct_ref_seq_dif.align_id 
_struct_ref_seq_dif.pdbx_pdb_id_code 
_struct_ref_seq_dif.mon_id 
_struct_ref_seq_dif.pdbx_pdb_strand_id 
_struct_ref_seq_dif.seq_num 
_struct_ref_seq_dif.pdbx_pdb_ins_code 
_struct_ref_seq_dif.pdbx_seq_db_name 
_struct_ref_seq_dif.pdbx_seq_db_accession_code 
_struct_ref_seq_dif.db_mon_id 
_struct_ref_seq_dif.pdbx_seq_db_seq_num 
_struct_ref_seq_dif.details 
_struct_ref_seq_dif.pdbx_auth_seq_num 
_struct_ref_seq_dif.pdbx_ordinal 
1 7HM4 MET B 1 ? UNP Q62191 ? ? 'initiating methionine' 7  1 
1 7HM4 HIS B 2 ? UNP Q62191 ? ? 'expression tag'        8  2 
1 7HM4 HIS B 3 ? UNP Q62191 ? ? 'expression tag'        9  3 
1 7HM4 HIS B 4 ? UNP Q62191 ? ? 'expression tag'        10 4 
1 7HM4 HIS B 5 ? UNP Q62191 ? ? 'expression tag'        11 5 
1 7HM4 HIS B 6 ? UNP Q62191 ? ? 'expression tag'        12 6 
1 7HM4 HIS B 7 ? UNP Q62191 ? ? 'expression tag'        13 7 
1 7HM4 MET B 8 ? UNP Q62191 ? ? 'expression tag'        14 8 
# 
_pdbx_struct_assembly.id                   1 
_pdbx_struct_assembly.details              author_defined_assembly 
_pdbx_struct_assembly.method_details       ? 
_pdbx_struct_assembly.oligomeric_details   monomeric 
_pdbx_struct_assembly.oligomeric_count     1 
# 
_pdbx_struct_assembly_gen.assembly_id       1 
_pdbx_struct_assembly_gen.oper_expression   1 
_pdbx_struct_assembly_gen.asym_id_list      A,B,C,D,E 
# 
_pdbx_struct_oper_list.id                   1 
_pdbx_struct_oper_list.type                 'identity operation' 
_pdbx_struct_oper_list.name                 1_555 
_pdbx_struct_oper_list.symmetry_operation   x,y,z 
_pdbx_struct_oper_list.matrix[1][1]         1.0000000000 
_pdbx_struct_oper_list.matrix[1][2]         0.0000000000 
_pdbx_struct_oper_list.matrix[1][3]         0.0000000000 
_pdbx_struct_oper_list.vector[1]            0.0000000000 
_pdbx_struct_oper_list.matrix[2][1]         0.0000000000 
_pdbx_struct_oper_list.matrix[2][2]         1.0000000000 
_pdbx_struct_oper_list.matrix[2][3]         0.0000000000 
_pdbx_struct_oper_list.vector[2]            0.0000000000 
_pdbx_struct_oper_list.matrix[3][1]         0.0000000000 
_pdbx_struct_oper_list.matrix[3][2]         0.0000000000 
_pdbx_struct_oper_list.matrix[3][3]         1.0000000000 
_pdbx_struct_oper_list.vector[3]            0.0000000000 
# 
loop_
_struct_conf.conf_type_id 
_struct_conf.id 
_struct_conf.pdbx_PDB_helix_id 
_struct_conf.beg_label_comp_id 
_struct_conf.beg_label_asym_id 
_struct_conf.beg_label_seq_id 
_struct_conf.pdbx_beg_PDB_ins_code 
_struct_conf.end_label_comp_id 
_struct_conf.end_label_asym_id 
_struct_conf.end_label_seq_id 
_struct_conf.pdbx_end_PDB_ins_code 
_struct_conf.beg_auth_comp_id 
_struct_conf.beg_auth_asym_id 
_struct_conf.beg_auth_seq_id 
_struct_conf.end_auth_comp_id 
_struct_conf.end_auth_asym_id 
_struct_conf.end_auth_seq_id 
_struct_conf.pdbx_PDB_helix_class 
_struct_conf.details 
_struct_conf.pdbx_PDB_helix_length 
HELX_P HELX_P1 AA1 HIS A 4  ? MET A 8  ? HIS B 10  MET B 14  5 ? 5 
HELX_P HELX_P2 AA2 ASP A 14 ? ALA A 18 ? ASP B 20  ALA B 24  5 ? 5 
HELX_P HELX_P3 AA3 SER A 94 ? ASN A 97 ? SER B 100 ASN B 103 5 ? 4 
# 
_struct_conf_type.id          HELX_P 
_struct_conf_type.criteria    ? 
_struct_conf_type.reference   ? 
# 
_struct_mon_prot_cis.pdbx_id                1 
_struct_mon_prot_cis.label_comp_id          SER 
_struct_mon_prot_cis.label_seq_id           114 
_struct_mon_prot_cis.label_asym_id          A 
_struct_mon_prot_cis.label_alt_id           . 
_struct_mon_prot_cis.pdbx_PDB_ins_code      ? 
_struct_mon_prot_cis.auth_comp_id           SER 
_struct_mon_prot_cis.auth_seq_id            120 
_struct_mon_prot_cis.auth_asym_id           B 
_struct_mon_prot_cis.pdbx_label_comp_id_2   PRO 
_struct_mon_prot_cis.pdbx_label_seq_id_2    115 
_struct_mon_prot_cis.pdbx_label_asym_id_2   A 
_struct_mon_prot_cis.pdbx_PDB_ins_code_2    ? 
_struct_mon_prot_cis.pdbx_auth_comp_id_2    PRO 
_struct_mon_prot_cis.pdbx_auth_seq_id_2     121 
_struct_mon_prot_cis.pdbx_auth_asym_id_2    B 
_struct_mon_prot_cis.pdbx_PDB_model_num     1 
_struct_mon_prot_cis.pdbx_omega_angle       -0.62 
# 
loop_
_struct_sheet.id 
_struct_sheet.type 
_struct_sheet.number_strands 
_struct_sheet.details 
AA1 ? 7 ? 
AA2 ? 6 ? 
# 
loop_
_struct_sheet_order.sheet_id 
_struct_sheet_order.range_id_1 
_struct_sheet_order.range_id_2 
_struct_sheet_order.offset 
_struct_sheet_order.sense 
AA1 1 2 ? anti-parallel 
AA1 2 3 ? anti-parallel 
AA1 3 4 ? anti-parallel 
AA1 4 5 ? anti-parallel 
AA1 5 6 ? anti-parallel 
AA1 6 7 ? anti-parallel 
AA2 1 2 ? anti-parallel 
AA2 2 3 ? anti-parallel 
AA2 3 4 ? anti-parallel 
AA2 4 5 ? anti-parallel 
AA2 5 6 ? anti-parallel 
# 
loop_
_struct_sheet_range.sheet_id 
_struct_sheet_range.id 
_struct_sheet_range.beg_label_comp_id 
_struct_sheet_range.beg_label_asym_id 
_struct_sheet_range.beg_label_seq_id 
_struct_sheet_range.pdbx_beg_PDB_ins_code 
_struct_sheet_range.end_label_comp_id 
_struct_sheet_range.end_label_asym_id 
_struct_sheet_range.end_label_seq_id 
_struct_sheet_range.pdbx_end_PDB_ins_code 
_struct_sheet_range.beg_auth_comp_id 
_struct_sheet_range.beg_auth_asym_id 
_struct_sheet_range.beg_auth_seq_id 
_struct_sheet_range.end_auth_comp_id 
_struct_sheet_range.end_auth_asym_id 
_struct_sheet_range.end_auth_seq_id 
AA1 1 LEU A 22  ? ILE A 24  ? LEU B 28  ILE B 30  
AA1 2 GLN A 30  ? MET A 33  ? GLN B 36  MET B 39  
AA1 3 LEU A 181 ? LEU A 183 ? LEU B 187 LEU B 189 
AA1 4 LYS A 63  ? ASP A 69  ? LYS B 69  ASP B 75  
AA1 5 GLN A 127 ? ASP A 133 ? GLN B 133 ASP B 139 
AA1 6 VAL A 138 ? ASN A 143 ? VAL B 144 ASN B 149 
AA1 7 SER A 149 ? PHE A 154 ? SER B 155 PHE B 160 
AA2 1 MET A 52  ? LEU A 54  ? MET B 58  LEU B 60  
AA2 2 LEU A 163 ? ASN A 168 ? LEU B 169 ASN B 174 
AA2 3 TRP A 76  ? ARG A 82  ? TRP B 82  ARG B 88  
AA2 4 PHE A 99  ? TRP A 105 ? PHE B 105 TRP B 111 
AA2 5 SER A 108 ? ALA A 111 ? SER B 114 ALA B 117 
AA2 6 THR A 117 ? THR A 118 ? THR B 123 THR B 124 
# 
loop_
_pdbx_struct_sheet_hbond.sheet_id 
_pdbx_struct_sheet_hbond.range_id_1 
_pdbx_struct_sheet_hbond.range_id_2 
_pdbx_struct_sheet_hbond.range_1_label_atom_id 
_pdbx_struct_sheet_hbond.range_1_label_comp_id 
_pdbx_struct_sheet_hbond.range_1_label_asym_id 
_pdbx_struct_sheet_hbond.range_1_label_seq_id 
_pdbx_struct_sheet_hbond.range_1_PDB_ins_code 
_pdbx_struct_sheet_hbond.range_1_auth_atom_id 
_pdbx_struct_sheet_hbond.range_1_auth_comp_id 
_pdbx_struct_sheet_hbond.range_1_auth_asym_id 
_pdbx_struct_sheet_hbond.range_1_auth_seq_id 
_pdbx_struct_sheet_hbond.range_2_label_atom_id 
_pdbx_struct_sheet_hbond.range_2_label_comp_id 
_pdbx_struct_sheet_hbond.range_2_label_asym_id 
_pdbx_struct_sheet_hbond.range_2_label_seq_id 
_pdbx_struct_sheet_hbond.range_2_PDB_ins_code 
_pdbx_struct_sheet_hbond.range_2_auth_atom_id 
_pdbx_struct_sheet_hbond.range_2_auth_comp_id 
_pdbx_struct_sheet_hbond.range_2_auth_asym_id 
_pdbx_struct_sheet_hbond.range_2_auth_seq_id 
AA1 1 2 N ILE A 23  ? N ILE B 29  O ARG A 32  ? O ARG B 38  
AA1 2 3 N VAL A 31  ? N VAL B 37  O LEU A 181 ? O LEU B 187 
AA1 3 4 O LYS A 182 ? O LYS B 188 N ASP A 69  ? N ASP B 75  
AA1 4 5 N TRP A 66  ? N TRP B 72  O ILE A 130 ? O ILE B 136 
AA1 5 6 N PHE A 131 ? N PHE B 137 O SER A 140 ? O SER B 146 
AA1 6 7 N PHE A 141 ? N PHE B 147 O ILE A 151 ? O ILE B 157 
AA2 1 2 N VAL A 53  ? N VAL B 59  O PHE A 167 ? O PHE B 173 
AA2 2 3 O ARG A 164 ? O ARG B 170 N CYS A 81  ? N CYS B 87  
AA2 3 4 N VAL A 80  ? N VAL B 86  O TRP A 100 ? O TRP B 106 
AA2 4 5 N TRP A 105 ? N TRP B 111 O SER A 108 ? O SER B 114 
AA2 5 6 N ALA A 111 ? N ALA B 117 O THR A 117 ? O THR B 123 
# 
_pdbx_entry_details.entry_id                   7HM4 
_pdbx_entry_details.compound_details           ? 
_pdbx_entry_details.source_details             ? 
_pdbx_entry_details.nonpolymer_details         ? 
_pdbx_entry_details.sequence_details           ? 
_pdbx_entry_details.has_ligand_of_interest     Y 
_pdbx_entry_details.has_protein_modification   N 
# 
_pdbx_validate_rmsd_angle.id                         1 
_pdbx_validate_rmsd_angle.PDB_model_num              1 
_pdbx_validate_rmsd_angle.auth_atom_id_1             CG 
_pdbx_validate_rmsd_angle.auth_asym_id_1             B 
_pdbx_validate_rmsd_angle.auth_comp_id_1             ARG 
_pdbx_validate_rmsd_angle.auth_seq_id_1              64 
_pdbx_validate_rmsd_angle.PDB_ins_code_1             ? 
_pdbx_validate_rmsd_angle.label_alt_id_1             ? 
_pdbx_validate_rmsd_angle.auth_atom_id_2             CD 
_pdbx_validate_rmsd_angle.auth_asym_id_2             B 
_pdbx_validate_rmsd_angle.auth_comp_id_2             ARG 
_pdbx_validate_rmsd_angle.auth_seq_id_2              64 
_pdbx_validate_rmsd_angle.PDB_ins_code_2             ? 
_pdbx_validate_rmsd_angle.label_alt_id_2             ? 
_pdbx_validate_rmsd_angle.auth_atom_id_3             NE 
_pdbx_validate_rmsd_angle.auth_asym_id_3             B 
_pdbx_validate_rmsd_angle.auth_comp_id_3             ARG 
_pdbx_validate_rmsd_angle.auth_seq_id_3              64 
_pdbx_validate_rmsd_angle.PDB_ins_code_3             ? 
_pdbx_validate_rmsd_angle.label_alt_id_3             ? 
_pdbx_validate_rmsd_angle.angle_value                124.84 
_pdbx_validate_rmsd_angle.angle_target_value         111.80 
_pdbx_validate_rmsd_angle.angle_deviation            13.04 
_pdbx_validate_rmsd_angle.angle_standard_deviation   2.10 
_pdbx_validate_rmsd_angle.linker_flag                N 
# 
_pdbx_validate_torsion.id              1 
_pdbx_validate_torsion.PDB_model_num   1 
_pdbx_validate_torsion.auth_comp_id    ASP 
_pdbx_validate_torsion.auth_asym_id    B 
_pdbx_validate_torsion.auth_seq_id     152 
_pdbx_validate_torsion.PDB_ins_code    ? 
_pdbx_validate_torsion.label_alt_id    ? 
_pdbx_validate_torsion.phi             -106.63 
_pdbx_validate_torsion.psi             55.78 
# 
_pdbx_struct_special_symmetry.id              1 
_pdbx_struct_special_symmetry.PDB_model_num   1 
_pdbx_struct_special_symmetry.auth_asym_id    B 
_pdbx_struct_special_symmetry.auth_comp_id    HOH 
_pdbx_struct_special_symmetry.auth_seq_id     415 
_pdbx_struct_special_symmetry.PDB_ins_code    ? 
_pdbx_struct_special_symmetry.label_asym_id   E 
_pdbx_struct_special_symmetry.label_comp_id   HOH 
_pdbx_struct_special_symmetry.label_seq_id    . 
# 
_phasing.method   MR 
# 
loop_
_pdbx_unobs_or_zero_occ_residues.id 
_pdbx_unobs_or_zero_occ_residues.PDB_model_num 
_pdbx_unobs_or_zero_occ_residues.polymer_flag 
_pdbx_unobs_or_zero_occ_residues.occupancy_flag 
_pdbx_unobs_or_zero_occ_residues.auth_asym_id 
_pdbx_unobs_or_zero_occ_residues.auth_comp_id 
_pdbx_unobs_or_zero_occ_residues.auth_seq_id 
_pdbx_unobs_or_zero_occ_residues.PDB_ins_code 
_pdbx_unobs_or_zero_occ_residues.label_asym_id 
_pdbx_unobs_or_zero_occ_residues.label_comp_id 
_pdbx_unobs_or_zero_occ_residues.label_seq_id 
1 1 Y 1 B MET 7   ? A MET 1   
2 1 Y 1 B LYS 193 ? A LYS 187 
3 1 Y 1 B MET 194 ? A MET 188 
# 
loop_
_chem_comp_atom.comp_id 
_chem_comp_atom.atom_id 
_chem_comp_atom.type_symbol 
_chem_comp_atom.pdbx_aromatic_flag 
_chem_comp_atom.pdbx_stereo_config 
_chem_comp_atom.pdbx_ordinal 
ALA N    N N N 1   
ALA CA   C N S 2   
ALA C    C N N 3   
ALA O    O N N 4   
ALA CB   C N N 5   
ALA OXT  O N N 6   
ALA H    H N N 7   
ALA H2   H N N 8   
ALA HA   H N N 9   
ALA HB1  H N N 10  
ALA HB2  H N N 11  
ALA HB3  H N N 12  
ALA HXT  H N N 13  
ARG N    N N N 14  
ARG CA   C N S 15  
ARG C    C N N 16  
ARG O    O N N 17  
ARG CB   C N N 18  
ARG CG   C N N 19  
ARG CD   C N N 20  
ARG NE   N N N 21  
ARG CZ   C N N 22  
ARG NH1  N N N 23  
ARG NH2  N N N 24  
ARG OXT  O N N 25  
ARG H    H N N 26  
ARG H2   H N N 27  
ARG HA   H N N 28  
ARG HB2  H N N 29  
ARG HB3  H N N 30  
ARG HG2  H N N 31  
ARG HG3  H N N 32  
ARG HD2  H N N 33  
ARG HD3  H N N 34  
ARG HE   H N N 35  
ARG HH11 H N N 36  
ARG HH12 H N N 37  
ARG HH21 H N N 38  
ARG HH22 H N N 39  
ARG HXT  H N N 40  
ASN N    N N N 41  
ASN CA   C N S 42  
ASN C    C N N 43  
ASN O    O N N 44  
ASN CB   C N N 45  
ASN CG   C N N 46  
ASN OD1  O N N 47  
ASN ND2  N N N 48  
ASN OXT  O N N 49  
ASN H    H N N 50  
ASN H2   H N N 51  
ASN HA   H N N 52  
ASN HB2  H N N 53  
ASN HB3  H N N 54  
ASN HD21 H N N 55  
ASN HD22 H N N 56  
ASN HXT  H N N 57  
ASP N    N N N 58  
ASP CA   C N S 59  
ASP C    C N N 60  
ASP O    O N N 61  
ASP CB   C N N 62  
ASP CG   C N N 63  
ASP OD1  O N N 64  
ASP OD2  O N N 65  
ASP OXT  O N N 66  
ASP H    H N N 67  
ASP H2   H N N 68  
ASP HA   H N N 69  
ASP HB2  H N N 70  
ASP HB3  H N N 71  
ASP HD2  H N N 72  
ASP HXT  H N N 73  
CYS N    N N N 74  
CYS CA   C N R 75  
CYS C    C N N 76  
CYS O    O N N 77  
CYS CB   C N N 78  
CYS SG   S N N 79  
CYS OXT  O N N 80  
CYS H    H N N 81  
CYS H2   H N N 82  
CYS HA   H N N 83  
CYS HB2  H N N 84  
CYS HB3  H N N 85  
CYS HG   H N N 86  
CYS HXT  H N N 87  
EDO C1   C N N 88  
EDO O1   O N N 89  
EDO C2   C N N 90  
EDO O2   O N N 91  
EDO H11  H N N 92  
EDO H12  H N N 93  
EDO HO1  H N N 94  
EDO H21  H N N 95  
EDO H22  H N N 96  
EDO HO2  H N N 97  
GLN N    N N N 98  
GLN CA   C N S 99  
GLN C    C N N 100 
GLN O    O N N 101 
GLN CB   C N N 102 
GLN CG   C N N 103 
GLN CD   C N N 104 
GLN OE1  O N N 105 
GLN NE2  N N N 106 
GLN OXT  O N N 107 
GLN H    H N N 108 
GLN H2   H N N 109 
GLN HA   H N N 110 
GLN HB2  H N N 111 
GLN HB3  H N N 112 
GLN HG2  H N N 113 
GLN HG3  H N N 114 
GLN HE21 H N N 115 
GLN HE22 H N N 116 
GLN HXT  H N N 117 
GLU N    N N N 118 
GLU CA   C N S 119 
GLU C    C N N 120 
GLU O    O N N 121 
GLU CB   C N N 122 
GLU CG   C N N 123 
GLU CD   C N N 124 
GLU OE1  O N N 125 
GLU OE2  O N N 126 
GLU OXT  O N N 127 
GLU H    H N N 128 
GLU H2   H N N 129 
GLU HA   H N N 130 
GLU HB2  H N N 131 
GLU HB3  H N N 132 
GLU HG2  H N N 133 
GLU HG3  H N N 134 
GLU HE2  H N N 135 
GLU HXT  H N N 136 
GLY N    N N N 137 
GLY CA   C N N 138 
GLY C    C N N 139 
GLY O    O N N 140 
GLY OXT  O N N 141 
GLY H    H N N 142 
GLY H2   H N N 143 
GLY HA2  H N N 144 
GLY HA3  H N N 145 
GLY HXT  H N N 146 
HIS N    N N N 147 
HIS CA   C N S 148 
HIS C    C N N 149 
HIS O    O N N 150 
HIS CB   C N N 151 
HIS CG   C Y N 152 
HIS ND1  N Y N 153 
HIS CD2  C Y N 154 
HIS CE1  C Y N 155 
HIS NE2  N Y N 156 
HIS OXT  O N N 157 
HIS H    H N N 158 
HIS H2   H N N 159 
HIS HA   H N N 160 
HIS HB2  H N N 161 
HIS HB3  H N N 162 
HIS HD1  H N N 163 
HIS HD2  H N N 164 
HIS HE1  H N N 165 
HIS HE2  H N N 166 
HIS HXT  H N N 167 
HOH O    O N N 168 
HOH H1   H N N 169 
HOH H2   H N N 170 
ILE N    N N N 171 
ILE CA   C N S 172 
ILE C    C N N 173 
ILE O    O N N 174 
ILE CB   C N S 175 
ILE CG1  C N N 176 
ILE CG2  C N N 177 
ILE CD1  C N N 178 
ILE OXT  O N N 179 
ILE H    H N N 180 
ILE H2   H N N 181 
ILE HA   H N N 182 
ILE HB   H N N 183 
ILE HG12 H N N 184 
ILE HG13 H N N 185 
ILE HG21 H N N 186 
ILE HG22 H N N 187 
ILE HG23 H N N 188 
ILE HD11 H N N 189 
ILE HD12 H N N 190 
ILE HD13 H N N 191 
ILE HXT  H N N 192 
LEU N    N N N 193 
LEU CA   C N S 194 
LEU C    C N N 195 
LEU O    O N N 196 
LEU CB   C N N 197 
LEU CG   C N N 198 
LEU CD1  C N N 199 
LEU CD2  C N N 200 
LEU OXT  O N N 201 
LEU H    H N N 202 
LEU H2   H N N 203 
LEU HA   H N N 204 
LEU HB2  H N N 205 
LEU HB3  H N N 206 
LEU HG   H N N 207 
LEU HD11 H N N 208 
LEU HD12 H N N 209 
LEU HD13 H N N 210 
LEU HD21 H N N 211 
LEU HD22 H N N 212 
LEU HD23 H N N 213 
LEU HXT  H N N 214 
LYS N    N N N 215 
LYS CA   C N S 216 
LYS C    C N N 217 
LYS O    O N N 218 
LYS CB   C N N 219 
LYS CG   C N N 220 
LYS CD   C N N 221 
LYS CE   C N N 222 
LYS NZ   N N N 223 
LYS OXT  O N N 224 
LYS H    H N N 225 
LYS H2   H N N 226 
LYS HA   H N N 227 
LYS HB2  H N N 228 
LYS HB3  H N N 229 
LYS HG2  H N N 230 
LYS HG3  H N N 231 
LYS HD2  H N N 232 
LYS HD3  H N N 233 
LYS HE2  H N N 234 
LYS HE3  H N N 235 
LYS HZ1  H N N 236 
LYS HZ2  H N N 237 
LYS HZ3  H N N 238 
LYS HXT  H N N 239 
MET N    N N N 240 
MET CA   C N S 241 
MET C    C N N 242 
MET O    O N N 243 
MET CB   C N N 244 
MET CG   C N N 245 
MET SD   S N N 246 
MET CE   C N N 247 
MET OXT  O N N 248 
MET H    H N N 249 
MET H2   H N N 250 
MET HA   H N N 251 
MET HB2  H N N 252 
MET HB3  H N N 253 
MET HG2  H N N 254 
MET HG3  H N N 255 
MET HE1  H N N 256 
MET HE2  H N N 257 
MET HE3  H N N 258 
MET HXT  H N N 259 
PHE N    N N N 260 
PHE CA   C N S 261 
PHE C    C N N 262 
PHE O    O N N 263 
PHE CB   C N N 264 
PHE CG   C Y N 265 
PHE CD1  C Y N 266 
PHE CD2  C Y N 267 
PHE CE1  C Y N 268 
PHE CE2  C Y N 269 
PHE CZ   C Y N 270 
PHE OXT  O N N 271 
PHE H    H N N 272 
PHE H2   H N N 273 
PHE HA   H N N 274 
PHE HB2  H N N 275 
PHE HB3  H N N 276 
PHE HD1  H N N 277 
PHE HD2  H N N 278 
PHE HE1  H N N 279 
PHE HE2  H N N 280 
PHE HZ   H N N 281 
PHE HXT  H N N 282 
PRO N    N N N 283 
PRO CA   C N S 284 
PRO C    C N N 285 
PRO O    O N N 286 
PRO CB   C N N 287 
PRO CG   C N N 288 
PRO CD   C N N 289 
PRO OXT  O N N 290 
PRO H    H N N 291 
PRO HA   H N N 292 
PRO HB2  H N N 293 
PRO HB3  H N N 294 
PRO HG2  H N N 295 
PRO HG3  H N N 296 
PRO HD2  H N N 297 
PRO HD3  H N N 298 
PRO HXT  H N N 299 
SER N    N N N 300 
SER CA   C N S 301 
SER C    C N N 302 
SER O    O N N 303 
SER CB   C N N 304 
SER OG   O N N 305 
SER OXT  O N N 306 
SER H    H N N 307 
SER H2   H N N 308 
SER HA   H N N 309 
SER HB2  H N N 310 
SER HB3  H N N 311 
SER HG   H N N 312 
SER HXT  H N N 313 
SO4 S    S N N 314 
SO4 O1   O N N 315 
SO4 O2   O N N 316 
SO4 O3   O N N 317 
SO4 O4   O N N 318 
THR N    N N N 319 
THR CA   C N S 320 
THR C    C N N 321 
THR O    O N N 322 
THR CB   C N R 323 
THR OG1  O N N 324 
THR CG2  C N N 325 
THR OXT  O N N 326 
THR H    H N N 327 
THR H2   H N N 328 
THR HA   H N N 329 
THR HB   H N N 330 
THR HG1  H N N 331 
THR HG21 H N N 332 
THR HG22 H N N 333 
THR HG23 H N N 334 
THR HXT  H N N 335 
TRP N    N N N 336 
TRP CA   C N S 337 
TRP C    C N N 338 
TRP O    O N N 339 
TRP CB   C N N 340 
TRP CG   C Y N 341 
TRP CD1  C Y N 342 
TRP CD2  C Y N 343 
TRP NE1  N Y N 344 
TRP CE2  C Y N 345 
TRP CE3  C Y N 346 
TRP CZ2  C Y N 347 
TRP CZ3  C Y N 348 
TRP CH2  C Y N 349 
TRP OXT  O N N 350 
TRP H    H N N 351 
TRP H2   H N N 352 
TRP HA   H N N 353 
TRP HB2  H N N 354 
TRP HB3  H N N 355 
TRP HD1  H N N 356 
TRP HE1  H N N 357 
TRP HE3  H N N 358 
TRP HZ2  H N N 359 
TRP HZ3  H N N 360 
TRP HH2  H N N 361 
TRP HXT  H N N 362 
TYR N    N N N 363 
TYR CA   C N S 364 
TYR C    C N N 365 
TYR O    O N N 366 
TYR CB   C N N 367 
TYR CG   C Y N 368 
TYR CD1  C Y N 369 
TYR CD2  C Y N 370 
TYR CE1  C Y N 371 
TYR CE2  C Y N 372 
TYR CZ   C Y N 373 
TYR OH   O N N 374 
TYR OXT  O N N 375 
TYR H    H N N 376 
TYR H2   H N N 377 
TYR HA   H N N 378 
TYR HB2  H N N 379 
TYR HB3  H N N 380 
TYR HD1  H N N 381 
TYR HD2  H N N 382 
TYR HE1  H N N 383 
TYR HE2  H N N 384 
TYR HH   H N N 385 
TYR HXT  H N N 386 
VAL N    N N N 387 
VAL CA   C N S 388 
VAL C    C N N 389 
VAL O    O N N 390 
VAL CB   C N N 391 
VAL CG1  C N N 392 
VAL CG2  C N N 393 
VAL OXT  O N N 394 
VAL H    H N N 395 
VAL H2   H N N 396 
VAL HA   H N N 397 
VAL HB   H N N 398 
VAL HG11 H N N 399 
VAL HG12 H N N 400 
VAL HG13 H N N 401 
VAL HG21 H N N 402 
VAL HG22 H N N 403 
VAL HG23 H N N 404 
VAL HXT  H N N 405 
VW4 N1   N N N 406 
VW4 C4   C Y N 407 
VW4 C5   C Y N 408 
VW4 C6   C Y N 409 
VW4 C7   C Y N 410 
VW4 C8   C Y N 411 
VW4 C1   C N N 412 
VW4 C2   C N S 413 
VW4 C3   C N N 414 
VW4 S1   S N N 415 
VW4 O1   O N N 416 
VW4 O2   O N N 417 
VW4 C9   C Y N 418 
VW4 H8   H N N 419 
VW4 H7   H N N 420 
VW4 H9   H N N 421 
VW4 H10  H N N 422 
VW4 H11  H N N 423 
VW4 H12  H N N 424 
VW4 H3   H N N 425 
VW4 H2   H N N 426 
VW4 H1   H N N 427 
VW4 H4   H N N 428 
VW4 H6   H N N 429 
VW4 H5   H N N 430 
VW4 H13  H N N 431 
# 
loop_
_chem_comp_bond.comp_id 
_chem_comp_bond.atom_id_1 
_chem_comp_bond.atom_id_2 
_chem_comp_bond.value_order 
_chem_comp_bond.pdbx_aromatic_flag 
_chem_comp_bond.pdbx_stereo_config 
_chem_comp_bond.pdbx_ordinal 
ALA N   CA   sing N N 1   
ALA N   H    sing N N 2   
ALA N   H2   sing N N 3   
ALA CA  C    sing N N 4   
ALA CA  CB   sing N N 5   
ALA CA  HA   sing N N 6   
ALA C   O    doub N N 7   
ALA C   OXT  sing N N 8   
ALA CB  HB1  sing N N 9   
ALA CB  HB2  sing N N 10  
ALA CB  HB3  sing N N 11  
ALA OXT HXT  sing N N 12  
ARG N   CA   sing N N 13  
ARG N   H    sing N N 14  
ARG N   H2   sing N N 15  
ARG CA  C    sing N N 16  
ARG CA  CB   sing N N 17  
ARG CA  HA   sing N N 18  
ARG C   O    doub N N 19  
ARG C   OXT  sing N N 20  
ARG CB  CG   sing N N 21  
ARG CB  HB2  sing N N 22  
ARG CB  HB3  sing N N 23  
ARG CG  CD   sing N N 24  
ARG CG  HG2  sing N N 25  
ARG CG  HG3  sing N N 26  
ARG CD  NE   sing N N 27  
ARG CD  HD2  sing N N 28  
ARG CD  HD3  sing N N 29  
ARG NE  CZ   sing N N 30  
ARG NE  HE   sing N N 31  
ARG CZ  NH1  sing N N 32  
ARG CZ  NH2  doub N N 33  
ARG NH1 HH11 sing N N 34  
ARG NH1 HH12 sing N N 35  
ARG NH2 HH21 sing N N 36  
ARG NH2 HH22 sing N N 37  
ARG OXT HXT  sing N N 38  
ASN N   CA   sing N N 39  
ASN N   H    sing N N 40  
ASN N   H2   sing N N 41  
ASN CA  C    sing N N 42  
ASN CA  CB   sing N N 43  
ASN CA  HA   sing N N 44  
ASN C   O    doub N N 45  
ASN C   OXT  sing N N 46  
ASN CB  CG   sing N N 47  
ASN CB  HB2  sing N N 48  
ASN CB  HB3  sing N N 49  
ASN CG  OD1  doub N N 50  
ASN CG  ND2  sing N N 51  
ASN ND2 HD21 sing N N 52  
ASN ND2 HD22 sing N N 53  
ASN OXT HXT  sing N N 54  
ASP N   CA   sing N N 55  
ASP N   H    sing N N 56  
ASP N   H2   sing N N 57  
ASP CA  C    sing N N 58  
ASP CA  CB   sing N N 59  
ASP CA  HA   sing N N 60  
ASP C   O    doub N N 61  
ASP C   OXT  sing N N 62  
ASP CB  CG   sing N N 63  
ASP CB  HB2  sing N N 64  
ASP CB  HB3  sing N N 65  
ASP CG  OD1  doub N N 66  
ASP CG  OD2  sing N N 67  
ASP OD2 HD2  sing N N 68  
ASP OXT HXT  sing N N 69  
CYS N   CA   sing N N 70  
CYS N   H    sing N N 71  
CYS N   H2   sing N N 72  
CYS CA  C    sing N N 73  
CYS CA  CB   sing N N 74  
CYS CA  HA   sing N N 75  
CYS C   O    doub N N 76  
CYS C   OXT  sing N N 77  
CYS CB  SG   sing N N 78  
CYS CB  HB2  sing N N 79  
CYS CB  HB3  sing N N 80  
CYS SG  HG   sing N N 81  
CYS OXT HXT  sing N N 82  
EDO C1  O1   sing N N 83  
EDO C1  C2   sing N N 84  
EDO C1  H11  sing N N 85  
EDO C1  H12  sing N N 86  
EDO O1  HO1  sing N N 87  
EDO C2  O2   sing N N 88  
EDO C2  H21  sing N N 89  
EDO C2  H22  sing N N 90  
EDO O2  HO2  sing N N 91  
GLN N   CA   sing N N 92  
GLN N   H    sing N N 93  
GLN N   H2   sing N N 94  
GLN CA  C    sing N N 95  
GLN CA  CB   sing N N 96  
GLN CA  HA   sing N N 97  
GLN C   O    doub N N 98  
GLN C   OXT  sing N N 99  
GLN CB  CG   sing N N 100 
GLN CB  HB2  sing N N 101 
GLN CB  HB3  sing N N 102 
GLN CG  CD   sing N N 103 
GLN CG  HG2  sing N N 104 
GLN CG  HG3  sing N N 105 
GLN CD  OE1  doub N N 106 
GLN CD  NE2  sing N N 107 
GLN NE2 HE21 sing N N 108 
GLN NE2 HE22 sing N N 109 
GLN OXT HXT  sing N N 110 
GLU N   CA   sing N N 111 
GLU N   H    sing N N 112 
GLU N   H2   sing N N 113 
GLU CA  C    sing N N 114 
GLU CA  CB   sing N N 115 
GLU CA  HA   sing N N 116 
GLU C   O    doub N N 117 
GLU C   OXT  sing N N 118 
GLU CB  CG   sing N N 119 
GLU CB  HB2  sing N N 120 
GLU CB  HB3  sing N N 121 
GLU CG  CD   sing N N 122 
GLU CG  HG2  sing N N 123 
GLU CG  HG3  sing N N 124 
GLU CD  OE1  doub N N 125 
GLU CD  OE2  sing N N 126 
GLU OE2 HE2  sing N N 127 
GLU OXT HXT  sing N N 128 
GLY N   CA   sing N N 129 
GLY N   H    sing N N 130 
GLY N   H2   sing N N 131 
GLY CA  C    sing N N 132 
GLY CA  HA2  sing N N 133 
GLY CA  HA3  sing N N 134 
GLY C   O    doub N N 135 
GLY C   OXT  sing N N 136 
GLY OXT HXT  sing N N 137 
HIS N   CA   sing N N 138 
HIS N   H    sing N N 139 
HIS N   H2   sing N N 140 
HIS CA  C    sing N N 141 
HIS CA  CB   sing N N 142 
HIS CA  HA   sing N N 143 
HIS C   O    doub N N 144 
HIS C   OXT  sing N N 145 
HIS CB  CG   sing N N 146 
HIS CB  HB2  sing N N 147 
HIS CB  HB3  sing N N 148 
HIS CG  ND1  sing Y N 149 
HIS CG  CD2  doub Y N 150 
HIS ND1 CE1  doub Y N 151 
HIS ND1 HD1  sing N N 152 
HIS CD2 NE2  sing Y N 153 
HIS CD2 HD2  sing N N 154 
HIS CE1 NE2  sing Y N 155 
HIS CE1 HE1  sing N N 156 
HIS NE2 HE2  sing N N 157 
HIS OXT HXT  sing N N 158 
HOH O   H1   sing N N 159 
HOH O   H2   sing N N 160 
ILE N   CA   sing N N 161 
ILE N   H    sing N N 162 
ILE N   H2   sing N N 163 
ILE CA  C    sing N N 164 
ILE CA  CB   sing N N 165 
ILE CA  HA   sing N N 166 
ILE C   O    doub N N 167 
ILE C   OXT  sing N N 168 
ILE CB  CG1  sing N N 169 
ILE CB  CG2  sing N N 170 
ILE CB  HB   sing N N 171 
ILE CG1 CD1  sing N N 172 
ILE CG1 HG12 sing N N 173 
ILE CG1 HG13 sing N N 174 
ILE CG2 HG21 sing N N 175 
ILE CG2 HG22 sing N N 176 
ILE CG2 HG23 sing N N 177 
ILE CD1 HD11 sing N N 178 
ILE CD1 HD12 sing N N 179 
ILE CD1 HD13 sing N N 180 
ILE OXT HXT  sing N N 181 
LEU N   CA   sing N N 182 
LEU N   H    sing N N 183 
LEU N   H2   sing N N 184 
LEU CA  C    sing N N 185 
LEU CA  CB   sing N N 186 
LEU CA  HA   sing N N 187 
LEU C   O    doub N N 188 
LEU C   OXT  sing N N 189 
LEU CB  CG   sing N N 190 
LEU CB  HB2  sing N N 191 
LEU CB  HB3  sing N N 192 
LEU CG  CD1  sing N N 193 
LEU CG  CD2  sing N N 194 
LEU CG  HG   sing N N 195 
LEU CD1 HD11 sing N N 196 
LEU CD1 HD12 sing N N 197 
LEU CD1 HD13 sing N N 198 
LEU CD2 HD21 sing N N 199 
LEU CD2 HD22 sing N N 200 
LEU CD2 HD23 sing N N 201 
LEU OXT HXT  sing N N 202 
LYS N   CA   sing N N 203 
LYS N   H    sing N N 204 
LYS N   H2   sing N N 205 
LYS CA  C    sing N N 206 
LYS CA  CB   sing N N 207 
LYS CA  HA   sing N N 208 
LYS C   O    doub N N 209 
LYS C   OXT  sing N N 210 
LYS CB  CG   sing N N 211 
LYS CB  HB2  sing N N 212 
LYS CB  HB3  sing N N 213 
LYS CG  CD   sing N N 214 
LYS CG  HG2  sing N N 215 
LYS CG  HG3  sing N N 216 
LYS CD  CE   sing N N 217 
LYS CD  HD2  sing N N 218 
LYS CD  HD3  sing N N 219 
LYS CE  NZ   sing N N 220 
LYS CE  HE2  sing N N 221 
LYS CE  HE3  sing N N 222 
LYS NZ  HZ1  sing N N 223 
LYS NZ  HZ2  sing N N 224 
LYS NZ  HZ3  sing N N 225 
LYS OXT HXT  sing N N 226 
MET N   CA   sing N N 227 
MET N   H    sing N N 228 
MET N   H2   sing N N 229 
MET CA  C    sing N N 230 
MET CA  CB   sing N N 231 
MET CA  HA   sing N N 232 
MET C   O    doub N N 233 
MET C   OXT  sing N N 234 
MET CB  CG   sing N N 235 
MET CB  HB2  sing N N 236 
MET CB  HB3  sing N N 237 
MET CG  SD   sing N N 238 
MET CG  HG2  sing N N 239 
MET CG  HG3  sing N N 240 
MET SD  CE   sing N N 241 
MET CE  HE1  sing N N 242 
MET CE  HE2  sing N N 243 
MET CE  HE3  sing N N 244 
MET OXT HXT  sing N N 245 
PHE N   CA   sing N N 246 
PHE N   H    sing N N 247 
PHE N   H2   sing N N 248 
PHE CA  C    sing N N 249 
PHE CA  CB   sing N N 250 
PHE CA  HA   sing N N 251 
PHE C   O    doub N N 252 
PHE C   OXT  sing N N 253 
PHE CB  CG   sing N N 254 
PHE CB  HB2  sing N N 255 
PHE CB  HB3  sing N N 256 
PHE CG  CD1  doub Y N 257 
PHE CG  CD2  sing Y N 258 
PHE CD1 CE1  sing Y N 259 
PHE CD1 HD1  sing N N 260 
PHE CD2 CE2  doub Y N 261 
PHE CD2 HD2  sing N N 262 
PHE CE1 CZ   doub Y N 263 
PHE CE1 HE1  sing N N 264 
PHE CE2 CZ   sing Y N 265 
PHE CE2 HE2  sing N N 266 
PHE CZ  HZ   sing N N 267 
PHE OXT HXT  sing N N 268 
PRO N   CA   sing N N 269 
PRO N   CD   sing N N 270 
PRO N   H    sing N N 271 
PRO CA  C    sing N N 272 
PRO CA  CB   sing N N 273 
PRO CA  HA   sing N N 274 
PRO C   O    doub N N 275 
PRO C   OXT  sing N N 276 
PRO CB  CG   sing N N 277 
PRO CB  HB2  sing N N 278 
PRO CB  HB3  sing N N 279 
PRO CG  CD   sing N N 280 
PRO CG  HG2  sing N N 281 
PRO CG  HG3  sing N N 282 
PRO CD  HD2  sing N N 283 
PRO CD  HD3  sing N N 284 
PRO OXT HXT  sing N N 285 
SER N   CA   sing N N 286 
SER N   H    sing N N 287 
SER N   H2   sing N N 288 
SER CA  C    sing N N 289 
SER CA  CB   sing N N 290 
SER CA  HA   sing N N 291 
SER C   O    doub N N 292 
SER C   OXT  sing N N 293 
SER CB  OG   sing N N 294 
SER CB  HB2  sing N N 295 
SER CB  HB3  sing N N 296 
SER OG  HG   sing N N 297 
SER OXT HXT  sing N N 298 
SO4 S   O1   doub N N 299 
SO4 S   O2   doub N N 300 
SO4 S   O3   sing N N 301 
SO4 S   O4   sing N N 302 
THR N   CA   sing N N 303 
THR N   H    sing N N 304 
THR N   H2   sing N N 305 
THR CA  C    sing N N 306 
THR CA  CB   sing N N 307 
THR CA  HA   sing N N 308 
THR C   O    doub N N 309 
THR C   OXT  sing N N 310 
THR CB  OG1  sing N N 311 
THR CB  CG2  sing N N 312 
THR CB  HB   sing N N 313 
THR OG1 HG1  sing N N 314 
THR CG2 HG21 sing N N 315 
THR CG2 HG22 sing N N 316 
THR CG2 HG23 sing N N 317 
THR OXT HXT  sing N N 318 
TRP N   CA   sing N N 319 
TRP N   H    sing N N 320 
TRP N   H2   sing N N 321 
TRP CA  C    sing N N 322 
TRP CA  CB   sing N N 323 
TRP CA  HA   sing N N 324 
TRP C   O    doub N N 325 
TRP C   OXT  sing N N 326 
TRP CB  CG   sing N N 327 
TRP CB  HB2  sing N N 328 
TRP CB  HB3  sing N N 329 
TRP CG  CD1  doub Y N 330 
TRP CG  CD2  sing Y N 331 
TRP CD1 NE1  sing Y N 332 
TRP CD1 HD1  sing N N 333 
TRP CD2 CE2  doub Y N 334 
TRP CD2 CE3  sing Y N 335 
TRP NE1 CE2  sing Y N 336 
TRP NE1 HE1  sing N N 337 
TRP CE2 CZ2  sing Y N 338 
TRP CE3 CZ3  doub Y N 339 
TRP CE3 HE3  sing N N 340 
TRP CZ2 CH2  doub Y N 341 
TRP CZ2 HZ2  sing N N 342 
TRP CZ3 CH2  sing Y N 343 
TRP CZ3 HZ3  sing N N 344 
TRP CH2 HH2  sing N N 345 
TRP OXT HXT  sing N N 346 
TYR N   CA   sing N N 347 
TYR N   H    sing N N 348 
TYR N   H2   sing N N 349 
TYR CA  C    sing N N 350 
TYR CA  CB   sing N N 351 
TYR CA  HA   sing N N 352 
TYR C   O    doub N N 353 
TYR C   OXT  sing N N 354 
TYR CB  CG   sing N N 355 
TYR CB  HB2  sing N N 356 
TYR CB  HB3  sing N N 357 
TYR CG  CD1  doub Y N 358 
TYR CG  CD2  sing Y N 359 
TYR CD1 CE1  sing Y N 360 
TYR CD1 HD1  sing N N 361 
TYR CD2 CE2  doub Y N 362 
TYR CD2 HD2  sing N N 363 
TYR CE1 CZ   doub Y N 364 
TYR CE1 HE1  sing N N 365 
TYR CE2 CZ   sing Y N 366 
TYR CE2 HE2  sing N N 367 
TYR CZ  OH   sing N N 368 
TYR OH  HH   sing N N 369 
TYR OXT HXT  sing N N 370 
VAL N   CA   sing N N 371 
VAL N   H    sing N N 372 
VAL N   H2   sing N N 373 
VAL CA  C    sing N N 374 
VAL CA  CB   sing N N 375 
VAL CA  HA   sing N N 376 
VAL C   O    doub N N 377 
VAL C   OXT  sing N N 378 
VAL CB  CG1  sing N N 379 
VAL CB  CG2  sing N N 380 
VAL CB  HB   sing N N 381 
VAL CG1 HG11 sing N N 382 
VAL CG1 HG12 sing N N 383 
VAL CG1 HG13 sing N N 384 
VAL CG2 HG21 sing N N 385 
VAL CG2 HG22 sing N N 386 
VAL CG2 HG23 sing N N 387 
VAL OXT HXT  sing N N 388 
VW4 O2  S1   doub N N 389 
VW4 N1  S1   sing N N 390 
VW4 S1  O1   doub N N 391 
VW4 S1  C3   sing N N 392 
VW4 C3  C2   sing N N 393 
VW4 C2  C1   sing N N 394 
VW4 C2  C4   sing N N 395 
VW4 C4  C9   doub Y N 396 
VW4 C4  C5   sing Y N 397 
VW4 C9  C8   sing Y N 398 
VW4 C8  C7   doub Y N 399 
VW4 C5  C6   doub Y N 400 
VW4 C7  C6   sing Y N 401 
VW4 N1  H8   sing N N 402 
VW4 N1  H7   sing N N 403 
VW4 C5  H9   sing N N 404 
VW4 C6  H10  sing N N 405 
VW4 C7  H11  sing N N 406 
VW4 C8  H12  sing N N 407 
VW4 C1  H3   sing N N 408 
VW4 C1  H2   sing N N 409 
VW4 C1  H1   sing N N 410 
VW4 C2  H4   sing N N 411 
VW4 C3  H6   sing N N 412 
VW4 C3  H5   sing N N 413 
VW4 C9  H13  sing N N 414 
# 
_pdbx_audit_support.ordinal                1 
_pdbx_audit_support.funding_organization   'European Union (EU)' 
_pdbx_audit_support.grant_number           875510 
_pdbx_audit_support.country                'European Union' 
# 
_pdbx_deposit_group.group_id            G_1002320 
_pdbx_deposit_group.group_description   
;PRYSPRY domain of murine TRIM21 screened against the DSI-poised Fragment Library by X-ray Crystallography at the XChem facility of Diamon Light Source
;
_pdbx_deposit_group.group_title         'PanDDA analysis group deposition' 
_pdbx_deposit_group.group_type          'changed state' 
# 
_pdbx_initial_refinement_model.id               1 
_pdbx_initial_refinement_model.entity_id_list   ? 
_pdbx_initial_refinement_model.type             'experimental model' 
_pdbx_initial_refinement_model.source_name      PDB 
_pdbx_initial_refinement_model.accession_code   2VOK 
_pdbx_initial_refinement_model.details          ? 
# 
_atom_sites.entry_id                    7HM4 
_atom_sites.fract_transf_matrix[1][1]   -0.00923076 
_atom_sites.fract_transf_matrix[1][2]   -0.00279830 
_atom_sites.fract_transf_matrix[1][3]   -0.00401017 
_atom_sites.fract_transf_matrix[2][1]   0.00487415 
_atom_sites.fract_transf_matrix[2][2]   -0.00595401 
_atom_sites.fract_transf_matrix[2][3]   -0.00706479 
_atom_sites.fract_transf_matrix[3][1]   -0.00082288 
_atom_sites.fract_transf_matrix[3][2]   -0.01698160 
_atom_sites.fract_transf_matrix[3][3]   0.01374391 
_atom_sites.fract_transf_vector[1]      -0.298241 
_atom_sites.fract_transf_vector[2]      -0.117913 
_atom_sites.fract_transf_vector[3]      -0.503648 
# 
loop_
_atom_type.symbol 
C 
N 
O 
S 
# 
loop_
_atom_site.group_PDB 
_atom_site.id 
_atom_site.type_symbol 
_atom_site.label_atom_id 
_atom_site.label_alt_id 
_atom_site.label_comp_id 
_atom_site.label_asym_id 
_atom_site.label_entity_id 
_atom_site.label_seq_id 
_atom_site.pdbx_PDB_ins_code 
_atom_site.Cartn_x 
_atom_site.Cartn_y 
_atom_site.Cartn_z 
_atom_site.occupancy 
_atom_site.B_iso_or_equiv 
_atom_site.pdbx_formal_charge 
_atom_site.auth_seq_id 
_atom_site.auth_comp_id 
_atom_site.auth_asym_id 
_atom_site.auth_atom_id 
_atom_site.pdbx_PDB_model_num 
ATOM   1    N N   . HIS A 1 2   ? -15.000 -13.031 3.796   1.00 89.43  ? 8   HIS B N   1 
ATOM   2    C CA  . HIS A 1 2   ? -15.469 -11.845 3.007   1.00 83.38  ? 8   HIS B CA  1 
ATOM   3    C C   . HIS A 1 2   ? -15.902 -12.291 1.604   1.00 85.39  ? 8   HIS B C   1 
ATOM   4    O O   . HIS A 1 2   ? -15.288 -13.244 1.068   1.00 88.67  ? 8   HIS B O   1 
ATOM   5    C CB  . HIS A 1 2   ? -14.372 -10.770 2.951   1.00 76.19  ? 8   HIS B CB  1 
ATOM   6    C CG  . HIS A 1 2   ? -13.262 -11.074 1.996   1.00 72.26  ? 8   HIS B CG  1 
ATOM   7    N ND1 . HIS A 1 2   ? -13.300 -10.688 0.667   1.00 69.83  ? 8   HIS B ND1 1 
ATOM   8    C CD2 . HIS A 1 2   ? -12.085 -11.715 2.163   1.00 69.83  ? 8   HIS B CD2 1 
ATOM   9    C CE1 . HIS A 1 2   ? -12.201 -11.084 0.060   1.00 68.55  ? 8   HIS B CE1 1 
ATOM   10   N NE2 . HIS A 1 2   ? -11.435 -11.712 0.954   1.00 67.60  ? 8   HIS B NE2 1 
ATOM   11   N N   . HIS A 1 3   ? -16.899 -11.608 1.029   1.00 85.08  ? 9   HIS B N   1 
ATOM   12   C CA  . HIS A 1 3   ? -17.412 -11.814 -0.356  1.00 86.99  ? 9   HIS B CA  1 
ATOM   13   C C   . HIS A 1 3   ? -17.177 -10.540 -1.191  1.00 78.83  ? 9   HIS B C   1 
ATOM   14   O O   . HIS A 1 3   ? -18.072 -10.182 -1.984  1.00 76.17  ? 9   HIS B O   1 
ATOM   15   C CB  . HIS A 1 3   ? -18.887 -12.258 -0.294  1.00 93.00  ? 9   HIS B CB  1 
ATOM   16   C CG  . HIS A 1 3   ? -19.139 -13.423 0.616   1.00 103.19 ? 9   HIS B CG  1 
ATOM   17   N ND1 . HIS A 1 3   ? -19.005 -14.743 0.200   1.00 103.09 ? 9   HIS B ND1 1 
ATOM   18   C CD2 . HIS A 1 3   ? -19.515 -13.479 1.915   1.00 106.90 ? 9   HIS B CD2 1 
ATOM   19   C CE1 . HIS A 1 3   ? -19.287 -15.554 1.203   1.00 102.66 ? 9   HIS B CE1 1 
ATOM   20   N NE2 . HIS A 1 3   ? -19.604 -14.805 2.265   1.00 106.79 ? 9   HIS B NE2 1 
ATOM   21   N N   . HIS A 1 4   ? -16.000 -9.905  -1.035  1.00 67.81  ? 10  HIS B N   1 
ATOM   22   C CA  . HIS A 1 4   ? -15.643 -8.550  -1.555  1.00 58.10  ? 10  HIS B CA  1 
ATOM   23   C C   . HIS A 1 4   ? -14.991 -8.645  -2.944  1.00 52.40  ? 10  HIS B C   1 
ATOM   24   O O   . HIS A 1 4   ? -14.855 -7.586  -3.585  1.00 44.29  ? 10  HIS B O   1 
ATOM   25   C CB  . HIS A 1 4   ? -14.730 -7.798  -0.556  1.00 52.47  ? 10  HIS B CB  1 
ATOM   26   C CG  . HIS A 1 4   ? -15.407 -7.371  0.712   1.00 51.49  ? 10  HIS B CG  1 
ATOM   27   N ND1 . HIS A 1 4   ? -16.723 -6.895  0.747   1.00 50.20  ? 10  HIS B ND1 1 
ATOM   28   C CD2 . HIS A 1 4   ? -14.963 -7.317  1.987   1.00 48.00  ? 10  HIS B CD2 1 
ATOM   29   C CE1 . HIS A 1 4   ? -17.054 -6.594  1.987   1.00 52.00  ? 10  HIS B CE1 1 
ATOM   30   N NE2 . HIS A 1 4   ? -15.989 -6.828  2.769   1.00 50.71  ? 10  HIS B NE2 1 
ATOM   31   N N   . HIS A 1 5   ? -14.634 -9.859  -3.399  1.00 54.01  ? 11  HIS B N   1 
ATOM   32   C CA  . HIS A 1 5   ? -13.862 -10.142 -4.648  1.00 60.96  ? 11  HIS B CA  1 
ATOM   33   C C   . HIS A 1 5   ? -14.538 -9.556  -5.902  1.00 59.51  ? 11  HIS B C   1 
ATOM   34   O O   . HIS A 1 5   ? -13.795 -9.188  -6.838  1.00 61.45  ? 11  HIS B O   1 
ATOM   35   C CB  . HIS A 1 5   ? -13.635 -11.652 -4.851  1.00 69.38  ? 11  HIS B CB  1 
ATOM   36   C CG  . HIS A 1 5   ? -12.962 -12.344 -3.712  1.00 81.34  ? 11  HIS B CG  1 
ATOM   37   N ND1 . HIS A 1 5   ? -13.672 -13.038 -2.743  1.00 93.70  ? 11  HIS B ND1 1 
ATOM   38   C CD2 . HIS A 1 5   ? -11.656 -12.467 -3.387  1.00 87.44  ? 11  HIS B CD2 1 
ATOM   39   C CE1 . HIS A 1 5   ? -12.831 -13.551 -1.865  1.00 92.64  ? 11  HIS B CE1 1 
ATOM   40   N NE2 . HIS A 1 5   ? -11.587 -13.212 -2.235  1.00 91.78  ? 11  HIS B NE2 1 
ATOM   41   N N   . HIS A 1 6   ? -15.878 -9.480  -5.946  1.00 55.46  ? 12  HIS B N   1 
ATOM   42   C CA  . HIS A 1 6   ? -16.665 -9.013  -7.126  1.00 50.50  ? 12  HIS B CA  1 
ATOM   43   C C   . HIS A 1 6   ? -16.603 -7.484  -7.290  1.00 44.96  ? 12  HIS B C   1 
ATOM   44   O O   . HIS A 1 6   ? -17.107 -7.000  -8.319  1.00 46.73  ? 12  HIS B O   1 
ATOM   45   C CB  . HIS A 1 6   ? -18.117 -9.517  -7.061  1.00 59.08  ? 12  HIS B CB  1 
ATOM   46   C CG  . HIS A 1 6   ? -18.935 -8.906  -5.973  1.00 62.47  ? 12  HIS B CG  1 
ATOM   47   N ND1 . HIS A 1 6   ? -19.743 -7.805  -6.183  1.00 65.86  ? 12  HIS B ND1 1 
ATOM   48   C CD2 . HIS A 1 6   ? -19.076 -9.238  -4.671  1.00 65.06  ? 12  HIS B CD2 1 
ATOM   49   C CE1 . HIS A 1 6   ? -20.350 -7.484  -5.058  1.00 61.11  ? 12  HIS B CE1 1 
ATOM   50   N NE2 . HIS A 1 6   ? -19.957 -8.344  -4.115  1.00 67.36  ? 12  HIS B NE2 1 
ATOM   51   N N   . HIS A 1 7   ? -16.025 -6.742  -6.330  1.00 36.83  ? 13  HIS B N   1 
ATOM   52   C CA  . HIS A 1 7   ? -15.661 -5.300  -6.461  1.00 31.77  ? 13  HIS B CA  1 
ATOM   53   C C   . HIS A 1 7   ? -14.213 -5.178  -6.925  1.00 29.13  ? 13  HIS B C   1 
ATOM   54   O O   . HIS A 1 7   ? -13.641 -4.083  -6.761  1.00 22.17  ? 13  HIS B O   1 
ATOM   55   C CB  . HIS A 1 7   ? -15.844 -4.555  -5.138  1.00 31.67  ? 13  HIS B CB  1 
ATOM   56   C CG  . HIS A 1 7   ? -17.252 -4.621  -4.653  1.00 32.49  ? 13  HIS B CG  1 
ATOM   57   N ND1 . HIS A 1 7   ? -18.292 -4.062  -5.385  1.00 31.74  ? 13  HIS B ND1 1 
ATOM   58   C CD2 . HIS A 1 7   ? -17.800 -5.212  -3.569  1.00 34.18  ? 13  HIS B CD2 1 
ATOM   59   C CE1 . HIS A 1 7   ? -19.431 -4.284  -4.756  1.00 33.58  ? 13  HIS B CE1 1 
ATOM   60   N NE2 . HIS A 1 7   ? -19.166 -5.002  -3.643  1.00 36.49  ? 13  HIS B NE2 1 
ATOM   61   N N   . MET A 1 8   ? -13.644 -6.256  -7.471  1.00 29.36  ? 14  MET B N   1 
ATOM   62   C CA  . MET A 1 8   ? -12.222 -6.306  -7.918  1.00 33.24  ? 14  MET B CA  1 
ATOM   63   C C   . MET A 1 8   ? -11.984 -5.180  -8.943  1.00 32.78  ? 14  MET B C   1 
ATOM   64   O O   . MET A 1 8   ? -12.815 -4.993  -9.839  1.00 35.50  ? 14  MET B O   1 
ATOM   65   C CB  . MET A 1 8   ? -11.917 -7.684  -8.531  1.00 40.87  ? 14  MET B CB  1 
ATOM   66   C CG  . MET A 1 8   ? -10.470 -7.918  -9.003  1.00 47.96  ? 14  MET B CG  1 
ATOM   67   S SD  . MET A 1 8   ? -9.170  -7.953  -7.700  1.00 57.16  ? 14  MET B SD  1 
ATOM   68   C CE  . MET A 1 8   ? -8.933  -9.707  -7.409  1.00 49.87  ? 14  MET B CE  1 
ATOM   69   N N   . VAL A 1 9   ? -10.880 -4.440  -8.817  1.00 27.17  ? 15  VAL B N   1 
ATOM   70   C CA  . VAL A 1 9   ? -10.471 -3.391  -9.795  1.00 27.86  ? 15  VAL B CA  1 
ATOM   71   C C   . VAL A 1 9   ? -9.034  -3.683  -10.266 1.00 30.27  ? 15  VAL B C   1 
ATOM   72   O O   . VAL A 1 9   ? -8.232  -4.291  -9.493  1.00 30.30  ? 15  VAL B O   1 
ATOM   73   C CB  . VAL A 1 9   ? -10.623 -1.979  -9.202  1.00 30.73  ? 15  VAL B CB  1 
ATOM   74   C CG1 . VAL A 1 9   ? -12.088 -1.666  -8.954  1.00 31.56  ? 15  VAL B CG1 1 
ATOM   75   C CG2 . VAL A 1 9   ? -9.788  -1.770  -7.937  1.00 29.11  ? 15  VAL B CG2 1 
ATOM   76   N N   . HIS A 1 10  ? -8.696  -3.252  -11.484 1.00 27.44  ? 16  HIS B N   1 
ATOM   77   C CA  . HIS A 1 10  ? -7.371  -3.523  -12.089 1.00 27.17  ? 16  HIS B CA  1 
ATOM   78   C C   . HIS A 1 10  ? -6.467  -2.338  -11.745 1.00 25.29  ? 16  HIS B C   1 
ATOM   79   O O   . HIS A 1 10  ? -6.698  -1.212  -12.255 1.00 28.18  ? 16  HIS B O   1 
ATOM   80   C CB  . HIS A 1 10  ? -7.492  -3.767  -13.588 1.00 29.00  ? 16  HIS B CB  1 
ATOM   81   C CG  . HIS A 1 10  ? -6.193  -4.096  -14.266 1.00 33.71  ? 16  HIS B CG  1 
ATOM   82   N ND1 . HIS A 1 10  ? -5.645  -5.372  -14.250 1.00 33.37  ? 16  HIS B ND1 1 
ATOM   83   C CD2 . HIS A 1 10  ? -5.341  -3.323  -14.996 1.00 36.75  ? 16  HIS B CD2 1 
ATOM   84   C CE1 . HIS A 1 10  ? -4.509  -5.376  -14.945 1.00 35.03  ? 16  HIS B CE1 1 
ATOM   85   N NE2 . HIS A 1 10  ? -4.291  -4.122  -15.413 1.00 38.64  ? 16  HIS B NE2 1 
ATOM   86   N N   . ILE A 1 11  ? -5.558  -2.537  -10.807 1.00 21.23  ? 17  ILE B N   1 
ATOM   87   C CA  . ILE A 1 11  ? -4.695  -1.439  -10.312 1.00 21.29  ? 17  ILE B CA  1 
ATOM   88   C C   . ILE A 1 11  ? -3.392  -1.503  -11.107 1.00 21.81  ? 17  ILE B C   1 
ATOM   89   O O   . ILE A 1 11  ? -2.935  -2.597  -11.391 1.00 20.72  ? 17  ILE B O   1 
ATOM   90   C CB  . ILE A 1 11  ? -4.429  -1.572  -8.803  1.00 21.00  ? 17  ILE B CB  1 
ATOM   91   C CG1 . ILE A 1 11  ? -5.745  -1.489  -8.018  1.00 22.86  ? 17  ILE B CG1 1 
ATOM   92   C CG2 . ILE A 1 11  ? -3.400  -0.530  -8.386  1.00 19.99  ? 17  ILE B CG2 1 
ATOM   93   C CD1 . ILE A 1 11  ? -6.616  -0.262  -8.316  1.00 23.80  ? 17  ILE B CD1 1 
ATOM   94   N N   . THR A 1 12  ? -2.897  -0.344  -11.508 1.00 18.97  ? 18  THR B N   1 
ATOM   95   C CA  . THR A 1 12  ? -1.542  -0.215  -12.106 1.00 19.84  ? 18  THR B CA  1 
ATOM   96   C C   . THR A 1 12  ? -0.754  0.863   -11.362 1.00 18.84  ? 18  THR B C   1 
ATOM   97   O O   . THR A 1 12  ? -1.370  1.723   -10.729 1.00 19.73  ? 18  THR B O   1 
ATOM   98   C CB  . THR A 1 12  ? -1.636  0.099   -13.605 1.00 20.94  ? 18  THR B CB  1 
ATOM   99   O OG1 . THR A 1 12  ? -2.361  1.307   -13.740 1.00 22.52  ? 18  THR B OG1 1 
ATOM   100  C CG2 . THR A 1 12  ? -2.259  -1.019  -14.418 1.00 25.32  ? 18  THR B CG2 1 
ATOM   101  N N   . LEU A 1 13  ? 0.582   0.763   -11.384 1.00 17.63  ? 19  LEU B N   1 
ATOM   102  C CA  . LEU A 1 13  ? 1.447   1.690   -10.640 1.00 19.27  ? 19  LEU B CA  1 
ATOM   103  C C   . LEU A 1 13  ? 1.762   2.919   -11.497 1.00 19.28  ? 19  LEU B C   1 
ATOM   104  O O   . LEU A 1 13  ? 1.948   2.769   -12.709 1.00 20.01  ? 19  LEU B O   1 
ATOM   105  C CB  . LEU A 1 13  ? 2.687   0.910   -10.220 1.00 18.73  ? 19  LEU B CB  1 
ATOM   106  C CG  . LEU A 1 13  ? 2.410   -0.281  -9.302  1.00 19.53  ? 19  LEU B CG  1 
ATOM   107  C CD1 . LEU A 1 13  ? 3.649   -1.128  -9.122  1.00 21.20  ? 19  LEU B CD1 1 
ATOM   108  C CD2 . LEU A 1 13  ? 1.865   0.197   -7.939  1.00 21.63  ? 19  LEU B CD2 1 
ATOM   109  N N   . ASP A 1 14  ? 1.855   4.068   -10.866 1.00 17.79  ? 20  ASP B N   1 
ATOM   110  C CA  . ASP A 1 14  ? 2.152   5.357   -11.544 1.00 19.19  ? 20  ASP B CA  1 
ATOM   111  C C   . ASP A 1 14  ? 3.655   5.645   -11.321 1.00 19.99  ? 20  ASP B C   1 
ATOM   112  O O   . ASP A 1 14  ? 4.026   6.138   -10.241 1.00 17.66  ? 20  ASP B O   1 
ATOM   113  C CB  . ASP A 1 14  ? 1.212   6.469   -11.062 1.00 19.76  ? 20  ASP B CB  1 
ATOM   114  C CG  . ASP A 1 14  ? 1.451   7.868   -11.636 1.00 23.47  ? 20  ASP B CG  1 
ATOM   115  O OD1 . ASP A 1 14  ? 2.462   8.046   -12.290 1.00 22.89  ? 20  ASP B OD1 1 
ATOM   116  O OD2 . ASP A 1 14  ? 0.641   8.788   -11.355 1.00 22.95  ? 20  ASP B OD2 1 
ATOM   117  N N   A ARG A 1 15  ? 4.470   5.344   -12.344 0.25 20.34  ? 21  ARG B N   1 
ATOM   118  N N   B ARG A 1 15  ? 4.484   5.362   -12.332 0.25 21.58  ? 21  ARG B N   1 
ATOM   119  C CA  A ARG A 1 15  ? 5.942   5.592   -12.412 0.25 21.86  ? 21  ARG B CA  1 
ATOM   120  C CA  B ARG A 1 15  ? 5.961   5.558   -12.297 0.25 23.85  ? 21  ARG B CA  1 
ATOM   121  C C   A ARG A 1 15  ? 6.293   6.987   -11.886 0.25 20.76  ? 21  ARG B C   1 
ATOM   122  C C   B ARG A 1 15  ? 6.318   6.998   -11.898 0.25 21.93  ? 21  ARG B C   1 
ATOM   123  O O   A ARG A 1 15  ? 7.341   7.127   -11.245 0.25 20.08  ? 21  ARG B O   1 
ATOM   124  O O   B ARG A 1 15  ? 7.403   7.183   -11.334 0.25 20.98  ? 21  ARG B O   1 
ATOM   125  C CB  A ARG A 1 15  ? 6.445   5.531   -13.863 0.25 22.57  ? 21  ARG B CB  1 
ATOM   126  C CB  B ARG A 1 15  ? 6.590   5.246   -13.663 0.25 27.07  ? 21  ARG B CB  1 
ATOM   127  C CG  A ARG A 1 15  ? 6.009   4.295   -14.635 0.25 24.06  ? 21  ARG B CG  1 
ATOM   128  C CG  B ARG A 1 15  ? 6.394   3.817   -14.144 0.25 30.19  ? 21  ARG B CG  1 
ATOM   129  C CD  A ARG A 1 15  ? 6.678   4.139   -15.996 0.25 23.69  ? 21  ARG B CD  1 
ATOM   130  C CD  B ARG A 1 15  ? 5.156   3.647   -15.018 0.25 34.10  ? 21  ARG B CD  1 
ATOM   131  N NE  A ARG A 1 15  ? 6.691   2.733   -16.378 0.25 22.73  ? 21  ARG B NE  1 
ATOM   132  N NE  B ARG A 1 15  ? 5.426   3.673   -16.458 0.25 35.49  ? 21  ARG B NE  1 
ATOM   133  C CZ  A ARG A 1 15  ? 7.542   1.861   -15.863 0.25 21.52  ? 21  ARG B CZ  1 
ATOM   134  C CZ  B ARG A 1 15  ? 4.869   4.515   -17.328 0.25 37.97  ? 21  ARG B CZ  1 
ATOM   135  N NH1 A ARG A 1 15  ? 8.426   2.282   -14.984 0.25 22.18  ? 21  ARG B NH1 1 
ATOM   136  N NH1 B ARG A 1 15  ? 3.993   5.421   -16.930 0.25 38.93  ? 21  ARG B NH1 1 
ATOM   137  N NH2 A ARG A 1 15  ? 7.505   0.590   -16.204 0.25 22.55  ? 21  ARG B NH2 1 
ATOM   138  N NH2 B ARG A 1 15  ? 5.180   4.435   -18.609 0.25 39.18  ? 21  ARG B NH2 1 
ATOM   139  N N   . ASN A 1 16  ? 5.468   7.990   -12.201 1.00 21.47  ? 22  ASN B N   1 
ATOM   140  C CA  . ASN A 1 16  ? 5.796   9.411   -11.943 1.00 21.67  ? 22  ASN B CA  1 
ATOM   141  C C   . ASN A 1 16  ? 5.788   9.715   -10.441 1.00 19.25  ? 22  ASN B C   1 
ATOM   142  O O   . ASN A 1 16  ? 6.488   10.638  -10.047 1.00 18.29  ? 22  ASN B O   1 
ATOM   143  C CB  . ASN A 1 16  ? 4.926   10.363  -12.783 1.00 26.54  ? 22  ASN B CB  1 
ATOM   144  C CG  . ASN A 1 16  ? 5.329   10.365  -14.248 1.00 31.47  ? 22  ASN B CG  1 
ATOM   145  O OD1 . ASN A 1 16  ? 6.412   9.905   -14.622 1.00 40.57  ? 22  ASN B OD1 1 
ATOM   146  N ND2 . ASN A 1 16  ? 4.464   10.891  -15.098 1.00 40.70  ? 22  ASN B ND2 1 
ATOM   147  N N   . THR A 1 17  ? 5.078   8.913   -9.621  1.00 17.08  ? 23  THR B N   1 
ATOM   148  C CA  . THR A 1 17  ? 5.000   9.089   -8.157  1.00 17.87  ? 23  THR B CA  1 
ATOM   149  C C   . THR A 1 17  ? 6.114   8.315   -7.459  1.00 16.20  ? 23  THR B C   1 
ATOM   150  O O   . THR A 1 17  ? 6.278   8.494   -6.277  1.00 16.73  ? 23  THR B O   1 
ATOM   151  C CB  . THR A 1 17  ? 3.631   8.691   -7.590  1.00 16.44  ? 23  THR B CB  1 
ATOM   152  O OG1 . THR A 1 17  ? 3.506   7.268   -7.728  1.00 15.00  ? 23  THR B OG1 1 
ATOM   153  C CG2 . THR A 1 17  ? 2.490   9.471   -8.226  1.00 17.03  ? 23  THR B CG2 1 
ATOM   154  N N   . ALA A 1 18  ? 6.819   7.436   -8.161  1.00 15.87  ? 24  ALA B N   1 
ATOM   155  C CA  . ALA A 1 18  ? 7.755   6.488   -7.514  1.00 15.11  ? 24  ALA B CA  1 
ATOM   156  C C   . ALA A 1 18  ? 8.989   7.225   -6.990  1.00 16.22  ? 24  ALA B C   1 
ATOM   157  O O   . ALA A 1 18  ? 9.580   8.058   -7.709  1.00 15.90  ? 24  ALA B O   1 
ATOM   158  C CB  . ALA A 1 18  ? 8.149   5.425   -8.489  1.00 16.91  ? 24  ALA B CB  1 
ATOM   159  N N   . ASN A 1 19  ? 9.447   6.818   -5.827  1.00 15.73  ? 25  ASN B N   1 
ATOM   160  C CA  . ASN A 1 19  ? 10.825  7.091   -5.384  1.00 15.95  ? 25  ASN B CA  1 
ATOM   161  C C   . ASN A 1 19  ? 11.767  6.700   -6.543  1.00 15.23  ? 25  ASN B C   1 
ATOM   162  O O   . ASN A 1 19  ? 11.594  5.682   -7.229  1.00 16.24  ? 25  ASN B O   1 
ATOM   163  C CB  . ASN A 1 19  ? 11.098  6.337   -4.077  1.00 15.00  ? 25  ASN B CB  1 
ATOM   164  C CG  . ASN A 1 19  ? 12.523  6.546   -3.653  1.00 17.40  ? 25  ASN B CG  1 
ATOM   165  O OD1 . ASN A 1 19  ? 13.381  5.803   -4.087  1.00 17.40  ? 25  ASN B OD1 1 
ATOM   166  N ND2 . ASN A 1 19  ? 12.749  7.539   -2.814  1.00 18.97  ? 25  ASN B ND2 1 
ATOM   167  N N   . SER A 1 20  ? 12.819  7.476   -6.709  1.00 16.40  ? 26  SER B N   1 
ATOM   168  C CA  . SER A 1 20  ? 13.749  7.380   -7.856  1.00 17.38  ? 26  SER B CA  1 
ATOM   169  C C   . SER A 1 20  ? 14.584  6.103   -7.834  1.00 17.02  ? 26  SER B C   1 
ATOM   170  O O   . SER A 1 20  ? 15.184  5.838   -8.890  1.00 18.56  ? 26  SER B O   1 
ATOM   171  C CB  . SER A 1 20  ? 14.639  8.597   -7.961  1.00 20.08  ? 26  SER B CB  1 
ATOM   172  O OG  . SER A 1 20  ? 15.425  8.660   -6.800  1.00 21.86  ? 26  SER B OG  1 
ATOM   173  N N   . TRP A 1 21  ? 14.571  5.297   -6.777  1.00 16.12  ? 27  TRP B N   1 
ATOM   174  C CA  . TRP A 1 21  ? 15.290  4.008   -6.715  1.00 17.20  ? 27  TRP B CA  1 
ATOM   175  C C   . TRP A 1 21  ? 14.392  2.837   -7.082  1.00 16.37  ? 27  TRP B C   1 
ATOM   176  O O   . TRP A 1 21  ? 14.893  1.718   -7.190  1.00 16.96  ? 27  TRP B O   1 
ATOM   177  C CB  . TRP A 1 21  ? 15.868  3.811   -5.337  1.00 19.15  ? 27  TRP B CB  1 
ATOM   178  C CG  . TRP A 1 21  ? 17.068  4.665   -5.070  1.00 20.15  ? 27  TRP B CG  1 
ATOM   179  C CD1 . TRP A 1 21  ? 17.205  6.000   -5.330  1.00 22.00  ? 27  TRP B CD1 1 
ATOM   180  C CD2 . TRP A 1 21  ? 18.319  4.229   -4.527  1.00 21.61  ? 27  TRP B CD2 1 
ATOM   181  N NE1 . TRP A 1 21  ? 18.465  6.425   -4.978  1.00 24.34  ? 27  TRP B NE1 1 
ATOM   182  C CE2 . TRP A 1 21  ? 19.151  5.368   -4.446  1.00 23.07  ? 27  TRP B CE2 1 
ATOM   183  C CE3 . TRP A 1 21  ? 18.794  2.991   -4.076  1.00 23.36  ? 27  TRP B CE3 1 
ATOM   184  C CZ2 . TRP A 1 21  ? 20.461  5.288   -3.957  1.00 24.80  ? 27  TRP B CZ2 1 
ATOM   185  C CZ3 . TRP A 1 21  ? 20.080  2.919   -3.574  1.00 22.99  ? 27  TRP B CZ3 1 
ATOM   186  C CH2 . TRP A 1 21  ? 20.879  4.057   -3.488  1.00 25.73  ? 27  TRP B CH2 1 
ATOM   187  N N   . LEU A 1 22  ? 13.095  3.079   -7.315  1.00 16.34  ? 28  LEU B N   1 
ATOM   188  C CA  . LEU A 1 22  ? 12.190  1.957   -7.589  1.00 15.86  ? 28  LEU B CA  1 
ATOM   189  C C   . LEU A 1 22  ? 12.262  1.569   -9.064  1.00 16.11  ? 28  LEU B C   1 
ATOM   190  O O   . LEU A 1 22  ? 12.358  2.445   -9.939  1.00 15.68  ? 28  LEU B O   1 
ATOM   191  C CB  . LEU A 1 22  ? 10.747  2.322   -7.219  1.00 14.35  ? 28  LEU B CB  1 
ATOM   192  C CG  . LEU A 1 22  ? 10.499  2.609   -5.749  1.00 15.40  ? 28  LEU B CG  1 
ATOM   193  C CD1 . LEU A 1 22  ? 9.026   2.820   -5.476  1.00 15.81  ? 28  LEU B CD1 1 
ATOM   194  C CD2 . LEU A 1 22  ? 10.962  1.494   -4.870  1.00 16.93  ? 28  LEU B CD2 1 
ATOM   195  N N   . ILE A 1 23  ? 12.034  0.293   -9.297  1.00 15.76  ? 29  ILE B N   1 
ATOM   196  C CA  . ILE A 1 23  ? 11.869  -0.285  -10.657 1.00 15.42  ? 29  ILE B CA  1 
ATOM   197  C C   . ILE A 1 23  ? 10.459  -0.840  -10.760 1.00 15.83  ? 29  ILE B C   1 
ATOM   198  O O   . ILE A 1 23  ? 10.129  -1.806  -10.045 1.00 15.70  ? 29  ILE B O   1 
ATOM   199  C CB  . ILE A 1 23  ? 12.916  -1.357  -10.938 1.00 17.07  ? 29  ILE B CB  1 
ATOM   200  C CG1 . ILE A 1 23  ? 14.351  -0.844  -10.749 1.00 18.19  ? 29  ILE B CG1 1 
ATOM   201  C CG2 . ILE A 1 23  ? 12.698  -1.946  -12.346 1.00 18.99  ? 29  ILE B CG2 1 
ATOM   202  C CD1 . ILE A 1 23  ? 15.422  -1.874  -10.829 1.00 19.45  ? 29  ILE B CD1 1 
ATOM   203  N N   . ILE A 1 24  ? 9.683   -0.247  -11.647 1.00 18.00  ? 30  ILE B N   1 
ATOM   204  C CA  . ILE A 1 24  ? 8.308   -0.696  -11.970 1.00 18.77  ? 30  ILE B CA  1 
ATOM   205  C C   . ILE A 1 24  ? 8.362   -1.480  -13.274 1.00 20.35  ? 30  ILE B C   1 
ATOM   206  O O   . ILE A 1 24  ? 8.939   -0.973  -14.290 1.00 21.01  ? 30  ILE B O   1 
ATOM   207  C CB  . ILE A 1 24  ? 7.340   0.478   -12.023 1.00 19.50  ? 30  ILE B CB  1 
ATOM   208  C CG1 . ILE A 1 24  ? 7.161   1.081   -10.641 1.00 21.28  ? 30  ILE B CG1 1 
ATOM   209  C CG2 . ILE A 1 24  ? 6.010   0.051   -12.605 1.00 19.81  ? 30  ILE B CG2 1 
ATOM   210  C CD1 . ILE A 1 24  ? 6.621   2.392   -10.680 1.00 25.84  ? 30  ILE B CD1 1 
ATOM   211  N N   . SER A 1 25  ? 7.758   -2.653  -13.252 1.00 19.55  ? 31  SER B N   1 
ATOM   212  C CA  . SER A 1 25  ? 7.752   -3.574  -14.407 1.00 18.68  ? 31  SER B CA  1 
ATOM   213  C C   . SER A 1 25  ? 7.030   -2.910  -15.598 1.00 19.39  ? 31  SER B C   1 
ATOM   214  O O   . SER A 1 25  ? 6.195   -2.005  -15.429 1.00 20.11  ? 31  SER B O   1 
ATOM   215  C CB  . SER A 1 25  ? 7.110   -4.864  -13.977 1.00 19.73  ? 31  SER B CB  1 
ATOM   216  O OG  . SER A 1 25  ? 5.744   -4.629  -13.642 1.00 20.08  ? 31  SER B OG  1 
ATOM   217  N N   . LYS A 1 26  ? 7.282   -3.439  -16.805 1.00 22.44  ? 32  LYS B N   1 
ATOM   218  C CA  . LYS A 1 26  ? 6.683   -2.929  -18.062 1.00 22.63  ? 32  LYS B CA  1 
ATOM   219  C C   . LYS A 1 26  ? 5.160   -2.888  -17.956 1.00 20.55  ? 32  LYS B C   1 
ATOM   220  O O   . LYS A 1 26  ? 4.569   -1.956  -18.478 1.00 22.26  ? 32  LYS B O   1 
ATOM   221  C CB  . LYS A 1 26  ? 7.097   -3.865  -19.192 1.00 27.21  ? 32  LYS B CB  1 
ATOM   222  C CG  . LYS A 1 26  ? 6.516   -3.499  -20.532 1.00 31.25  ? 32  LYS B CG  1 
ATOM   223  C CD  . LYS A 1 26  ? 7.235   -4.188  -21.657 1.00 33.72  ? 32  LYS B CD  1 
ATOM   224  C CE  . LYS A 1 26  ? 7.333   -5.688  -21.499 1.00 37.09  ? 32  LYS B CE  1 
ATOM   225  N NZ  . LYS A 1 26  ? 8.350   -6.203  -22.437 1.00 40.90  ? 32  LYS B NZ  1 
ATOM   226  N N   . ASP A 1 27  ? 4.572   -3.905  -17.327 1.00 22.69  ? 33  ASP B N   1 
ATOM   227  C CA  . ASP A 1 27  ? 3.091   -4.043  -17.231 1.00 21.67  ? 33  ASP B CA  1 
ATOM   228  C C   . ASP A 1 27  ? 2.527   -3.151  -16.119 1.00 20.35  ? 33  ASP B C   1 
ATOM   229  O O   . ASP A 1 27  ? 1.281   -3.113  -15.970 1.00 20.27  ? 33  ASP B O   1 
ATOM   230  C CB  . ASP A 1 27  ? 2.685   -5.510  -17.101 1.00 23.17  ? 33  ASP B CB  1 
ATOM   231  C CG  . ASP A 1 27  ? 3.036   -6.191  -15.797 1.00 25.36  ? 33  ASP B CG  1 
ATOM   232  O OD1 . ASP A 1 27  ? 3.703   -5.554  -14.918 1.00 24.66  ? 33  ASP B OD1 1 
ATOM   233  O OD2 . ASP A 1 27  ? 2.675   -7.363  -15.667 1.00 27.92  ? 33  ASP B OD2 1 
ATOM   234  N N   . ARG A 1 28  ? 3.383   -2.484  -15.362 1.00 18.82  ? 34  ARG B N   1 
ATOM   235  C CA  . ARG A 1 28  ? 3.008   -1.561  -14.259 1.00 19.16  ? 34  ARG B CA  1 
ATOM   236  C C   . ARG A 1 28  ? 2.263   -2.345  -13.160 1.00 17.51  ? 34  ARG B C   1 
ATOM   237  O O   . ARG A 1 28  ? 1.506   -1.725  -12.375 1.00 18.16  ? 34  ARG B O   1 
ATOM   238  C CB  . ARG A 1 28  ? 2.269   -0.344  -14.826 1.00 24.37  ? 34  ARG B CB  1 
ATOM   239  C CG  . ARG A 1 28  ? 3.159   0.496   -15.743 1.00 30.02  ? 34  ARG B CG  1 
ATOM   240  C CD  . ARG A 1 28  ? 2.517   1.686   -16.410 1.00 38.14  ? 34  ARG B CD  1 
ATOM   241  N NE  . ARG A 1 28  ? 1.209   1.380   -16.958 1.00 47.94  ? 34  ARG B NE  1 
ATOM   242  C CZ  . ARG A 1 28  ? 0.041   1.714   -16.393 1.00 63.09  ? 34  ARG B CZ  1 
ATOM   243  N NH1 . ARG A 1 28  ? -0.003  2.380   -15.238 1.00 61.71  ? 34  ARG B NH1 1 
ATOM   244  N NH2 . ARG A 1 28  ? -1.091  1.377   -16.998 1.00 64.70  ? 34  ARG B NH2 1 
ATOM   245  N N   . ARG A 1 29  ? 2.533   -3.644  -13.027 1.00 16.98  ? 35  ARG B N   1 
ATOM   246  C CA  . ARG A 1 29  ? 1.900   -4.468  -11.970 1.00 19.63  ? 35  ARG B CA  1 
ATOM   247  C C   . ARG A 1 29  ? 2.870   -4.895  -10.878 1.00 19.17  ? 35  ARG B C   1 
ATOM   248  O O   . ARG A 1 29  ? 2.392   -5.486  -9.874  1.00 18.78  ? 35  ARG B O   1 
ATOM   249  C CB  . ARG A 1 29  ? 1.225   -5.686  -12.591 1.00 21.39  ? 35  ARG B CB  1 
ATOM   250  C CG  . ARG A 1 29  ? 0.090   -5.249  -13.504 1.00 22.42  ? 35  ARG B CG  1 
ATOM   251  C CD  . ARG A 1 29  ? -1.244  -5.016  -12.849 1.00 25.15  ? 35  ARG B CD  1 
ATOM   252  N NE  . ARG A 1 29  ? -1.874  -6.294  -12.515 1.00 26.99  ? 35  ARG B NE  1 
ATOM   253  C CZ  . ARG A 1 29  ? -3.047  -6.402  -11.876 1.00 28.11  ? 35  ARG B CZ  1 
ATOM   254  N NH1 . ARG A 1 29  ? -3.662  -5.321  -11.454 1.00 27.70  ? 35  ARG B NH1 1 
ATOM   255  N NH2 . ARG A 1 29  ? -3.553  -7.589  -11.599 1.00 24.80  ? 35  ARG B NH2 1 
ATOM   256  N N   . GLN A 1 30  ? 4.179   -4.673  -11.034 1.00 18.02  ? 36  GLN B N   1 
ATOM   257  C CA  . GLN A 1 30  ? 5.190   -5.060  -10.030 1.00 16.50  ? 36  GLN B CA  1 
ATOM   258  C C   . GLN A 1 30  ? 6.163   -3.908  -9.779  1.00 16.50  ? 36  GLN B C   1 
ATOM   259  O O   . GLN A 1 30  ? 6.405   -3.048  -10.677 1.00 16.78  ? 36  GLN B O   1 
ATOM   260  C CB  . GLN A 1 30  ? 6.025   -6.269  -10.456 1.00 18.92  ? 36  GLN B CB  1 
ATOM   261  C CG  . GLN A 1 30  ? 5.213   -7.443  -10.952 1.00 23.51  ? 36  GLN B CG  1 
ATOM   262  C CD  . GLN A 1 30  ? 6.080   -8.659  -11.173 1.00 25.00  ? 36  GLN B CD  1 
ATOM   263  O OE1 . GLN A 1 30  ? 7.163   -8.818  -10.615 1.00 27.57  ? 36  GLN B OE1 1 
ATOM   264  N NE2 . GLN A 1 30  ? 5.569   -9.558  -11.983 1.00 29.58  ? 36  GLN B NE2 1 
ATOM   265  N N   . VAL A 1 31  ? 6.642   -3.838  -8.540  1.00 15.36  ? 37  VAL B N   1 
ATOM   266  C CA  . VAL A 1 31  ? 7.604   -2.788  -8.131  1.00 15.45  ? 37  VAL B CA  1 
ATOM   267  C C   . VAL A 1 31  ? 8.607   -3.402  -7.166  1.00 15.28  ? 37  VAL B C   1 
ATOM   268  O O   . VAL A 1 31  ? 8.235   -4.207  -6.332  1.00 15.13  ? 37  VAL B O   1 
ATOM   269  C CB  . VAL A 1 31  ? 6.909   -1.537  -7.586  1.00 14.33  ? 37  VAL B CB  1 
ATOM   270  C CG1 . VAL A 1 31  ? 5.994   -1.818  -6.391  1.00 14.67  ? 37  VAL B CG1 1 
ATOM   271  C CG2 . VAL A 1 31  ? 7.946   -0.467  -7.232  1.00 16.02  ? 37  VAL B CG2 1 
ATOM   272  N N   . ARG A 1 32  ? 9.875   -3.049  -7.305  1.00 15.11  ? 38  ARG B N   1 
ATOM   273  C CA  . ARG A 1 32  ? 10.929  -3.506  -6.383  1.00 17.25  ? 38  ARG B CA  1 
ATOM   274  C C   . ARG A 1 32  ? 11.963  -2.401  -6.206  1.00 17.69  ? 38  ARG B C   1 
ATOM   275  O O   . ARG A 1 32  ? 12.050  -1.461  -7.053  1.00 15.60  ? 38  ARG B O   1 
ATOM   276  C CB  . ARG A 1 32  ? 11.633  -4.774  -6.884  1.00 18.17  ? 38  ARG B CB  1 
ATOM   277  C CG  . ARG A 1 32  ? 12.473  -4.603  -8.133  1.00 20.73  ? 38  ARG B CG  1 
ATOM   278  C CD  . ARG A 1 32  ? 12.930  -5.965  -8.661  1.00 22.73  ? 38  ARG B CD  1 
ATOM   279  N NE  . ARG A 1 32  ? 13.683  -5.828  -9.907  1.00 27.20  ? 38  ARG B NE  1 
ATOM   280  C CZ  . ARG A 1 32  ? 14.980  -5.576  -10.000 1.00 25.72  ? 38  ARG B CZ  1 
ATOM   281  N NH1 . ARG A 1 32  ? 15.706  -5.371  -8.923  1.00 28.84  ? 38  ARG B NH1 1 
ATOM   282  N NH2 . ARG A 1 32  ? 15.544  -5.466  -11.198 1.00 30.03  ? 38  ARG B NH2 1 
ATOM   283  N N   . MET A 1 33  ? 12.724  -2.502  -5.119  0.40 18.80  ? 39  MET B N   1 
ATOM   284  C CA  . MET A 1 33  ? 13.844  -1.574  -4.820  0.40 20.98  ? 39  MET B CA  1 
ATOM   285  C C   . MET A 1 33  ? 15.005  -1.906  -5.758  0.40 20.38  ? 39  MET B C   1 
ATOM   286  O O   . MET A 1 33  ? 15.353  -3.091  -5.881  0.40 21.08  ? 39  MET B O   1 
ATOM   287  C CB  . MET A 1 33  ? 14.309  -1.690  -3.367  0.40 22.21  ? 39  MET B CB  1 
ATOM   288  C CG  . MET A 1 33  ? 15.489  -0.777  -3.025  0.40 23.90  ? 39  MET B CG  1 
ATOM   289  S SD  . MET A 1 33  ? 15.009  0.854   -2.383  0.40 26.40  ? 39  MET B SD  1 
ATOM   290  C CE  . MET A 1 33  ? 14.039  1.502   -3.735  0.40 26.58  ? 39  MET B CE  1 
ATOM   291  N N   . GLY A 1 34  ? 15.532  -0.888  -6.434  1.00 20.29  ? 40  GLY B N   1 
ATOM   292  C CA  . GLY A 1 34  ? 16.765  -1.022  -7.233  1.00 21.35  ? 40  GLY B CA  1 
ATOM   293  C C   . GLY A 1 34  ? 18.000  -0.852  -6.367  1.00 21.62  ? 40  GLY B C   1 
ATOM   294  O O   . GLY A 1 34  ? 17.870  -0.431  -5.205  1.00 20.61  ? 40  GLY B O   1 
ATOM   295  N N   . ASP A 1 35  ? 19.169  -1.193  -6.932  1.00 26.88  ? 41  ASP B N   1 
ATOM   296  C CA  . ASP A 1 35  ? 20.493  -1.108  -6.251  1.00 30.38  ? 41  ASP B CA  1 
ATOM   297  C C   . ASP A 1 35  ? 21.010  0.335   -6.222  1.00 26.75  ? 41  ASP B C   1 
ATOM   298  O O   . ASP A 1 35  ? 21.949  0.621   -5.432  1.00 27.89  ? 41  ASP B O   1 
ATOM   299  C CB  . ASP A 1 35  ? 21.548  -1.941  -6.981  1.00 36.70  ? 41  ASP B CB  1 
ATOM   300  C CG  . ASP A 1 35  ? 21.272  -3.433  -6.981  1.00 45.57  ? 41  ASP B CG  1 
ATOM   301  O OD1 . ASP A 1 35  ? 20.940  -3.993  -5.891  1.00 56.61  ? 41  ASP B OD1 1 
ATOM   302  O OD2 . ASP A 1 35  ? 21.422  -4.033  -8.066  1.00 54.35  ? 41  ASP B OD2 1 
ATOM   303  N N   . THR A 1 36  ? 20.399  1.210   -7.002  1.00 23.85  ? 42  THR B N   1 
ATOM   304  C CA  . THR A 1 36  ? 20.854  2.606   -7.209  1.00 23.00  ? 42  THR B CA  1 
ATOM   305  C C   . THR A 1 36  ? 19.691  3.484   -7.644  1.00 21.98  ? 42  THR B C   1 
ATOM   306  O O   . THR A 1 36  ? 18.592  2.930   -8.015  1.00 20.82  ? 42  THR B O   1 
ATOM   307  C CB  . THR A 1 36  ? 21.981  2.590   -8.251  1.00 24.97  ? 42  THR B CB  1 
ATOM   308  O OG1 . THR A 1 36  ? 22.567  3.884   -8.259  1.00 28.15  ? 42  THR B OG1 1 
ATOM   309  C CG2 . THR A 1 36  ? 21.473  2.305   -9.635  1.00 23.88  ? 42  THR B CG2 1 
ATOM   310  N N   . HIS A 1 37  ? 19.934  4.792   -7.775  1.00 23.97  ? 43  HIS B N   1 
ATOM   311  C CA  . HIS A 1 37  ? 19.073  5.738   -8.540  1.00 23.72  ? 43  HIS B CA  1 
ATOM   312  C C   . HIS A 1 37  ? 18.763  5.152   -9.920  1.00 24.50  ? 43  HIS B C   1 
ATOM   313  O O   . HIS A 1 37  ? 19.731  4.762   -10.619 1.00 23.40  ? 43  HIS B O   1 
ATOM   314  C CB  . HIS A 1 37  ? 19.750  7.113   -8.627  1.00 24.47  ? 43  HIS B CB  1 
ATOM   315  C CG  . HIS A 1 37  ? 18.906  8.235   -9.144  1.00 22.53  ? 43  HIS B CG  1 
ATOM   316  N ND1 . HIS A 1 37  ? 18.576  8.365   -10.472 1.00 22.72  ? 43  HIS B ND1 1 
ATOM   317  C CD2 . HIS A 1 37  ? 18.437  9.339   -8.508  1.00 21.93  ? 43  HIS B CD2 1 
ATOM   318  C CE1 . HIS A 1 37  ? 17.877  9.471   -10.642 1.00 23.65  ? 43  HIS B CE1 1 
ATOM   319  N NE2 . HIS A 1 37  ? 17.785  10.104  -9.440  1.00 21.49  ? 43  HIS B NE2 1 
ATOM   320  N N   . GLN A 1 38  ? 17.493  5.178   -10.354 1.00 21.52  ? 44  GLN B N   1 
ATOM   321  C CA  . GLN A 1 38  ? 17.062  4.538   -11.624 1.00 21.02  ? 44  GLN B CA  1 
ATOM   322  C C   . GLN A 1 38  ? 17.061  5.483   -12.845 1.00 23.96  ? 44  GLN B C   1 
ATOM   323  O O   . GLN A 1 38  ? 16.397  5.156   -13.862 1.00 24.13  ? 44  GLN B O   1 
ATOM   324  C CB  . GLN A 1 38  ? 15.716  3.853   -11.405 1.00 19.58  ? 44  GLN B CB  1 
ATOM   325  C CG  . GLN A 1 38  ? 15.830  2.671   -10.465 1.00 18.72  ? 44  GLN B CG  1 
ATOM   326  C CD  . GLN A 1 38  ? 16.867  1.660   -10.884 1.00 19.74  ? 44  GLN B CD  1 
ATOM   327  O OE1 . GLN A 1 38  ? 17.784  1.289   -10.142 1.00 22.01  ? 44  GLN B OE1 1 
ATOM   328  N NE2 . GLN A 1 38  ? 16.800  1.255   -12.144 1.00 20.11  ? 44  GLN B NE2 1 
ATOM   329  N N   . ASN A 1 39  ? 17.809  6.577   -12.803 1.00 21.34  ? 45  ASN B N   1 
ATOM   330  C CA  . ASN A 1 39  ? 18.116  7.415   -14.006 1.00 19.78  ? 45  ASN B CA  1 
ATOM   331  C C   . ASN A 1 39  ? 16.859  8.126   -14.520 1.00 21.85  ? 45  ASN B C   1 
ATOM   332  O O   . ASN A 1 39  ? 16.745  8.360   -15.735 1.00 25.99  ? 45  ASN B O   1 
ATOM   333  C CB  . ASN A 1 39  ? 18.881  6.590   -15.063 1.00 22.44  ? 45  ASN B CB  1 
ATOM   334  C CG  . ASN A 1 39  ? 19.746  7.463   -15.959 1.00 22.10  ? 45  ASN B CG  1 
ATOM   335  O OD1 . ASN A 1 39  ? 20.161  8.532   -15.532 1.00 21.16  ? 45  ASN B OD1 1 
ATOM   336  N ND2 . ASN A 1 39  ? 19.964  7.059   -17.208 1.00 20.15  ? 45  ASN B ND2 1 
ATOM   337  N N   . VAL A 1 40  ? 15.985  8.585   -13.604 1.00 21.36  ? 46  VAL B N   1 
ATOM   338  C CA  . VAL A 1 40  ? 14.749  9.364   -13.881 1.00 23.05  ? 46  VAL B CA  1 
ATOM   339  C C   . VAL A 1 40  ? 14.974  10.793  -13.383 1.00 22.01  ? 46  VAL B C   1 
ATOM   340  O O   . VAL A 1 40  ? 15.794  10.969  -12.486 1.00 23.05  ? 46  VAL B O   1 
ATOM   341  C CB  . VAL A 1 40  ? 13.529  8.710   -13.214 1.00 23.36  ? 46  VAL B CB  1 
ATOM   342  C CG1 . VAL A 1 40  ? 13.186  7.394   -13.875 1.00 26.73  ? 46  VAL B CG1 1 
ATOM   343  C CG2 . VAL A 1 40  ? 13.710  8.514   -11.710 1.00 24.64  ? 46  VAL B CG2 1 
ATOM   344  N N   . SER A 1 41  ? 14.315  11.767  -14.001 1.00 24.70  ? 47  SER B N   1 
ATOM   345  C CA  . SER A 1 41  ? 14.298  13.157  -13.506 1.00 25.24  ? 47  SER B CA  1 
ATOM   346  C C   . SER A 1 41  ? 13.473  13.234  -12.226 1.00 26.92  ? 47  SER B C   1 
ATOM   347  O O   . SER A 1 41  ? 12.613  12.399  -11.996 1.00 22.81  ? 47  SER B O   1 
ATOM   348  C CB  . SER A 1 41  ? 13.800  14.114  -14.554 1.00 29.41  ? 47  SER B CB  1 
ATOM   349  O OG  . SER A 1 41  ? 12.511  13.743  -14.999 1.00 29.97  ? 47  SER B OG  1 
ATOM   350  N N   . ASP A 1 42  ? 13.772  14.218  -11.405 1.00 25.25  ? 48  ASP B N   1 
ATOM   351  C CA  . ASP A 1 42  ? 13.000  14.499  -10.188 1.00 25.35  ? 48  ASP B CA  1 
ATOM   352  C C   . ASP A 1 42  ? 11.735  15.250  -10.597 1.00 26.87  ? 48  ASP B C   1 
ATOM   353  O O   . ASP A 1 42  ? 11.696  15.877  -11.670 1.00 26.05  ? 48  ASP B O   1 
ATOM   354  C CB  . ASP A 1 42  ? 13.863  15.228  -9.180  1.00 26.22  ? 48  ASP B CB  1 
ATOM   355  C CG  . ASP A 1 42  ? 13.234  15.233  -7.806  1.00 32.67  ? 48  ASP B CG  1 
ATOM   356  O OD1 . ASP A 1 42  ? 12.509  14.216  -7.427  1.00 24.15  ? 48  ASP B OD1 1 
ATOM   357  O OD2 . ASP A 1 42  ? 13.390  16.271  -7.157  1.00 41.51  ? 48  ASP B OD2 1 
ATOM   358  N N   . ASN A 1 43  ? 10.696  15.144  -9.780  1.00 24.39  ? 49  ASN B N   1 
ATOM   359  C CA  . ASN A 1 43  ? 9.438   15.903  -9.959  1.00 24.06  ? 49  ASN B CA  1 
ATOM   360  C C   . ASN A 1 43  ? 8.782   16.032  -8.582  1.00 25.13  ? 49  ASN B C   1 
ATOM   361  O O   . ASN A 1 43  ? 9.243   15.377  -7.626  1.00 24.96  ? 49  ASN B O   1 
ATOM   362  C CB  . ASN A 1 43  ? 8.570   15.295  -11.043 1.00 21.60  ? 49  ASN B CB  1 
ATOM   363  C CG  . ASN A 1 43  ? 7.993   13.959  -10.619 1.00 21.80  ? 49  ASN B CG  1 
ATOM   364  O OD1 . ASN A 1 43  ? 7.356   13.872  -9.571  1.00 24.99  ? 49  ASN B OD1 1 
ATOM   365  N ND2 . ASN A 1 43  ? 8.228   12.932  -11.386 1.00 20.27  ? 49  ASN B ND2 1 
ATOM   366  N N   . LYS A 1 44  ? 7.767   16.868  -8.477  1.00 24.23  ? 50  LYS B N   1 
ATOM   367  C CA  . LYS A 1 44  ? 7.124   17.181  -7.178  1.00 25.92  ? 50  LYS B CA  1 
ATOM   368  C C   . LYS A 1 44  ? 6.260   15.994  -6.709  1.00 22.30  ? 50  LYS B C   1 
ATOM   369  O O   . LYS A 1 44  ? 5.944   15.976  -5.495  1.00 22.61  ? 50  LYS B O   1 
ATOM   370  C CB  . LYS A 1 44  ? 6.257   18.442  -7.312  1.00 28.29  ? 50  LYS B CB  1 
ATOM   371  C CG  . LYS A 1 44  ? 5.102   18.289  -8.284  1.00 31.76  ? 50  LYS B CG  1 
ATOM   372  C CD  . LYS A 1 44  ? 4.289   19.557  -8.484  1.00 39.57  ? 50  LYS B CD  1 
ATOM   373  C CE  . LYS A 1 44  ? 2.848   19.246  -8.814  1.00 43.74  ? 50  LYS B CE  1 
ATOM   374  N NZ  . LYS A 1 44  ? 2.172   20.448  -9.353  1.00 50.52  ? 50  LYS B NZ  1 
ATOM   375  N N   . GLU A 1 45  ? 5.884   15.072  -7.605  1.00 20.90  ? 51  GLU B N   1 
ATOM   376  C CA  . GLU A 1 45  ? 5.066   13.873  -7.246  1.00 22.50  ? 51  GLU B CA  1 
ATOM   377  C C   . GLU A 1 45  ? 5.901   12.833  -6.482  1.00 19.69  ? 51  GLU B C   1 
ATOM   378  O O   . GLU A 1 45  ? 5.317   12.033  -5.699  1.00 20.21  ? 51  GLU B O   1 
ATOM   379  C CB  . GLU A 1 45  ? 4.467   13.246  -8.498  1.00 26.23  ? 51  GLU B CB  1 
ATOM   380  C CG  . GLU A 1 45  ? 3.381   14.072  -9.167  1.00 32.48  ? 51  GLU B CG  1 
ATOM   381  C CD  . GLU A 1 45  ? 2.719   13.285  -10.298 1.00 40.89  ? 51  GLU B CD  1 
ATOM   382  O OE1 . GLU A 1 45  ? 3.123   13.501  -11.467 1.00 58.27  ? 51  GLU B OE1 1 
ATOM   383  O OE2 . GLU A 1 45  ? 1.845   12.417  -10.028 1.00 50.88  ? 51  GLU B OE2 1 
ATOM   384  N N   . ARG A 1 46  ? 7.221   12.750  -6.700  1.00 17.64  ? 52  ARG B N   1 
ATOM   385  C CA  . ARG A 1 46  ? 7.992   11.569  -6.218  1.00 17.84  ? 52  ARG B CA  1 
ATOM   386  C C   . ARG A 1 46  ? 8.136   11.565  -4.695  1.00 16.71  ? 52  ARG B C   1 
ATOM   387  O O   . ARG A 1 46  ? 8.491   12.584  -4.070  1.00 19.33  ? 52  ARG B O   1 
ATOM   388  C CB  . ARG A 1 46  ? 9.404   11.489  -6.838  1.00 17.34  ? 52  ARG B CB  1 
ATOM   389  C CG  . ARG A 1 46  ? 9.427   11.255  -8.335  1.00 18.85  ? 52  ARG B CG  1 
ATOM   390  C CD  . ARG A 1 46  ? 10.824  10.829  -8.791  1.00 17.61  ? 52  ARG B CD  1 
ATOM   391  N NE  . ARG A 1 46  ? 10.819  10.796  -10.227 1.00 18.82  ? 52  ARG B NE  1 
ATOM   392  C CZ  . ARG A 1 46  ? 10.223  9.884   -10.977 1.00 19.46  ? 52  ARG B CZ  1 
ATOM   393  N NH1 . ARG A 1 46  ? 9.600   8.817   -10.463 1.00 17.55  ? 52  ARG B NH1 1 
ATOM   394  N NH2 . ARG A 1 46  ? 10.250  10.045  -12.284 1.00 22.44  ? 52  ARG B NH2 1 
ATOM   395  N N   . PHE A 1 47  ? 7.884   10.422  -4.058  1.00 16.54  ? 53  PHE B N   1 
ATOM   396  C CA  . PHE A 1 47  ? 8.227   10.258  -2.632  1.00 15.35  ? 53  PHE B CA  1 
ATOM   397  C C   . PHE A 1 47  ? 9.756   10.304  -2.495  1.00 17.58  ? 53  PHE B C   1 
ATOM   398  O O   . PHE A 1 47  ? 10.452  9.431   -3.049  1.00 18.33  ? 53  PHE B O   1 
ATOM   399  C CB  . PHE A 1 47  ? 7.670   8.977   -2.024  1.00 15.26  ? 53  PHE B CB  1 
ATOM   400  C CG  . PHE A 1 47  ? 6.166   9.007   -1.870  1.00 14.17  ? 53  PHE B CG  1 
ATOM   401  C CD1 . PHE A 1 47  ? 5.608   9.602   -0.757  1.00 14.74  ? 53  PHE B CD1 1 
ATOM   402  C CD2 . PHE A 1 47  ? 5.325   8.409   -2.794  1.00 15.80  ? 53  PHE B CD2 1 
ATOM   403  C CE1 . PHE A 1 47  ? 4.230   9.636   -0.581  1.00 14.47  ? 53  PHE B CE1 1 
ATOM   404  C CE2 . PHE A 1 47  ? 3.941   8.434   -2.598  1.00 15.14  ? 53  PHE B CE2 1 
ATOM   405  C CZ  . PHE A 1 47  ? 3.405   9.083   -1.516  1.00 13.86  ? 53  PHE B CZ  1 
ATOM   406  N N   . SER A 1 48  ? 10.272  11.269  -1.747  1.00 18.95  ? 54  SER B N   1 
ATOM   407  C CA  . SER A 1 48  ? 11.736  11.463  -1.665  1.00 19.12  ? 54  SER B CA  1 
ATOM   408  C C   . SER A 1 48  ? 12.388  10.568  -0.605  1.00 18.84  ? 54  SER B C   1 
ATOM   409  O O   . SER A 1 48  ? 13.514  10.102  -0.877  1.00 22.53  ? 54  SER B O   1 
ATOM   410  C CB  . SER A 1 48  ? 12.056  12.909  -1.450  1.00 19.99  ? 54  SER B CB  1 
ATOM   411  O OG  . SER A 1 48  ? 11.581  13.356  -0.201  1.00 20.47  ? 54  SER B OG  1 
ATOM   412  N N   . ASN A 1 49  ? 11.793  10.342  0.564   1.00 18.55  ? 55  ASN B N   1 
ATOM   413  C CA  . ASN A 1 49  ? 12.529  9.791   1.732   1.00 19.54  ? 55  ASN B CA  1 
ATOM   414  C C   . ASN A 1 49  ? 12.359  8.280   1.874   1.00 18.80  ? 55  ASN B C   1 
ATOM   415  O O   . ASN A 1 49  ? 13.100  7.654   2.669   1.00 18.83  ? 55  ASN B O   1 
ATOM   416  C CB  . ASN A 1 49  ? 12.134  10.470  3.036   1.00 19.45  ? 55  ASN B CB  1 
ATOM   417  C CG  . ASN A 1 49  ? 12.698  11.876  3.182   1.00 23.99  ? 55  ASN B CG  1 
ATOM   418  O OD1 . ASN A 1 49  ? 12.685  12.675  2.250   1.00 23.05  ? 55  ASN B OD1 1 
ATOM   419  N ND2 . ASN A 1 49  ? 13.144  12.198  4.389   1.00 26.62  ? 55  ASN B ND2 1 
ATOM   420  N N   . TYR A 1 50  ? 11.378  7.690   1.175   1.00 16.33  ? 56  TYR B N   1 
ATOM   421  C CA  . TYR A 1 50  ? 11.002  6.290   1.431   1.00 15.04  ? 56  TYR B CA  1 
ATOM   422  C C   . TYR A 1 50  ? 10.699  5.632   0.091   1.00 14.69  ? 56  TYR B C   1 
ATOM   423  O O   . TYR A 1 50  ? 10.291  6.303   -0.872  1.00 15.89  ? 56  TYR B O   1 
ATOM   424  C CB  . TYR A 1 50  ? 9.746   6.218   2.296   1.00 16.02  ? 56  TYR B CB  1 
ATOM   425  C CG  . TYR A 1 50  ? 9.741   7.114   3.513   1.00 16.59  ? 56  TYR B CG  1 
ATOM   426  C CD1 . TYR A 1 50  ? 10.519  6.784   4.618   1.00 19.02  ? 56  TYR B CD1 1 
ATOM   427  C CD2 . TYR A 1 50  ? 9.002   8.286   3.569   1.00 16.78  ? 56  TYR B CD2 1 
ATOM   428  C CE1 . TYR A 1 50  ? 10.546  7.594   5.753   1.00 19.60  ? 56  TYR B CE1 1 
ATOM   429  C CE2 . TYR A 1 50  ? 9.059   9.125   4.674   1.00 18.05  ? 56  TYR B CE2 1 
ATOM   430  C CZ  . TYR A 1 50  ? 9.807   8.758   5.778   1.00 17.60  ? 56  TYR B CZ  1 
ATOM   431  O OH  . TYR A 1 50  ? 9.802   9.555   6.897   1.00 19.44  ? 56  TYR B OH  1 
ATOM   432  N N   . PRO A 1 51  ? 10.820  4.301   0.016   1.00 14.64  ? 57  PRO B N   1 
ATOM   433  C CA  . PRO A 1 51  ? 10.603  3.562   -1.252  1.00 14.51  ? 57  PRO B CA  1 
ATOM   434  C C   . PRO A 1 51  ? 9.111   3.330   -1.583  1.00 14.54  ? 57  PRO B C   1 
ATOM   435  O O   . PRO A 1 51  ? 8.707   2.189   -1.756  1.00 14.70  ? 57  PRO B O   1 
ATOM   436  C CB  . PRO A 1 51  ? 11.298  2.204   -1.028  1.00 17.79  ? 57  PRO B CB  1 
ATOM   437  C CG  . PRO A 1 51  ? 11.967  2.314   0.322   1.00 17.69  ? 57  PRO B CG  1 
ATOM   438  C CD  . PRO A 1 51  ? 11.325  3.440   1.079   1.00 15.74  ? 57  PRO B CD  1 
ATOM   439  N N   . MET A 1 52  ? 8.382   4.447   -1.755  1.00 14.18  ? 58  MET B N   1 
ATOM   440  C CA  . MET A 1 52  ? 6.915   4.474   -1.958  1.00 12.97  ? 58  MET B CA  1 
ATOM   441  C C   . MET A 1 52  ? 6.527   4.782   -3.408  1.00 14.40  ? 58  MET B C   1 
ATOM   442  O O   . MET A 1 52  ? 7.243   5.473   -4.163  1.00 14.33  ? 58  MET B O   1 
ATOM   443  C CB  . MET A 1 52  ? 6.288   5.510   -1.006  1.00 13.31  ? 58  MET B CB  1 
ATOM   444  C CG  . MET A 1 52  ? 6.396   5.115   0.445   1.00 13.57  ? 58  MET B CG  1 
ATOM   445  S SD  . MET A 1 52  ? 6.092   6.535   1.548   1.00 15.66  ? 58  MET B SD  1 
ATOM   446  C CE  . MET A 1 52  ? 6.274   5.859   3.188   1.00 17.16  ? 58  MET B CE  1 
ATOM   447  N N   . VAL A 1 53  ? 5.316   4.345   -3.776  1.00 13.85  ? 59  VAL B N   1 
ATOM   448  C CA  . VAL A 1 53  ? 4.716   4.626   -5.104  1.00 14.75  ? 59  VAL B CA  1 
ATOM   449  C C   . VAL A 1 53  ? 3.193   4.526   -4.954  1.00 14.69  ? 59  VAL B C   1 
ATOM   450  O O   . VAL A 1 53  ? 2.725   3.787   -4.039  1.00 13.72  ? 59  VAL B O   1 
ATOM   451  C CB  . VAL A 1 53  ? 5.292   3.683   -6.174  1.00 14.92  ? 59  VAL B CB  1 
ATOM   452  C CG1 . VAL A 1 53  ? 4.986   2.245   -5.844  1.00 15.42  ? 59  VAL B CG1 1 
ATOM   453  C CG2 . VAL A 1 53  ? 4.818   4.011   -7.591  1.00 16.24  ? 59  VAL B CG2 1 
ATOM   454  N N   . LEU A 1 54  ? 2.462   5.252   -5.784  1.00 14.59  ? 60  LEU B N   1 
ATOM   455  C CA  . LEU A 1 54  ? 0.981   5.241   -5.799  1.00 14.59  ? 60  LEU B CA  1 
ATOM   456  C C   . LEU A 1 54  ? 0.484   4.449   -6.992  1.00 15.31  ? 60  LEU B C   1 
ATOM   457  O O   . LEU A 1 54  ? 1.144   4.381   -8.105  1.00 15.40  ? 60  LEU B O   1 
ATOM   458  C CB  . LEU A 1 54  ? 0.423   6.665   -5.841  1.00 14.69  ? 60  LEU B CB  1 
ATOM   459  C CG  . LEU A 1 54  ? 0.854   7.585   -4.714  1.00 14.94  ? 60  LEU B CG  1 
ATOM   460  C CD1 . LEU A 1 54  ? 0.127   8.910   -4.703  1.00 16.18  ? 60  LEU B CD1 1 
ATOM   461  C CD2 . LEU A 1 54  ? 0.743   6.897   -3.345  1.00 14.53  ? 60  LEU B CD2 1 
ATOM   462  N N   . GLY A 1 55  ? -0.733  3.929   -6.854  1.00 14.66  ? 61  GLY B N   1 
ATOM   463  C CA  . GLY A 1 55  ? -1.465  3.423   -8.034  1.00 14.32  ? 61  GLY B CA  1 
ATOM   464  C C   . GLY A 1 55  ? -1.896  4.621   -8.880  1.00 14.35  ? 61  GLY B C   1 
ATOM   465  O O   . GLY A 1 55  ? -2.037  5.728   -8.333  1.00 15.89  ? 61  GLY B O   1 
ATOM   466  N N   . ALA A 1 56  ? -2.157  4.384   -10.141 1.00 16.71  ? 62  ALA B N   1 
ATOM   467  C CA  . ALA A 1 56  ? -2.614  5.397   -11.125 1.00 18.71  ? 62  ALA B CA  1 
ATOM   468  C C   . ALA A 1 56  ? -4.083  5.748   -10.855 1.00 19.27  ? 62  ALA B C   1 
ATOM   469  O O   . ALA A 1 56  ? -4.475  6.920   -11.066 1.00 23.97  ? 62  ALA B O   1 
ATOM   470  C CB  . ALA A 1 56  ? -2.419  4.817   -12.493 1.00 19.67  ? 62  ALA B CB  1 
ATOM   471  N N   . GLN A 1 57  ? -4.867  4.780   -10.386 1.00 18.93  ? 63  GLN B N   1 
ATOM   472  C CA  . GLN A 1 57  ? -6.335  4.949   -10.209 1.00 19.17  ? 63  GLN B CA  1 
ATOM   473  C C   . GLN A 1 57  ? -6.610  5.931   -9.068  1.00 21.15  ? 63  GLN B C   1 
ATOM   474  O O   . GLN A 1 57  ? -5.903  5.894   -8.039  1.00 19.28  ? 63  GLN B O   1 
ATOM   475  C CB  . GLN A 1 57  ? -6.958  3.564   -9.976  1.00 20.54  ? 63  GLN B CB  1 
ATOM   476  C CG  . GLN A 1 57  ? -6.987  2.664   -11.205 1.00 21.52  ? 63  GLN B CG  1 
ATOM   477  C CD  . GLN A 1 57  ? -5.609  2.136   -11.572 1.00 22.74  ? 63  GLN B CD  1 
ATOM   478  O OE1 . GLN A 1 57  ? -4.800  1.819   -10.715 1.00 20.99  ? 63  GLN B OE1 1 
ATOM   479  N NE2 . GLN A 1 57  ? -5.310  2.063   -12.850 1.00 24.74  ? 63  GLN B NE2 1 
ATOM   480  N N   . ARG A 1 58  ? -7.646  6.763   -9.222  1.00 20.66  ? 64  ARG B N   1 
ATOM   481  C CA  . ARG A 1 58  ? -8.167  7.675   -8.183  1.00 21.29  ? 64  ARG B CA  1 
ATOM   482  C C   . ARG A 1 58  ? -9.617  7.276   -7.899  1.00 20.45  ? 64  ARG B C   1 
ATOM   483  O O   . ARG A 1 58  ? -10.365 6.983   -8.863  1.00 23.75  ? 64  ARG B O   1 
ATOM   484  C CB  . ARG A 1 58  ? -8.170  9.141   -8.651  1.00 25.92  ? 64  ARG B CB  1 
ATOM   485  C CG  . ARG A 1 58  ? -6.836  9.889   -8.638  1.00 33.51  ? 64  ARG B CG  1 
ATOM   486  C CD  . ARG A 1 58  ? -5.735  9.191   -9.407  1.00 36.35  ? 64  ARG B CD  1 
ATOM   487  N NE  . ARG A 1 58  ? -4.622  9.875   -10.093 1.00 41.12  ? 64  ARG B NE  1 
ATOM   488  C CZ  . ARG A 1 58  ? -4.284  11.165  -10.070 1.00 42.46  ? 64  ARG B CZ  1 
ATOM   489  N NH1 . ARG A 1 58  ? -3.227  11.546  -10.766 1.00 46.73  ? 64  ARG B NH1 1 
ATOM   490  N NH2 . ARG A 1 58  ? -4.944  12.066  -9.367  1.00 45.02  ? 64  ARG B NH2 1 
ATOM   491  N N   . PHE A 1 59  ? -9.988  7.173   -6.637  1.00 20.68  ? 65  PHE B N   1 
ATOM   492  C CA  . PHE A 1 59  ? -11.334 6.684   -6.219  1.00 19.75  ? 65  PHE B CA  1 
ATOM   493  C C   . PHE A 1 59  ? -11.980 7.768   -5.375  1.00 17.98  ? 65  PHE B C   1 
ATOM   494  O O   . PHE A 1 59  ? -11.359 8.227   -4.414  1.00 16.66  ? 65  PHE B O   1 
ATOM   495  C CB  . PHE A 1 59  ? -11.180 5.403   -5.361  1.00 22.43  ? 65  PHE B CB  1 
ATOM   496  C CG  . PHE A 1 59  ? -10.518 4.274   -6.102  1.00 23.36  ? 65  PHE B CG  1 
ATOM   497  C CD1 . PHE A 1 59  ? -10.991 3.892   -7.352  1.00 28.68  ? 65  PHE B CD1 1 
ATOM   498  C CD2 . PHE A 1 59  ? -9.458  3.590   -5.557  1.00 31.09  ? 65  PHE B CD2 1 
ATOM   499  C CE1 . PHE A 1 59  ? -10.408 2.854   -8.062  1.00 30.82  ? 65  PHE B CE1 1 
ATOM   500  C CE2 . PHE A 1 59  ? -8.874  2.544   -6.269  1.00 28.62  ? 65  PHE B CE2 1 
ATOM   501  C CZ  . PHE A 1 59  ? -9.346  2.187   -7.509  1.00 28.06  ? 65  PHE B CZ  1 
ATOM   502  N N   A SER A 1 60  ? -13.215 8.177   -5.696  0.25 17.74  ? 66  SER B N   1 
ATOM   503  N N   B SER A 1 60  ? -13.219 8.159   -5.703  0.25 18.31  ? 66  SER B N   1 
ATOM   504  C CA  A SER A 1 60  ? -13.950 9.198   -4.901  0.25 17.57  ? 66  SER B CA  1 
ATOM   505  C CA  B SER A 1 60  ? -13.992 9.176   -4.941  0.25 18.56  ? 66  SER B CA  1 
ATOM   506  C C   A SER A 1 60  ? -15.344 8.675   -4.511  0.25 18.04  ? 66  SER B C   1 
ATOM   507  C C   B SER A 1 60  ? -15.408 8.669   -4.663  0.25 19.34  ? 66  SER B C   1 
ATOM   508  O O   A SER A 1 60  ? -16.070 9.402   -3.808  0.25 17.67  ? 66  SER B O   1 
ATOM   509  O O   B SER A 1 60  ? -16.258 9.480   -4.262  0.25 19.00  ? 66  SER B O   1 
ATOM   510  C CB  A SER A 1 60  ? -14.009 10.525  -5.640  0.25 17.79  ? 66  SER B CB  1 
ATOM   511  C CB  B SER A 1 60  ? -14.050 10.473  -5.690  0.25 18.81  ? 66  SER B CB  1 
ATOM   512  O OG  A SER A 1 60  ? -12.728 11.168  -5.642  0.25 17.59  ? 66  SER B OG  1 
ATOM   513  O OG  B SER A 1 60  ? -14.664 10.268  -6.946  0.25 18.82  ? 66  SER B OG  1 
ATOM   514  N N   A SER A 1 61  ? -15.680 7.445   -4.914  0.25 18.08  ? 67  SER B N   1 
ATOM   515  N N   B SER A 1 61  ? -15.658 7.386   -4.902  0.25 19.86  ? 67  SER B N   1 
ATOM   516  C CA  A SER A 1 61  ? -16.987 6.798   -4.642  0.25 19.31  ? 67  SER B CA  1 
ATOM   517  C CA  B SER A 1 61  ? -16.991 6.769   -4.730  0.25 21.56  ? 67  SER B CA  1 
ATOM   518  C C   A SER A 1 61  ? -16.854 5.278   -4.765  0.25 20.23  ? 67  SER B C   1 
ATOM   519  C C   B SER A 1 61  ? -16.874 5.253   -4.824  0.25 21.56  ? 67  SER B C   1 
ATOM   520  O O   A SER A 1 61  ? -15.843 4.822   -5.326  0.25 20.35  ? 67  SER B O   1 
ATOM   521  O O   B SER A 1 61  ? -15.906 4.776   -5.447  0.25 21.72  ? 67  SER B O   1 
ATOM   522  C CB  A SER A 1 61  ? -18.032 7.321   -5.589  0.25 19.58  ? 67  SER B CB  1 
ATOM   523  C CB  B SER A 1 61  ? -17.951 7.292   -5.756  0.25 22.82  ? 67  SER B CB  1 
ATOM   524  O OG  A SER A 1 61  ? -17.833 6.779   -6.883  0.25 17.92  ? 67  SER B OG  1 
ATOM   525  O OG  B SER A 1 61  ? -19.234 6.740   -5.535  0.25 23.74  ? 67  SER B OG  1 
ATOM   526  N N   . GLY A 1 62  ? -17.838 4.546   -4.238  1.00 21.77  ? 68  GLY B N   1 
ATOM   527  C CA  . GLY A 1 62  ? -18.013 3.115   -4.527  1.00 22.88  ? 68  GLY B CA  1 
ATOM   528  C C   . GLY A 1 62  ? -17.157 2.200   -3.665  1.00 21.15  ? 68  GLY B C   1 
ATOM   529  O O   . GLY A 1 62  ? -16.610 2.643   -2.636  1.00 19.74  ? 68  GLY B O   1 
ATOM   530  N N   . LYS A 1 63  ? -17.147 0.947   -4.085  1.00 20.35  ? 69  LYS B N   1 
ATOM   531  C CA  . LYS A 1 63  ? -16.478 -0.163  -3.399  1.00 21.01  ? 69  LYS B CA  1 
ATOM   532  C C   . LYS A 1 63  ? -15.419 -0.695  -4.358  1.00 21.61  ? 69  LYS B C   1 
ATOM   533  O O   . LYS A 1 63  ? -15.742 -0.975  -5.512  1.00 22.30  ? 69  LYS B O   1 
ATOM   534  C CB  . LYS A 1 63  ? -17.503 -1.208  -2.971  1.00 22.14  ? 69  LYS B CB  1 
ATOM   535  C CG  . LYS A 1 63  ? -18.531 -0.753  -1.943  1.00 23.73  ? 69  LYS B CG  1 
ATOM   536  C CD  . LYS A 1 63  ? -19.581 -1.829  -1.644  1.00 28.18  ? 69  LYS B CD  1 
ATOM   537  C CE  . LYS A 1 63  ? -20.716 -1.300  -0.807  1.00 32.31  ? 69  LYS B CE  1 
ATOM   538  N NZ  . LYS A 1 63  ? -21.545 -2.420  -0.325  1.00 38.61  ? 69  LYS B NZ  1 
ATOM   539  N N   . MET A 1 64  ? -14.198 -0.867  -3.863  1.00 20.30  ? 70  MET B N   1 
ATOM   540  C CA  . MET A 1 64  ? -12.998 -1.240  -4.653  1.00 19.64  ? 70  MET B CA  1 
ATOM   541  C C   . MET A 1 64  ? -12.241 -2.334  -3.899  1.00 17.04  ? 70  MET B C   1 
ATOM   542  O O   . MET A 1 64  ? -12.133 -2.238  -2.689  1.00 18.48  ? 70  MET B O   1 
ATOM   543  C CB  . MET A 1 64  ? -12.056 -0.055  -4.807  1.00 21.20  ? 70  MET B CB  1 
ATOM   544  C CG  . MET A 1 64  ? -12.494 1.002   -5.810  1.00 22.11  ? 70  MET B CG  1 
ATOM   545  S SD  . MET A 1 64  ? -13.928 2.025   -5.332  1.00 25.10  ? 70  MET B SD  1 
ATOM   546  C CE  . MET A 1 64  ? -13.434 2.759   -3.779  1.00 24.08  ? 70  MET B CE  1 
ATOM   547  N N   . TYR A 1 65  ? -11.710 -3.310  -4.614  1.00 17.23  ? 71  TYR B N   1 
ATOM   548  C CA  . TYR A 1 65  ? -10.936 -4.415  -3.985  1.00 17.39  ? 71  TYR B CA  1 
ATOM   549  C C   . TYR A 1 65  ? -9.761  -4.759  -4.890  1.00 17.38  ? 71  TYR B C   1 
ATOM   550  O O   . TYR A 1 65  ? -9.917  -4.881  -6.145  1.00 19.66  ? 71  TYR B O   1 
ATOM   551  C CB  . TYR A 1 65  ? -11.842 -5.627  -3.769  1.00 19.52  ? 71  TYR B CB  1 
ATOM   552  C CG  . TYR A 1 65  ? -11.150 -6.828  -3.174  1.00 18.06  ? 71  TYR B CG  1 
ATOM   553  C CD1 . TYR A 1 65  ? -10.922 -6.899  -1.819  1.00 18.89  ? 71  TYR B CD1 1 
ATOM   554  C CD2 . TYR A 1 65  ? -10.682 -7.866  -3.968  1.00 19.32  ? 71  TYR B CD2 1 
ATOM   555  C CE1 . TYR A 1 65  ? -10.272 -7.980  -1.242  1.00 18.90  ? 71  TYR B CE1 1 
ATOM   556  C CE2 . TYR A 1 65  ? -10.033 -8.959  -3.410  1.00 19.32  ? 71  TYR B CE2 1 
ATOM   557  C CZ  . TYR A 1 65  ? -9.807  -9.013  -2.055  1.00 19.11  ? 71  TYR B CZ  1 
ATOM   558  O OH  . TYR A 1 65  ? -9.156  -10.109 -1.551  1.00 20.42  ? 71  TYR B OH  1 
ATOM   559  N N   . TRP A 1 66  ? -8.593  -4.961  -4.301  1.00 15.59  ? 72  TRP B N   1 
ATOM   560  C CA  . TRP A 1 66  ? -7.417  -5.491  -5.028  1.00 16.15  ? 72  TRP B CA  1 
ATOM   561  C C   . TRP A 1 66  ? -6.563  -6.381  -4.096  1.00 16.78  ? 72  TRP B C   1 
ATOM   562  O O   . TRP A 1 66  ? -6.756  -6.330  -2.853  1.00 16.46  ? 72  TRP B O   1 
ATOM   563  C CB  . TRP A 1 66  ? -6.645  -4.344  -5.712  1.00 14.95  ? 72  TRP B CB  1 
ATOM   564  C CG  . TRP A 1 66  ? -6.016  -3.331  -4.804  1.00 14.98  ? 72  TRP B CG  1 
ATOM   565  C CD1 . TRP A 1 66  ? -4.716  -3.312  -4.370  1.00 13.22  ? 72  TRP B CD1 1 
ATOM   566  C CD2 . TRP A 1 66  ? -6.625  -2.161  -4.255  1.00 14.95  ? 72  TRP B CD2 1 
ATOM   567  N NE1 . TRP A 1 66  ? -4.501  -2.215  -3.572  1.00 13.85  ? 72  TRP B NE1 1 
ATOM   568  C CE2 . TRP A 1 66  ? -5.659  -1.514  -3.458  1.00 14.34  ? 72  TRP B CE2 1 
ATOM   569  C CE3 . TRP A 1 66  ? -7.923  -1.641  -4.303  1.00 18.71  ? 72  TRP B CE3 1 
ATOM   570  C CZ2 . TRP A 1 66  ? -5.916  -0.326  -2.781  1.00 16.41  ? 72  TRP B CZ2 1 
ATOM   571  C CZ3 . TRP A 1 66  ? -8.183  -0.472  -3.621  1.00 20.29  ? 72  TRP B CZ3 1 
ATOM   572  C CH2 . TRP A 1 66  ? -7.200  0.161   -2.866  1.00 17.86  ? 72  TRP B CH2 1 
ATOM   573  N N   . GLU A 1 67  ? -5.601  -7.113  -4.672  1.00 15.34  ? 73  GLU B N   1 
ATOM   574  C CA  . GLU A 1 67  ? -4.744  -8.045  -3.906  1.00 15.13  ? 73  GLU B CA  1 
ATOM   575  C C   . GLU A 1 67  ? -3.289  -7.826  -4.286  1.00 15.88  ? 73  GLU B C   1 
ATOM   576  O O   . GLU A 1 67  ? -3.020  -7.487  -5.441  1.00 16.26  ? 73  GLU B O   1 
ATOM   577  C CB  . GLU A 1 67  ? -5.169  -9.489  -4.143  1.00 17.42  ? 73  GLU B CB  1 
ATOM   578  C CG  . GLU A 1 67  ? -6.572  -9.777  -3.594  1.00 19.69  ? 73  GLU B CG  1 
ATOM   579  C CD  . GLU A 1 67  ? -6.993  -11.234 -3.732  1.00 24.48  ? 73  GLU B CD  1 
ATOM   580  O OE1 . GLU A 1 67  ? -6.234  -11.981 -4.417  1.00 26.20  ? 73  GLU B OE1 1 
ATOM   581  O OE2 . GLU A 1 67  ? -8.064  -11.636 -3.163  1.00 21.37  ? 73  GLU B OE2 1 
ATOM   582  N N   . VAL A 1 68  ? -2.435  -7.927  -3.282  1.00 15.04  ? 74  VAL B N   1 
ATOM   583  C CA  . VAL A 1 68  ? -0.977  -7.709  -3.430  1.00 15.06  ? 74  VAL B CA  1 
ATOM   584  C C   . VAL A 1 68  ? -0.217  -8.910  -2.883  1.00 15.75  ? 74  VAL B C   1 
ATOM   585  O O   . VAL A 1 68  ? -0.490  -9.323  -1.743  1.00 15.76  ? 74  VAL B O   1 
ATOM   586  C CB  . VAL A 1 68  ? -0.508  -6.439  -2.701  1.00 14.88  ? 74  VAL B CB  1 
ATOM   587  C CG1 . VAL A 1 68  ? 0.953   -6.184  -3.036  1.00 15.93  ? 74  VAL B CG1 1 
ATOM   588  C CG2 . VAL A 1 68  ? -1.377  -5.229  -3.014  1.00 17.64  ? 74  VAL B CG2 1 
ATOM   589  N N   . ASP A 1 69  ? 0.793   -9.372  -3.636  1.00 16.21  ? 75  ASP B N   1 
ATOM   590  C CA  . ASP A 1 69  ? 1.700   -10.473 -3.253  1.00 17.22  ? 75  ASP B CA  1 
ATOM   591  C C   . ASP A 1 69  ? 2.871   -9.855  -2.496  1.00 16.10  ? 75  ASP B C   1 
ATOM   592  O O   . ASP A 1 69  ? 3.519   -8.871  -3.038  1.00 17.34  ? 75  ASP B O   1 
ATOM   593  C CB  . ASP A 1 69  ? 2.135   -11.287 -4.473  1.00 20.01  ? 75  ASP B CB  1 
ATOM   594  C CG  . ASP A 1 69  ? 2.850   -12.574 -4.078  1.00 21.80  ? 75  ASP B CG  1 
ATOM   595  O OD1 . ASP A 1 69  ? 3.883   -12.509 -3.428  1.00 21.41  ? 75  ASP B OD1 1 
ATOM   596  O OD2 . ASP A 1 69  ? 2.301   -13.626 -4.347  1.00 31.42  ? 75  ASP B OD2 1 
ATOM   597  N N   . VAL A 1 70  ? 3.108   -10.327 -1.280  1.00 16.20  ? 76  VAL B N   1 
ATOM   598  C CA  . VAL A 1 70  ? 4.214   -9.898  -0.383  1.00 17.12  ? 76  VAL B CA  1 
ATOM   599  C C   . VAL A 1 70  ? 5.177   -11.063 -0.088  1.00 17.83  ? 76  VAL B C   1 
ATOM   600  O O   . VAL A 1 70  ? 5.981   -10.955 0.855   1.00 18.23  ? 76  VAL B O   1 
ATOM   601  C CB  . VAL A 1 70  ? 3.629   -9.258  0.899   1.00 16.14  ? 76  VAL B CB  1 
ATOM   602  C CG1 . VAL A 1 70  ? 2.754   -8.034  0.537   1.00 16.26  ? 76  VAL B CG1 1 
ATOM   603  C CG2 . VAL A 1 70  ? 2.871   -10.238 1.791   1.00 16.62  ? 76  VAL B CG2 1 
ATOM   604  N N   . THR A 1 71  ? 5.123   -12.129 -0.880  1.00 18.74  ? 77  THR B N   1 
ATOM   605  C CA  . THR A 1 71  ? 6.004   -13.302 -0.672  1.00 19.92  ? 77  THR B CA  1 
ATOM   606  C C   . THR A 1 71  ? 7.466   -12.900 -0.443  1.00 20.65  ? 77  THR B C   1 
ATOM   607  O O   . THR A 1 71  ? 8.031   -12.104 -1.250  1.00 20.44  ? 77  THR B O   1 
ATOM   608  C CB  . THR A 1 71  ? 5.947   -14.241 -1.872  1.00 19.10  ? 77  THR B CB  1 
ATOM   609  O OG1 . THR A 1 71  ? 4.600   -14.687 -1.977  1.00 23.56  ? 77  THR B OG1 1 
ATOM   610  C CG2 . THR A 1 71  ? 6.863   -15.413 -1.634  1.00 22.31  ? 77  THR B CG2 1 
ATOM   611  N N   . GLN A 1 72  ? 8.032   -13.470 0.628   1.00 24.47  ? 78  GLN B N   1 
ATOM   612  C CA  . GLN A 1 72  ? 9.459   -13.444 1.074   1.00 29.12  ? 78  GLN B CA  1 
ATOM   613  C C   . GLN A 1 72  ? 9.944   -12.025 1.416   1.00 29.70  ? 78  GLN B C   1 
ATOM   614  O O   . GLN A 1 72  ? 11.134  -11.869 1.651   1.00 31.53  ? 78  GLN B O   1 
ATOM   615  C CB  . GLN A 1 72  ? 10.358  -14.199 0.088   1.00 36.29  ? 78  GLN B CB  1 
ATOM   616  C CG  . GLN A 1 72  ? 10.516  -13.561 -1.287  1.00 43.22  ? 78  GLN B CG  1 
ATOM   617  C CD  . GLN A 1 72  ? 11.912  -13.658 -1.871  1.00 49.12  ? 78  GLN B CD  1 
ATOM   618  O OE1 . GLN A 1 72  ? 12.098  -13.925 -3.063  1.00 48.75  ? 78  GLN B OE1 1 
ATOM   619  N NE2 . GLN A 1 72  ? 12.911  -13.348 -1.055  1.00 53.28  ? 78  GLN B NE2 1 
ATOM   620  N N   . LYS A 1 73  ? 9.067   -11.033 1.578   1.00 20.16  ? 79  LYS B N   1 
ATOM   621  C CA  . LYS A 1 73  ? 9.517   -9.702  2.051   1.00 19.37  ? 79  LYS B CA  1 
ATOM   622  C C   . LYS A 1 73  ? 9.588   -9.646  3.583   1.00 17.42  ? 79  LYS B C   1 
ATOM   623  O O   . LYS A 1 73  ? 8.729   -10.247 4.269   1.00 19.49  ? 79  LYS B O   1 
ATOM   624  C CB  . LYS A 1 73  ? 8.587   -8.639  1.467   1.00 19.17  ? 79  LYS B CB  1 
ATOM   625  C CG  . LYS A 1 73  ? 8.689   -8.527  -0.054  1.00 19.69  ? 79  LYS B CG  1 
ATOM   626  C CD  . LYS A 1 73  ? 8.024   -7.282  -0.618  1.00 19.66  ? 79  LYS B CD  1 
ATOM   627  C CE  . LYS A 1 73  ? 8.630   -5.960  -0.178  1.00 17.19  ? 79  LYS B CE  1 
ATOM   628  N NZ  . LYS A 1 73  ? 10.096  -5.886  -0.511  1.00 16.30  ? 79  LYS B NZ  1 
ATOM   629  N N   . GLU A 1 74  ? 10.594  -8.947  4.093   1.00 16.32  ? 80  GLU B N   1 
ATOM   630  C CA  . GLU A 1 74  ? 10.831  -8.656  5.526   1.00 16.18  ? 80  GLU B CA  1 
ATOM   631  C C   . GLU A 1 74  ? 10.080  -7.398  5.956   1.00 15.66  ? 80  GLU B C   1 
ATOM   632  O O   . GLU A 1 74  ? 9.899   -7.180  7.175   1.00 16.53  ? 80  GLU B O   1 
ATOM   633  C CB  . GLU A 1 74  ? 12.324  -8.473  5.789   1.00 17.34  ? 80  GLU B CB  1 
ATOM   634  C CG  . GLU A 1 74  ? 13.129  -9.713  5.555   1.00 19.83  ? 80  GLU B CG  1 
ATOM   635  C CD  . GLU A 1 74  ? 14.616  -9.447  5.767   1.00 19.88  ? 80  GLU B CD  1 
ATOM   636  O OE1 . GLU A 1 74  ? 15.342  -10.440 5.845   1.00 24.30  ? 80  GLU B OE1 1 
ATOM   637  O OE2 . GLU A 1 74  ? 15.014  -8.236  5.827   1.00 24.27  ? 80  GLU B OE2 1 
ATOM   638  N N   . ALA A 1 75  ? 9.820   -6.480  5.010   1.00 15.43  ? 81  ALA B N   1 
ATOM   639  C CA  . ALA A 1 75  ? 9.239   -5.178  5.385   1.00 14.41  ? 81  ALA B CA  1 
ATOM   640  C C   . ALA A 1 75  ? 8.461   -4.618  4.201   1.00 15.66  ? 81  ALA B C   1 
ATOM   641  O O   . ALA A 1 75  ? 8.895   -4.784  3.048   1.00 15.02  ? 81  ALA B O   1 
ATOM   642  C CB  . ALA A 1 75  ? 10.312  -4.214  5.835   1.00 15.54  ? 81  ALA B CB  1 
ATOM   643  N N   . TRP A 1 76  ? 7.314   -4.006  4.499   1.00 14.30  ? 82  TRP B N   1 
ATOM   644  C CA  . TRP A 1 76  ? 6.471   -3.345  3.460   1.00 14.86  ? 82  TRP B CA  1 
ATOM   645  C C   . TRP A 1 76  ? 5.357   -2.576  4.151   1.00 14.48  ? 82  TRP B C   1 
ATOM   646  O O   . TRP A 1 76  ? 5.058   -2.879  5.306   1.00 14.54  ? 82  TRP B O   1 
ATOM   647  C CB  . TRP A 1 76  ? 5.876   -4.359  2.474   1.00 15.33  ? 82  TRP B CB  1 
ATOM   648  C CG  . TRP A 1 76  ? 5.202   -5.557  3.081   1.00 15.04  ? 82  TRP B CG  1 
ATOM   649  C CD1 . TRP A 1 76  ? 5.779   -6.774  3.263   1.00 16.04  ? 82  TRP B CD1 1 
ATOM   650  C CD2 . TRP A 1 76  ? 3.898   -5.666  3.690   1.00 14.78  ? 82  TRP B CD2 1 
ATOM   651  N NE1 . TRP A 1 76  ? 4.937   -7.646  3.878   1.00 16.70  ? 82  TRP B NE1 1 
ATOM   652  C CE2 . TRP A 1 76  ? 3.790   -6.972  4.222   1.00 15.71  ? 82  TRP B CE2 1 
ATOM   653  C CE3 . TRP A 1 76  ? 2.844   -4.756  3.896   1.00 16.07  ? 82  TRP B CE3 1 
ATOM   654  C CZ2 . TRP A 1 76  ? 2.637   -7.441  4.813   1.00 15.88  ? 82  TRP B CZ2 1 
ATOM   655  C CZ3 . TRP A 1 76  ? 1.702   -5.225  4.504   1.00 15.17  ? 82  TRP B CZ3 1 
ATOM   656  C CH2 . TRP A 1 76  ? 1.618   -6.539  5.002   1.00 16.67  ? 82  TRP B CH2 1 
ATOM   657  N N   . ASP A 1 77  ? 4.784   -1.600  3.445   1.00 13.13  ? 83  ASP B N   1 
ATOM   658  C CA  . ASP A 1 77  ? 3.521   -0.933  3.886   1.00 14.70  ? 83  ASP B CA  1 
ATOM   659  C C   . ASP A 1 77  ? 2.528   -1.053  2.731   1.00 14.52  ? 83  ASP B C   1 
ATOM   660  O O   . ASP A 1 77  ? 2.964   -0.908  1.562   1.00 14.28  ? 83  ASP B O   1 
ATOM   661  C CB  . ASP A 1 77  ? 3.710   0.545   4.230   1.00 15.73  ? 83  ASP B CB  1 
ATOM   662  C CG  . ASP A 1 77  ? 4.941   0.946   5.026   1.00 18.47  ? 83  ASP B CG  1 
ATOM   663  O OD1 . ASP A 1 77  ? 5.311   0.206   5.880   1.00 21.83  ? 83  ASP B OD1 1 
ATOM   664  O OD2 . ASP A 1 77  ? 5.459   2.042   4.788   1.00 19.61  ? 83  ASP B OD2 1 
ATOM   665  N N   . LEU A 1 78  ? 1.247   -1.235  3.034   1.00 13.26  ? 84  LEU B N   1 
ATOM   666  C CA  . LEU A 1 78  ? 0.181   -1.331  2.016   1.00 13.13  ? 84  LEU B CA  1 
ATOM   667  C C   . LEU A 1 78  ? -1.067  -0.616  2.524   1.00 12.53  ? 84  LEU B C   1 
ATOM   668  O O   . LEU A 1 78  ? -1.390  -0.718  3.707   1.00 12.35  ? 84  LEU B O   1 
ATOM   669  C CB  . LEU A 1 78  ? -0.176  -2.776  1.694   1.00 13.38  ? 84  LEU B CB  1 
ATOM   670  C CG  . LEU A 1 78  ? 0.826   -3.605  0.905   1.00 15.37  ? 84  LEU B CG  1 
ATOM   671  C CD1 . LEU A 1 78  ? 0.351   -5.050  0.907   1.00 16.93  ? 84  LEU B CD1 1 
ATOM   672  C CD2 . LEU A 1 78  ? 0.964   -3.066  -0.492  1.00 15.14  ? 84  LEU B CD2 1 
ATOM   673  N N   . GLY A 1 79  ? -1.792  -0.015  1.578   1.00 11.39  ? 85  GLY B N   1 
ATOM   674  C CA  . GLY A 1 79  ? -3.169  0.428   1.842   1.00 12.37  ? 85  GLY B CA  1 
ATOM   675  C C   . GLY A 1 79  ? -3.596  1.458   0.812   1.00 11.67  ? 85  GLY B C   1 
ATOM   676  O O   . GLY A 1 79  ? -3.433  1.219   -0.366  1.00 12.34  ? 85  GLY B O   1 
ATOM   677  N N   A VAL A 1 80  ? -4.247  2.524   1.289   0.25 11.85  ? 86  VAL B N   1 
ATOM   678  N N   B VAL A 1 80  ? -4.131  2.575   1.284   0.25 12.23  ? 86  VAL B N   1 
ATOM   679  C CA  A VAL A 1 80  ? -4.699  3.692   0.475   0.25 12.10  ? 86  VAL B CA  1 
ATOM   680  C CA  B VAL A 1 80  ? -4.649  3.658   0.410   0.25 12.58  ? 86  VAL B CA  1 
ATOM   681  C C   A VAL A 1 80  ? -4.222  4.992   1.114   0.25 12.23  ? 86  VAL B C   1 
ATOM   682  C C   B VAL A 1 80  ? -4.372  4.993   1.103   0.25 12.50  ? 86  VAL B C   1 
ATOM   683  O O   A VAL A 1 80  ? -3.929  5.042   2.319   0.25 12.69  ? 86  VAL B O   1 
ATOM   684  O O   B VAL A 1 80  ? -4.309  5.044   2.341   0.25 12.89  ? 86  VAL B O   1 
ATOM   685  C CB  A VAL A 1 80  ? -6.234  3.737   0.316   0.25 12.45  ? 86  VAL B CB  1 
ATOM   686  C CB  B VAL A 1 80  ? -6.144  3.408   0.124   0.25 13.43  ? 86  VAL B CB  1 
ATOM   687  C CG1 A VAL A 1 80  ? -6.725  2.653   -0.621  0.25 12.09  ? 86  VAL B CG1 1 
ATOM   688  C CG1 B VAL A 1 80  ? -6.997  3.696   1.342   0.25 13.55  ? 86  VAL B CG1 1 
ATOM   689  C CG2 A VAL A 1 80  ? -6.955  3.648   1.645   0.25 12.74  ? 86  VAL B CG2 1 
ATOM   690  C CG2 B VAL A 1 80  ? -6.656  4.182   -1.075  0.25 13.68  ? 86  VAL B CG2 1 
ATOM   691  N N   . CYS A 1 81  ? -4.200  6.056   0.318   1.00 11.94  ? 87  CYS B N   1 
ATOM   692  C CA  . CYS A 1 81  ? -3.931  7.382   0.851   1.00 13.04  ? 87  CYS B CA  1 
ATOM   693  C C   . CYS A 1 81  ? -4.660  8.439   0.018   1.00 13.41  ? 87  CYS B C   1 
ATOM   694  O O   . CYS A 1 81  ? -5.093  8.177   -1.119  1.00 14.10  ? 87  CYS B O   1 
ATOM   695  C CB  . CYS A 1 81  ? -2.433  7.661   0.870   1.00 14.81  ? 87  CYS B CB  1 
ATOM   696  S SG  . CYS A 1 81  ? -1.646  7.779   -0.757  1.00 16.16  ? 87  CYS B SG  1 
ATOM   697  N N   A ARG A 1 82  ? -4.797  9.614   0.608   0.25 13.71  ? 88  ARG B N   1 
ATOM   698  N N   B ARG A 1 82  ? -4.800  9.622   0.606   0.25 13.63  ? 88  ARG B N   1 
ATOM   699  C CA  A ARG A 1 82  ? -5.295  10.806  -0.110  0.25 14.51  ? 88  ARG B CA  1 
ATOM   700  C CA  B ARG A 1 82  ? -5.356  10.821  -0.072  0.25 14.35  ? 88  ARG B CA  1 
ATOM   701  C C   A ARG A 1 82  ? -4.387  11.099  -1.301  0.25 14.95  ? 88  ARG B C   1 
ATOM   702  C C   B ARG A 1 82  ? -4.413  11.240  -1.210  0.25 14.96  ? 88  ARG B C   1 
ATOM   703  O O   A ARG A 1 82  ? -3.151  10.884  -1.224  0.25 14.27  ? 88  ARG B O   1 
ATOM   704  O O   B ARG A 1 82  ? -3.162  11.258  -0.986  0.25 13.97  ? 88  ARG B O   1 
ATOM   705  C CB  A ARG A 1 82  ? -5.349  11.995  0.845   0.25 14.75  ? 88  ARG B CB  1 
ATOM   706  C CB  B ARG A 1 82  ? -5.556  11.933  0.967   0.25 14.36  ? 88  ARG B CB  1 
ATOM   707  C CG  A ARG A 1 82  ? -6.444  11.858  1.883   0.25 14.99  ? 88  ARG B CG  1 
ATOM   708  C CG  B ARG A 1 82  ? -6.493  13.043  0.511   0.25 14.47  ? 88  ARG B CG  1 
ATOM   709  C CD  A ARG A 1 82  ? -6.406  13.049  2.811   0.25 15.64  ? 88  ARG B CD  1 
ATOM   710  C CD  B ARG A 1 82  ? -6.612  14.152  1.534   0.25 14.74  ? 88  ARG B CD  1 
ATOM   711  N NE  A ARG A 1 82  ? -7.251  12.860  3.977   0.25 14.87  ? 88  ARG B NE  1 
ATOM   712  N NE  B ARG A 1 82  ? -7.164  13.667  2.785   0.25 15.59  ? 88  ARG B NE  1 
ATOM   713  C CZ  A ARG A 1 82  ? -7.001  13.402  5.156   0.25 15.19  ? 88  ARG B CZ  1 
ATOM   714  C CZ  B ARG A 1 82  ? -6.570  13.791  3.970   0.25 15.43  ? 88  ARG B CZ  1 
ATOM   715  N NH1 A ARG A 1 82  ? -5.924  14.152  5.322   0.25 14.99  ? 88  ARG B NH1 1 
ATOM   716  N NH1 B ARG A 1 82  ? -5.408  14.403  4.070   0.25 16.73  ? 88  ARG B NH1 1 
ATOM   717  N NH2 A ARG A 1 82  ? -7.826  13.192  6.163   0.25 15.89  ? 88  ARG B NH2 1 
ATOM   718  N NH2 B ARG A 1 82  ? -7.142  13.296  5.050   0.25 15.38  ? 88  ARG B NH2 1 
ATOM   719  N N   . ASP A 1 83  ? -4.972  11.631  -2.367  1.00 16.08  ? 89  ASP B N   1 
ATOM   720  C CA  . ASP A 1 83  ? -4.146  12.104  -3.511  1.00 18.06  ? 89  ASP B CA  1 
ATOM   721  C C   . ASP A 1 83  ? -3.208  13.223  -3.043  1.00 18.98  ? 89  ASP B C   1 
ATOM   722  O O   . ASP A 1 83  ? -2.148  13.388  -3.706  1.00 21.16  ? 89  ASP B O   1 
ATOM   723  C CB  . ASP A 1 83  ? -5.021  12.543  -4.680  1.00 21.41  ? 89  ASP B CB  1 
ATOM   724  C CG  . ASP A 1 83  ? -5.963  13.692  -4.395  1.00 26.66  ? 89  ASP B CG  1 
ATOM   725  O OD1 . ASP A 1 83  ? -6.031  14.183  -3.224  1.00 28.93  ? 89  ASP B OD1 1 
ATOM   726  O OD2 . ASP A 1 83  ? -6.577  14.165  -5.390  1.00 30.58  ? 89  ASP B OD2 1 
ATOM   727  N N   . SER A 1 84  ? -3.575  14.000  -2.013  1.00 16.52  ? 90  SER B N   1 
ATOM   728  C CA  . SER A 1 84  ? -2.824  15.204  -1.573  1.00 18.57  ? 90  SER B CA  1 
ATOM   729  C C   . SER A 1 84  ? -1.783  14.925  -0.476  1.00 16.77  ? 90  SER B C   1 
ATOM   730  O O   . SER A 1 84  ? -1.321  15.894  0.130   1.00 17.92  ? 90  SER B O   1 
ATOM   731  C CB  . SER A 1 84  ? -3.773  16.316  -1.179  1.00 20.94  ? 90  SER B CB  1 
ATOM   732  O OG  . SER A 1 84  ? -4.689  15.893  -0.218  1.00 22.88  ? 90  SER B OG  1 
ATOM   733  N N   . VAL A 1 85  ? -1.432  13.663  -0.165  1.00 16.62  ? 91  VAL B N   1 
ATOM   734  C CA  . VAL A 1 85  ? -0.427  13.402  0.896   1.00 17.02  ? 91  VAL B CA  1 
ATOM   735  C C   . VAL A 1 85  ? 0.895   14.090  0.547   1.00 16.36  ? 91  VAL B C   1 
ATOM   736  O O   . VAL A 1 85  ? 1.240   14.199  -0.650  1.00 17.09  ? 91  VAL B O   1 
ATOM   737  C CB  . VAL A 1 85  ? -0.219  11.904  1.229   1.00 15.77  ? 91  VAL B CB  1 
ATOM   738  C CG1 . VAL A 1 85  ? -1.493  11.336  1.856   1.00 16.37  ? 91  VAL B CG1 1 
ATOM   739  C CG2 . VAL A 1 85  ? 0.252   11.053  0.068   1.00 15.16  ? 91  VAL B CG2 1 
ATOM   740  N N   . GLN A 1 86  ? 1.577   14.530  1.594   1.00 17.99  ? 92  GLN B N   1 
ATOM   741  C CA  . GLN A 1 86  ? 2.989   15.005  1.536   1.00 18.45  ? 92  GLN B CA  1 
ATOM   742  C C   . GLN A 1 86  ? 3.817   13.966  0.769   1.00 18.38  ? 92  GLN B C   1 
ATOM   743  O O   . GLN A 1 86  ? 3.700   12.758  1.060   1.00 18.42  ? 92  GLN B O   1 
ATOM   744  C CB  . GLN A 1 86  ? 3.456   15.227  2.975   1.00 21.03  ? 92  GLN B CB  1 
ATOM   745  C CG  . GLN A 1 86  ? 4.912   15.625  3.152   1.00 24.81  ? 92  GLN B CG  1 
ATOM   746  C CD  . GLN A 1 86  ? 5.284   15.675  4.621   1.00 26.75  ? 92  GLN B CD  1 
ATOM   747  O OE1 . GLN A 1 86  ? 4.426   15.629  5.521   1.00 28.27  ? 92  GLN B OE1 1 
ATOM   748  N NE2 . GLN A 1 86  ? 6.587   15.733  4.900   1.00 27.98  ? 92  GLN B NE2 1 
ATOM   749  N N   . ARG A 1 87  ? 4.714   14.433  -0.092  1.00 18.47  ? 93  ARG B N   1 
ATOM   750  C CA  . ARG A 1 87  ? 5.663   13.581  -0.860  1.00 17.02  ? 93  ARG B CA  1 
ATOM   751  C C   . ARG A 1 87  ? 7.082   13.770  -0.342  1.00 18.70  ? 93  ARG B C   1 
ATOM   752  O O   . ARG A 1 87  ? 7.840   12.821  -0.539  1.00 17.51  ? 93  ARG B O   1 
ATOM   753  C CB  . ARG A 1 87  ? 5.611   13.849  -2.365  1.00 17.96  ? 93  ARG B CB  1 
ATOM   754  C CG  . ARG A 1 87  ? 4.211   13.827  -2.977  1.00 17.48  ? 93  ARG B CG  1 
ATOM   755  C CD  . ARG A 1 87  ? 3.464   12.538  -2.713  1.00 17.70  ? 93  ARG B CD  1 
ATOM   756  N NE  . ARG A 1 87  ? 2.066   12.673  -3.156  1.00 18.83  ? 93  ARG B NE  1 
ATOM   757  C CZ  . ARG A 1 87  ? 1.624   12.466  -4.379  1.00 18.98  ? 93  ARG B CZ  1 
ATOM   758  N NH1 . ARG A 1 87  ? 2.446   12.082  -5.334  1.00 20.19  ? 93  ARG B NH1 1 
ATOM   759  N NH2 . ARG A 1 87  ? 0.356   12.685  -4.658  1.00 20.92  ? 93  ARG B NH2 1 
ATOM   760  N N   . LYS A 1 88  ? 7.452   14.950  0.191   1.00 17.84  ? 94  LYS B N   1 
ATOM   761  C CA  . LYS A 1 88  ? 8.897   15.255  0.456   1.00 17.92  ? 94  LYS B CA  1 
ATOM   762  C C   . LYS A 1 88  ? 9.154   15.295  1.949   1.00 20.27  ? 94  LYS B C   1 
ATOM   763  O O   . LYS A 1 88  ? 8.248   15.732  2.689   1.00 23.68  ? 94  LYS B O   1 
ATOM   764  C CB  . LYS A 1 88  ? 9.314   16.590  -0.177  1.00 19.77  ? 94  LYS B CB  1 
ATOM   765  C CG  . LYS A 1 88  ? 8.931   16.761  -1.635  1.00 20.44  ? 94  LYS B CG  1 
ATOM   766  C CD  . LYS A 1 88  ? 9.465   15.687  -2.560  1.00 22.14  ? 94  LYS B CD  1 
ATOM   767  C CE  . LYS A 1 88  ? 9.164   15.985  -4.005  1.00 20.71  ? 94  LYS B CE  1 
ATOM   768  N NZ  . LYS A 1 88  ? 9.769   14.977  -4.895  1.00 22.89  ? 94  LYS B NZ  1 
ATOM   769  N N   . GLY A 1 89  ? 10.323  14.842  2.365   1.00 18.53  ? 95  GLY B N   1 
ATOM   770  C CA  . GLY A 1 89  ? 10.719  14.876  3.775   1.00 20.35  ? 95  GLY B CA  1 
ATOM   771  C C   . GLY A 1 89  ? 10.139  13.749  4.592   1.00 20.36  ? 95  GLY B C   1 
ATOM   772  O O   . GLY A 1 89  ? 9.658   12.736  3.986   1.00 20.15  ? 95  GLY B O   1 
ATOM   773  N N   . GLN A 1 90  ? 10.253  13.866  5.908   1.00 21.57  ? 96  GLN B N   1 
ATOM   774  C CA  . GLN A 1 90  ? 9.852   12.793  6.841   1.00 23.59  ? 96  GLN B CA  1 
ATOM   775  C C   . GLN A 1 90  ? 8.398   13.006  7.238   1.00 21.44  ? 96  GLN B C   1 
ATOM   776  O O   . GLN A 1 90  ? 7.945   14.166  7.282   1.00 22.57  ? 96  GLN B O   1 
ATOM   777  C CB  . GLN A 1 90  ? 10.763  12.788  8.066   1.00 30.83  ? 96  GLN B CB  1 
ATOM   778  C CG  . GLN A 1 90  ? 12.207  12.479  7.710   1.00 35.30  ? 96  GLN B CG  1 
ATOM   779  C CD  . GLN A 1 90  ? 13.056  12.828  8.894   1.00 44.23  ? 96  GLN B CD  1 
ATOM   780  O OE1 . GLN A 1 90  ? 13.115  12.068  9.856   1.00 53.14  ? 96  GLN B OE1 1 
ATOM   781  N NE2 . GLN A 1 90  ? 13.641  14.017  8.857   1.00 49.67  ? 96  GLN B NE2 1 
ATOM   782  N N   . PHE A 1 91  ? 7.681   11.914  7.441   1.00 18.34  ? 97  PHE B N   1 
ATOM   783  C CA  . PHE A 1 91  ? 6.275   11.939  7.911   1.00 19.82  ? 97  PHE B CA  1 
ATOM   784  C C   . PHE A 1 91  ? 5.918   10.550  8.410   1.00 19.52  ? 97  PHE B C   1 
ATOM   785  O O   . PHE A 1 91  ? 6.554   9.550   8.016   1.00 19.99  ? 97  PHE B O   1 
ATOM   786  C CB  . PHE A 1 91  ? 5.350   12.357  6.778   1.00 19.08  ? 97  PHE B CB  1 
ATOM   787  C CG  . PHE A 1 91  ? 5.427   11.499  5.545   1.00 18.55  ? 97  PHE B CG  1 
ATOM   788  C CD1 . PHE A 1 91  ? 4.688   10.335  5.444   1.00 19.87  ? 97  PHE B CD1 1 
ATOM   789  C CD2 . PHE A 1 91  ? 6.183   11.897  4.449   1.00 20.57  ? 97  PHE B CD2 1 
ATOM   790  C CE1 . PHE A 1 91  ? 4.734   9.567   4.289   1.00 19.17  ? 97  PHE B CE1 1 
ATOM   791  C CE2 . PHE A 1 91  ? 6.216   11.139  3.295   1.00 19.91  ? 97  PHE B CE2 1 
ATOM   792  C CZ  . PHE A 1 91  ? 5.459   9.996   3.208   1.00 21.25  ? 97  PHE B CZ  1 
ATOM   793  N N   A SER A 1 92  ? 4.908   10.459  9.269   0.25 19.93  ? 98  SER B N   1 
ATOM   794  N N   B SER A 1 92  ? 4.893   10.482  9.259   0.25 19.15  ? 98  SER B N   1 
ATOM   795  C CA  A SER A 1 92  ? 4.387   9.162   9.769   0.25 20.24  ? 98  SER B CA  1 
ATOM   796  C CA  B SER A 1 92  ? 4.328   9.220   9.800   0.25 19.04  ? 98  SER B CA  1 
ATOM   797  C C   A SER A 1 92  ? 3.150   8.762   8.962   0.25 19.73  ? 98  SER B C   1 
ATOM   798  C C   B SER A 1 92  ? 3.146   8.771   8.933   0.25 19.03  ? 98  SER B C   1 
ATOM   799  O O   A SER A 1 92  ? 2.423   9.659   8.492   0.25 19.27  ? 98  SER B O   1 
ATOM   800  O O   B SER A 1 92  ? 2.447   9.651   8.387   0.25 18.67  ? 98  SER B O   1 
ATOM   801  C CB  A SER A 1 92  ? 4.081   9.233   11.231  0.25 22.54  ? 98  SER B CB  1 
ATOM   802  C CB  B SER A 1 92  ? 3.912   9.390   11.239  0.25 20.27  ? 98  SER B CB  1 
ATOM   803  O OG  A SER A 1 92  ? 3.531   10.500  11.540  0.25 23.97  ? 98  SER B OG  1 
ATOM   804  O OG  B SER A 1 92  ? 5.046   9.628   12.062  0.25 20.08  ? 98  SER B OG  1 
ATOM   805  N N   . LEU A 1 93  ? 2.949   7.455   8.805   1.00 18.19  ? 99  LEU B N   1 
ATOM   806  C CA  . LEU A 1 93  ? 1.746   6.890   8.166   1.00 19.09  ? 99  LEU B CA  1 
ATOM   807  C C   . LEU A 1 93  ? 0.622   6.871   9.200   1.00 19.98  ? 99  LEU B C   1 
ATOM   808  O O   . LEU A 1 93  ? 0.618   6.030   10.083  1.00 20.03  ? 99  LEU B O   1 
ATOM   809  C CB  . LEU A 1 93  ? 2.025   5.481   7.652   1.00 20.06  ? 99  LEU B CB  1 
ATOM   810  C CG  . LEU A 1 93  ? 3.036   5.331   6.523   1.00 20.11  ? 99  LEU B CG  1 
ATOM   811  C CD1 . LEU A 1 93  ? 3.174   3.869   6.133   1.00 22.54  ? 99  LEU B CD1 1 
ATOM   812  C CD2 . LEU A 1 93  ? 2.713   6.165   5.298   1.00 20.33  ? 99  LEU B CD2 1 
ATOM   813  N N   . SER A 1 94  ? -0.342  7.771   9.087   1.00 17.20  ? 100 SER B N   1 
ATOM   814  C CA  . SER A 1 94  ? -1.471  7.890   10.018  1.00 17.53  ? 100 SER B CA  1 
ATOM   815  C C   . SER A 1 94  ? -2.660  8.438   9.253   1.00 16.12  ? 100 SER B C   1 
ATOM   816  O O   . SER A 1 94  ? -2.479  9.179   8.280   1.00 14.60  ? 100 SER B O   1 
ATOM   817  C CB  . SER A 1 94  ? -1.146  8.809   11.186  1.00 17.25  ? 100 SER B CB  1 
ATOM   818  O OG  . SER A 1 94  ? -0.982  10.156  10.710  1.00 22.17  ? 100 SER B OG  1 
ATOM   819  N N   . PRO A 1 95  ? -3.877  8.198   9.725   1.00 15.18  ? 101 PRO B N   1 
ATOM   820  C CA  . PRO A 1 95  ? -5.048  8.817   9.128   1.00 15.74  ? 101 PRO B CA  1 
ATOM   821  C C   . PRO A 1 95  ? -4.985  10.352  9.195   1.00 15.56  ? 101 PRO B C   1 
ATOM   822  O O   . PRO A 1 95  ? -5.408  11.019  8.216   1.00 15.25  ? 101 PRO B O   1 
ATOM   823  C CB  . PRO A 1 95  ? -6.211  8.227   9.926   1.00 16.95  ? 101 PRO B CB  1 
ATOM   824  C CG  . PRO A 1 95  ? -5.694  6.885   10.396  1.00 16.24  ? 101 PRO B CG  1 
ATOM   825  C CD  . PRO A 1 95  ? -4.245  7.161   10.702  1.00 15.80  ? 101 PRO B CD  1 
ATOM   826  N N   . GLU A 1 96  ? -4.396  10.917  10.259  1.00 18.17  ? 102 GLU B N   1 
ATOM   827  C CA  . GLU A 1 96  ? -4.256  12.402  10.354  1.00 23.39  ? 102 GLU B CA  1 
ATOM   828  C C   . GLU A 1 96  ? -3.422  12.943  9.182   1.00 21.65  ? 102 GLU B C   1 
ATOM   829  O O   . GLU A 1 96  ? -3.730  14.079  8.692   1.00 21.85  ? 102 GLU B O   1 
ATOM   830  C CB  . GLU A 1 96  ? -3.683  12.851  11.698  1.00 28.63  ? 102 GLU B CB  1 
ATOM   831  C CG  . GLU A 1 96  ? -4.411  12.216  12.867  1.00 39.17  ? 102 GLU B CG  1 
ATOM   832  C CD  . GLU A 1 96  ? -3.730  10.976  13.437  1.00 43.58  ? 102 GLU B CD  1 
ATOM   833  O OE1 . GLU A 1 96  ? -4.143  9.812   13.067  1.00 28.88  ? 102 GLU B OE1 1 
ATOM   834  O OE2 . GLU A 1 96  ? -2.795  11.179  14.281  1.00 51.19  ? 102 GLU B OE2 1 
ATOM   835  N N   . ASN A 1 97  ? -2.436  12.186  8.671   1.00 18.08  ? 103 ASN B N   1 
ATOM   836  C CA  . ASN A 1 97  ? -1.619  12.595  7.507   1.00 17.27  ? 103 ASN B CA  1 
ATOM   837  C C   . ASN A 1 97  ? -2.189  12.055  6.182   1.00 16.33  ? 103 ASN B C   1 
ATOM   838  O O   . ASN A 1 97  ? -1.559  12.292  5.155   1.00 17.35  ? 103 ASN B O   1 
ATOM   839  C CB  . ASN A 1 97  ? -0.167  12.123  7.689   1.00 17.51  ? 103 ASN B CB  1 
ATOM   840  C CG  . ASN A 1 97  ? 0.571   12.865  8.779   1.00 22.32  ? 103 ASN B CG  1 
ATOM   841  O OD1 . ASN A 1 97  ? 0.202   13.996  9.138   1.00 23.95  ? 103 ASN B OD1 1 
ATOM   842  N ND2 . ASN A 1 97  ? 1.606   12.245  9.330   1.00 21.75  ? 103 ASN B ND2 1 
ATOM   843  N N   . GLY A 1 98  ? -3.365  11.419  6.176   1.00 14.66  ? 104 GLY B N   1 
ATOM   844  C CA  . GLY A 1 98  ? -4.020  10.962  4.940   1.00 14.90  ? 104 GLY B CA  1 
ATOM   845  C C   . GLY A 1 98  ? -3.617  9.586   4.483   1.00 14.15  ? 104 GLY B C   1 
ATOM   846  O O   . GLY A 1 98  ? -3.806  9.289   3.321   1.00 14.37  ? 104 GLY B O   1 
ATOM   847  N N   . PHE A 1 99  ? -3.286  8.663   5.412   1.00 15.27  ? 105 PHE B N   1 
ATOM   848  C CA  . PHE A 1 99  ? -2.924  7.269   5.059   1.00 14.66  ? 105 PHE B CA  1 
ATOM   849  C C   . PHE A 1 99  ? -3.733  6.261   5.890   1.00 14.26  ? 105 PHE B C   1 
ATOM   850  O O   . PHE A 1 99  ? -3.852  6.463   7.115   1.00 14.75  ? 105 PHE B O   1 
ATOM   851  C CB  . PHE A 1 99  ? -1.446  6.966   5.347   1.00 14.54  ? 105 PHE B CB  1 
ATOM   852  C CG  . PHE A 1 99  ? -0.466  7.824   4.577   1.00 14.39  ? 105 PHE B CG  1 
ATOM   853  C CD1 . PHE A 1 99  ? -0.035  9.024   5.100   1.00 14.49  ? 105 PHE B CD1 1 
ATOM   854  C CD2 . PHE A 1 99  ? 0.056   7.395   3.361   1.00 15.02  ? 105 PHE B CD2 1 
ATOM   855  C CE1 . PHE A 1 99  ? 0.837   9.829   4.382   1.00 14.68  ? 105 PHE B CE1 1 
ATOM   856  C CE2 . PHE A 1 99  ? 0.985   8.167   2.675   1.00 15.77  ? 105 PHE B CE2 1 
ATOM   857  C CZ  . PHE A 1 99  ? 1.392   9.358   3.213   1.00 13.95  ? 105 PHE B CZ  1 
ATOM   858  N N   . TRP A 1 100 ? -4.229  5.211   5.243   1.00 12.38  ? 106 TRP B N   1 
ATOM   859  C CA  . TRP A 1 100 ? -4.944  4.063   5.887   1.00 12.12  ? 106 TRP B CA  1 
ATOM   860  C C   . TRP A 1 100 ? -4.191  2.806   5.462   1.00 12.18  ? 106 TRP B C   1 
ATOM   861  O O   . TRP A 1 100 ? -4.378  2.313   4.325   1.00 11.90  ? 106 TRP B O   1 
ATOM   862  C CB  . TRP A 1 100 ? -6.443  4.069   5.531   1.00 12.95  ? 106 TRP B CB  1 
ATOM   863  C CG  . TRP A 1 100 ? -7.106  5.314   6.026   1.00 12.95  ? 106 TRP B CG  1 
ATOM   864  C CD1 . TRP A 1 100 ? -7.776  5.482   7.207   1.00 14.69  ? 106 TRP B CD1 1 
ATOM   865  C CD2 . TRP A 1 100 ? -7.163  6.588   5.339   1.00 13.39  ? 106 TRP B CD2 1 
ATOM   866  N NE1 . TRP A 1 100 ? -8.214  6.786   7.320   1.00 14.96  ? 106 TRP B NE1 1 
ATOM   867  C CE2 . TRP A 1 100 ? -7.861  7.473   6.196   1.00 15.00  ? 106 TRP B CE2 1 
ATOM   868  C CE3 . TRP A 1 100 ? -6.698  7.044   4.106   1.00 14.08  ? 106 TRP B CE3 1 
ATOM   869  C CZ2 . TRP A 1 100 ? -8.058  8.817   5.863   1.00 16.17  ? 106 TRP B CZ2 1 
ATOM   870  C CZ3 . TRP A 1 100 ? -6.929  8.361   3.770   1.00 14.79  ? 106 TRP B CZ3 1 
ATOM   871  C CH2 . TRP A 1 100 ? -7.589  9.218   4.637   1.00 15.18  ? 106 TRP B CH2 1 
ATOM   872  N N   . THR A 1 101 ? -3.264  2.362   6.340   1.00 12.35  ? 107 THR B N   1 
ATOM   873  C CA  . THR A 1 101 ? -2.200  1.396   5.964   1.00 11.84  ? 107 THR B CA  1 
ATOM   874  C C   . THR A 1 101 ? -2.042  0.319   7.051   1.00 12.13  ? 107 THR B C   1 
ATOM   875  O O   . THR A 1 101 ? -2.340  0.596   8.219   1.00 12.68  ? 107 THR B O   1 
ATOM   876  C CB  . THR A 1 101 ? -0.843  2.044   5.701   1.00 12.10  ? 107 THR B CB  1 
ATOM   877  O OG1 . THR A 1 101 ? -0.415  2.717   6.879   1.00 13.55  ? 107 THR B OG1 1 
ATOM   878  C CG2 . THR A 1 101 ? -0.934  2.983   4.514   1.00 13.06  ? 107 THR B CG2 1 
ATOM   879  N N   . ILE A 1 102 ? -1.471  -0.805  6.629   1.00 12.42  ? 108 ILE B N   1 
ATOM   880  C CA  . ILE A 1 102 ? -0.862  -1.791  7.563   1.00 11.98  ? 108 ILE B CA  1 
ATOM   881  C C   . ILE A 1 102 ? 0.583   -2.010  7.087   1.00 13.09  ? 108 ILE B C   1 
ATOM   882  O O   . ILE A 1 102 ? 0.931   -1.684  5.917   1.00 11.93  ? 108 ILE B O   1 
ATOM   883  C CB  . ILE A 1 102 ? -1.648  -3.117  7.665   1.00 13.01  ? 108 ILE B CB  1 
ATOM   884  C CG1 . ILE A 1 102 ? -1.610  -3.928  6.375   1.00 13.35  ? 108 ILE B CG1 1 
ATOM   885  C CG2 . ILE A 1 102 ? -3.080  -2.875  8.111   1.00 12.72  ? 108 ILE B CG2 1 
ATOM   886  C CD1 . ILE A 1 102 ? -2.166  -5.350  6.472   1.00 13.97  ? 108 ILE B CD1 1 
ATOM   887  N N   . TRP A 1 103 ? 1.361   -2.638  7.944   1.00 13.41  ? 109 TRP B N   1 
ATOM   888  C CA  . TRP A 1 103 ? 2.760   -2.945  7.581   1.00 13.34  ? 109 TRP B CA  1 
ATOM   889  C C   . TRP A 1 103 ? 3.317   -4.134  8.322   1.00 13.60  ? 109 TRP B C   1 
ATOM   890  O O   . TRP A 1 103 ? 2.813   -4.558  9.355   1.00 13.88  ? 109 TRP B O   1 
ATOM   891  C CB  . TRP A 1 103 ? 3.640   -1.755  7.750   1.00 16.87  ? 109 TRP B CB  1 
ATOM   892  C CG  . TRP A 1 103 ? 3.805   -1.256  9.140   1.00 17.97  ? 109 TRP B CG  1 
ATOM   893  C CD1 . TRP A 1 103 ? 4.576   -1.811  10.125  1.00 19.44  ? 109 TRP B CD1 1 
ATOM   894  C CD2 . TRP A 1 103 ? 3.334   -0.006  9.632   1.00 20.51  ? 109 TRP B CD2 1 
ATOM   895  N NE1 . TRP A 1 103 ? 4.616   -0.989  11.215  1.00 23.24  ? 109 TRP B NE1 1 
ATOM   896  C CE2 . TRP A 1 103 ? 3.888   0.137   10.926  1.00 20.61  ? 109 TRP B CE2 1 
ATOM   897  C CE3 . TRP A 1 103 ? 2.555   1.016   9.081   1.00 20.37  ? 109 TRP B CE3 1 
ATOM   898  C CZ2 . TRP A 1 103 ? 3.613   1.248   11.704  1.00 22.58  ? 109 TRP B CZ2 1 
ATOM   899  C CZ3 . TRP A 1 103 ? 2.335   2.129   9.843   1.00 22.06  ? 109 TRP B CZ3 1 
ATOM   900  C CH2 . TRP A 1 103 ? 2.832   2.229   11.131  1.00 19.67  ? 109 TRP B CH2 1 
ATOM   901  N N   . LEU A 1 104 ? 4.416   -4.650  7.731   1.00 15.52  ? 110 LEU B N   1 
ATOM   902  C CA  . LEU A 1 104 ? 5.311   -5.626  8.352   1.00 14.67  ? 110 LEU B CA  1 
ATOM   903  C C   . LEU A 1 104 ? 6.640   -4.932  8.627   1.00 14.02  ? 110 LEU B C   1 
ATOM   904  O O   . LEU A 1 104 ? 7.186   -4.263  7.739   1.00 13.95  ? 110 LEU B O   1 
ATOM   905  C CB  . LEU A 1 104 ? 5.516   -6.816  7.401   1.00 15.08  ? 110 LEU B CB  1 
ATOM   906  C CG  . LEU A 1 104 ? 6.597   -7.815  7.813   1.00 14.53  ? 110 LEU B CG  1 
ATOM   907  C CD1 . LEU A 1 104 ? 6.297   -8.451  9.156   1.00 15.48  ? 110 LEU B CD1 1 
ATOM   908  C CD2 . LEU A 1 104 ? 6.795   -8.890  6.767   1.00 15.78  ? 110 LEU B CD2 1 
ATOM   909  N N   . TRP A 1 105 ? 7.144   -5.101  9.856   1.00 15.21  ? 111 TRP B N   1 
ATOM   910  C CA  . TRP A 1 105 ? 8.433   -4.522  10.277  1.00 15.79  ? 111 TRP B CA  1 
ATOM   911  C C   . TRP A 1 105 ? 9.006   -5.383  11.395  1.00 17.58  ? 111 TRP B C   1 
ATOM   912  O O   . TRP A 1 105 ? 8.312   -5.560  12.394  1.00 18.27  ? 111 TRP B O   1 
ATOM   913  C CB  . TRP A 1 105 ? 8.228   -3.069  10.741  1.00 20.27  ? 111 TRP B CB  1 
ATOM   914  C CG  . TRP A 1 105 ? 9.453   -2.421  11.268  1.00 23.68  ? 111 TRP B CG  1 
ATOM   915  C CD1 . TRP A 1 105 ? 9.704   -2.079  12.568  1.00 25.31  ? 111 TRP B CD1 1 
ATOM   916  C CD2 . TRP A 1 105 ? 10.607  -2.053  10.512  1.00 25.72  ? 111 TRP B CD2 1 
ATOM   917  N NE1 . TRP A 1 105 ? 10.945  -1.523  12.661  1.00 27.50  ? 111 TRP B NE1 1 
ATOM   918  C CE2 . TRP A 1 105 ? 11.507  -1.465  11.423  1.00 25.76  ? 111 TRP B CE2 1 
ATOM   919  C CE3 . TRP A 1 105 ? 10.947  -2.129  9.168   1.00 25.54  ? 111 TRP B CE3 1 
ATOM   920  C CZ2 . TRP A 1 105 ? 12.752  -0.997  11.028  1.00 31.41  ? 111 TRP B CZ2 1 
ATOM   921  C CZ3 . TRP A 1 105 ? 12.184  -1.678  8.774   1.00 31.79  ? 111 TRP B CZ3 1 
ATOM   922  C CH2 . TRP A 1 105 ? 13.072  -1.115  9.700   1.00 31.55  ? 111 TRP B CH2 1 
ATOM   923  N N   . GLN A 1 106 ? 10.233  -5.901  11.217  1.00 17.09  ? 112 GLN B N   1 
ATOM   924  C CA  . GLN A 1 106 ? 10.924  -6.638  12.314  1.00 17.88  ? 112 GLN B CA  1 
ATOM   925  C C   . GLN A 1 106 ? 10.006  -7.690  12.895  1.00 19.86  ? 112 GLN B C   1 
ATOM   926  O O   . GLN A 1 106 ? 9.841   -7.750  14.173  1.00 21.23  ? 112 GLN B O   1 
ATOM   927  C CB  . GLN A 1 106 ? 11.420  -5.630  13.362  1.00 21.01  ? 112 GLN B CB  1 
ATOM   928  C CG  . GLN A 1 106 ? 12.440  -4.666  12.774  1.00 22.48  ? 112 GLN B CG  1 
ATOM   929  C CD  . GLN A 1 106 ? 13.244  -3.875  13.781  1.00 26.04  ? 112 GLN B CD  1 
ATOM   930  O OE1 . GLN A 1 106 ? 14.269  -3.262  13.432  1.00 27.65  ? 112 GLN B OE1 1 
ATOM   931  N NE2 . GLN A 1 106 ? 12.769  -3.849  15.010  1.00 24.63  ? 112 GLN B NE2 1 
ATOM   932  N N   . ASP A 1 107 ? 9.457   -8.536  12.030  1.00 19.79  ? 113 ASP B N   1 
ATOM   933  C CA  . ASP A 1 107 ? 8.749   -9.756  12.461  1.00 24.77  ? 113 ASP B CA  1 
ATOM   934  C C   . ASP A 1 107 ? 7.426   -9.432  13.176  1.00 24.50  ? 113 ASP B C   1 
ATOM   935  O O   . ASP A 1 107 ? 6.843   -10.366 13.733  1.00 29.37  ? 113 ASP B O   1 
ATOM   936  C CB  . ASP A 1 107 ? 9.653   -10.527 13.423  1.00 27.16  ? 113 ASP B CB  1 
ATOM   937  C CG  . ASP A 1 107 ? 9.494   -12.019 13.395  1.00 36.42  ? 113 ASP B CG  1 
ATOM   938  O OD1 . ASP A 1 107 ? 8.913   -12.541 12.404  1.00 41.26  ? 113 ASP B OD1 1 
ATOM   939  O OD2 . ASP A 1 107 ? 9.995   -12.661 14.374  1.00 47.75  ? 113 ASP B OD2 1 
ATOM   940  N N   . SER A 1 108 ? 6.920   -8.208  13.122  1.00 20.01  ? 114 SER B N   1 
ATOM   941  C CA  . SER A 1 108 ? 5.554   -7.881  13.636  1.00 20.30  ? 114 SER B CA  1 
ATOM   942  C C   . SER A 1 108 ? 4.716   -7.175  12.563  1.00 17.79  ? 114 SER B C   1 
ATOM   943  O O   . SER A 1 108 ? 5.270   -6.327  11.787  1.00 18.77  ? 114 SER B O   1 
ATOM   944  C CB  . SER A 1 108 ? 5.610   -7.115  14.921  1.00 25.75  ? 114 SER B CB  1 
ATOM   945  O OG  . SER A 1 108 ? 5.971   -5.779  14.706  1.00 37.07  ? 114 SER B OG  1 
ATOM   946  N N   . TYR A 1 109 ? 3.406   -7.417  12.595  1.00 17.15  ? 115 TYR B N   1 
ATOM   947  C CA  . TYR A 1 109 ? 2.414   -6.701  11.748  1.00 15.48  ? 115 TYR B CA  1 
ATOM   948  C C   . TYR A 1 109 ? 1.729   -5.630  12.591  1.00 15.35  ? 115 TYR B C   1 
ATOM   949  O O   . TYR A 1 109 ? 1.367   -5.885  13.750  1.00 16.21  ? 115 TYR B O   1 
ATOM   950  C CB  . TYR A 1 109 ? 1.454   -7.706  11.137  1.00 15.43  ? 115 TYR B CB  1 
ATOM   951  C CG  . TYR A 1 109 ? 2.104   -8.745  10.259  1.00 16.51  ? 115 TYR B CG  1 
ATOM   952  C CD1 . TYR A 1 109 ? 2.514   -9.963  10.772  1.00 17.51  ? 115 TYR B CD1 1 
ATOM   953  C CD2 . TYR A 1 109 ? 2.242   -8.544  8.900   1.00 15.61  ? 115 TYR B CD2 1 
ATOM   954  C CE1 . TYR A 1 109 ? 3.082   -10.938 9.946   1.00 17.65  ? 115 TYR B CE1 1 
ATOM   955  C CE2 . TYR A 1 109 ? 2.832   -9.492  8.080   1.00 16.26  ? 115 TYR B CE2 1 
ATOM   956  C CZ  . TYR A 1 109 ? 3.231   -10.713 8.604   1.00 17.91  ? 115 TYR B CZ  1 
ATOM   957  O OH  . TYR A 1 109 ? 3.839   -11.668 7.838   1.00 18.72  ? 115 TYR B OH  1 
ATOM   958  N N   A GLU A 1 110 ? 1.554   -4.423  12.039  0.25 15.39  ? 116 GLU B N   1 
ATOM   959  N N   B GLU A 1 110 ? 1.579   -4.427  12.020  0.25 14.86  ? 116 GLU B N   1 
ATOM   960  C CA  A GLU A 1 110 ? 0.911   -3.292  12.769  0.25 16.04  ? 116 GLU B CA  1 
ATOM   961  C CA  B GLU A 1 110 ? 0.978   -3.243  12.696  0.25 15.12  ? 116 GLU B CA  1 
ATOM   962  C C   A GLU A 1 110 ? 0.046   -2.454  11.824  0.25 14.28  ? 116 GLU B C   1 
ATOM   963  C C   B GLU A 1 110 ? -0.041  -2.572  11.760  0.25 13.73  ? 116 GLU B C   1 
ATOM   964  O O   A GLU A 1 110 ? 0.415   -2.268  10.663  0.25 14.19  ? 116 GLU B O   1 
ATOM   965  O O   B GLU A 1 110 ? 0.100   -2.680  10.521  0.25 12.83  ? 116 GLU B O   1 
ATOM   966  C CB  A GLU A 1 110 ? 1.940   -2.401  13.460  0.25 17.49  ? 116 GLU B CB  1 
ATOM   967  C CB  B GLU A 1 110 ? 2.045   -2.233  13.126  0.25 15.94  ? 116 GLU B CB  1 
ATOM   968  C CG  A GLU A 1 110 ? 2.771   -3.146  14.501  0.25 19.39  ? 116 GLU B CG  1 
ATOM   969  C CG  B GLU A 1 110 ? 3.182   -2.834  13.952  0.25 17.66  ? 116 GLU B CG  1 
ATOM   970  C CD  A GLU A 1 110 ? 3.789   -2.284  15.223  0.25 22.55  ? 116 GLU B CD  1 
ATOM   971  C CD  B GLU A 1 110 ? 2.844   -3.116  15.409  0.25 18.55  ? 116 GLU B CD  1 
ATOM   972  O OE1 A GLU A 1 110 ? 4.350   -1.367  14.572  0.25 25.02  ? 116 GLU B OE1 1 
ATOM   973  O OE1 B GLU A 1 110 ? 1.954   -2.451  15.968  0.25 21.05  ? 116 GLU B OE1 1 
ATOM   974  O OE2 A GLU A 1 110 ? 4.001   -2.511  16.436  0.25 23.30  ? 116 GLU B OE2 1 
ATOM   975  O OE2 B GLU A 1 110 ? 3.505   -3.987  15.987  0.25 23.45  ? 116 GLU B OE2 1 
ATOM   976  N N   . ALA A 1 111 ? -1.091  -1.966  12.330  1.00 14.15  ? 117 ALA B N   1 
ATOM   977  C CA  . ALA A 1 111 ? -1.927  -0.997  11.584  1.00 13.54  ? 117 ALA B CA  1 
ATOM   978  C C   . ALA A 1 111 ? -1.407  0.416   11.858  1.00 14.38  ? 117 ALA B C   1 
ATOM   979  O O   . ALA A 1 111 ? -1.045  0.764   13.001  1.00 13.97  ? 117 ALA B O   1 
ATOM   980  C CB  . ALA A 1 111 ? -3.400  -1.108  11.953  1.00 14.52  ? 117 ALA B CB  1 
ATOM   981  N N   . GLY A 1 112 ? -1.378  1.223   10.801  1.00 15.09  ? 118 GLY B N   1 
ATOM   982  C CA  . GLY A 1 112 ? -0.890  2.618   10.795  1.00 15.44  ? 118 GLY B CA  1 
ATOM   983  C C   . GLY A 1 112 ? -1.859  3.589   11.447  1.00 15.89  ? 118 GLY B C   1 
ATOM   984  O O   . GLY A 1 112 ? -2.213  4.578   10.862  1.00 16.36  ? 118 GLY B O   1 
ATOM   985  N N   . THR A 1 113 ? -2.253  3.345   12.665  1.00 17.76  ? 119 THR B N   1 
ATOM   986  C CA  . THR A 1 113 ? -2.943  4.314   13.528  1.00 18.24  ? 119 THR B CA  1 
ATOM   987  C C   . THR A 1 113 ? -1.878  5.131   14.242  1.00 18.61  ? 119 THR B C   1 
ATOM   988  O O   . THR A 1 113 ? -0.713  4.766   14.139  1.00 20.88  ? 119 THR B O   1 
ATOM   989  C CB  . THR A 1 113 ? -3.856  3.553   14.479  1.00 16.46  ? 119 THR B CB  1 
ATOM   990  O OG1 . THR A 1 113 ? -3.089  2.580   15.190  1.00 16.08  ? 119 THR B OG1 1 
ATOM   991  C CG2 . THR A 1 113 ? -5.049  2.892   13.843  1.00 17.63  ? 119 THR B CG2 1 
ATOM   992  N N   . SER A 1 114 ? -2.273  6.178   14.979  1.00 21.69  ? 120 SER B N   1 
ATOM   993  C CA  . SER A 1 114 ? -1.353  7.012   15.772  1.00 25.26  ? 120 SER B CA  1 
ATOM   994  C C   . SER A 1 114 ? -1.803  6.993   17.233  1.00 27.03  ? 120 SER B C   1 
ATOM   995  O O   . SER A 1 114 ? -2.830  7.575   17.580  1.00 30.59  ? 120 SER B O   1 
ATOM   996  C CB  . SER A 1 114 ? -1.294  8.427   15.239  1.00 31.28  ? 120 SER B CB  1 
ATOM   997  O OG  . SER A 1 114 ? -0.330  9.162   15.985  1.00 32.68  ? 120 SER B OG  1 
ATOM   998  N N   . PRO A 1 115 ? -1.127  6.254   18.126  1.00 25.10  ? 121 PRO B N   1 
ATOM   999  C CA  . PRO A 1 115 ? 0.035   5.436   17.784  1.00 25.54  ? 121 PRO B CA  1 
ATOM   1000 C C   . PRO A 1 115 ? -0.388  4.112   17.134  1.00 20.13  ? 121 PRO B C   1 
ATOM   1001 O O   . PRO A 1 115 ? -1.583  3.778   17.097  1.00 19.21  ? 121 PRO B O   1 
ATOM   1002 C CB  . PRO A 1 115 ? 0.664   5.148   19.137  1.00 26.91  ? 121 PRO B CB  1 
ATOM   1003 C CG  . PRO A 1 115 ? -0.549  5.051   20.062  1.00 27.54  ? 121 PRO B CG  1 
ATOM   1004 C CD  . PRO A 1 115 ? -1.532  6.088   19.536  1.00 27.23  ? 121 PRO B CD  1 
ATOM   1005 N N   . GLN A 1 116 ? 0.582   3.387   16.627  1.00 21.34  ? 122 GLN B N   1 
ATOM   1006 C CA  . GLN A 1 116 ? 0.312   2.182   15.811  1.00 21.36  ? 122 GLN B CA  1 
ATOM   1007 C C   . GLN A 1 116 ? -0.323  1.074   16.668  1.00 18.89  ? 122 GLN B C   1 
ATOM   1008 O O   . GLN A 1 116 ? -0.124  1.038   17.871  1.00 19.71  ? 122 GLN B O   1 
ATOM   1009 C CB  . GLN A 1 116 ? 1.565   1.703   15.085  1.00 25.48  ? 122 GLN B CB  1 
ATOM   1010 C CG  . GLN A 1 116 ? 2.509   0.916   15.954  1.00 31.31  ? 122 GLN B CG  1 
ATOM   1011 C CD  . GLN A 1 116 ? 3.901   1.474   15.900  1.00 40.92  ? 122 GLN B CD  1 
ATOM   1012 O OE1 . GLN A 1 116 ? 4.100   2.687   15.877  1.00 50.56  ? 122 GLN B OE1 1 
ATOM   1013 N NE2 . GLN A 1 116 ? 4.869   0.582   15.946  1.00 47.98  ? 122 GLN B NE2 1 
ATOM   1014 N N   . THR A 1 117 ? -1.120  0.240   16.017  1.00 16.09  ? 123 THR B N   1 
ATOM   1015 C CA  . THR A 1 117 ? -1.870  -0.855  16.651  1.00 15.33  ? 123 THR B CA  1 
ATOM   1016 C C   . THR A 1 117 ? -1.249  -2.195  16.293  1.00 15.14  ? 123 THR B C   1 
ATOM   1017 O O   . THR A 1 117 ? -1.203  -2.548  15.082  1.00 15.48  ? 123 THR B O   1 
ATOM   1018 C CB  . THR A 1 117 ? -3.348  -0.811  16.238  1.00 15.32  ? 123 THR B CB  1 
ATOM   1019 O OG1 . THR A 1 117 ? -3.826  0.467   16.633  1.00 16.80  ? 123 THR B OG1 1 
ATOM   1020 C CG2 . THR A 1 117 ? -4.149  -1.905  16.888  1.00 16.42  ? 123 THR B CG2 1 
ATOM   1021 N N   . THR A 1 118 ? -1.000  -3.043  17.302  1.00 16.09  ? 124 THR B N   1 
ATOM   1022 C CA  . THR A 1 118 ? -0.594  -4.456  17.117  1.00 16.69  ? 124 THR B CA  1 
ATOM   1023 C C   . THR A 1 118 ? -1.643  -5.321  16.425  1.00 15.83  ? 124 THR B C   1 
ATOM   1024 O O   . THR A 1 118 ? -2.850  -5.297  16.829  1.00 19.08  ? 124 THR B O   1 
ATOM   1025 C CB  . THR A 1 118 ? -0.310  -5.063  18.504  1.00 19.45  ? 124 THR B CB  1 
ATOM   1026 O OG1 . THR A 1 118 ? 0.789   -4.331  19.044  1.00 23.78  ? 124 THR B OG1 1 
ATOM   1027 C CG2 . THR A 1 118 ? -0.071  -6.556  18.462  1.00 24.20  ? 124 THR B CG2 1 
ATOM   1028 N N   . LEU A 1 119 ? -1.260  -6.003  15.355  1.00 13.90  ? 125 LEU B N   1 
ATOM   1029 C CA  . LEU A 1 119 ? -2.136  -6.962  14.630  1.00 14.99  ? 125 LEU B CA  1 
ATOM   1030 C C   . LEU A 1 119 ? -1.863  -8.363  15.188  1.00 17.89  ? 125 LEU B C   1 
ATOM   1031 O O   . LEU A 1 119 ? -0.765  -8.606  15.696  1.00 22.48  ? 125 LEU B O   1 
ATOM   1032 C CB  . LEU A 1 119 ? -1.911  -6.904  13.121  1.00 15.56  ? 125 LEU B CB  1 
ATOM   1033 C CG  . LEU A 1 119 ? -2.166  -5.510  12.539  1.00 14.51  ? 125 LEU B CG  1 
ATOM   1034 C CD1 . LEU A 1 119 ? -1.825  -5.448  11.058  1.00 14.66  ? 125 LEU B CD1 1 
ATOM   1035 C CD2 . LEU A 1 119 ? -3.615  -5.120  12.747  1.00 16.06  ? 125 LEU B CD2 1 
ATOM   1036 N N   . HIS A 1 120 ? -2.832  -9.243  15.077  1.00 18.01  ? 126 HIS B N   1 
ATOM   1037 C CA  . HIS A 1 120 ? -2.772  -10.620 15.628  1.00 17.44  ? 126 HIS B CA  1 
ATOM   1038 C C   . HIS A 1 120 ? -2.918  -11.540 14.426  1.00 18.39  ? 126 HIS B C   1 
ATOM   1039 O O   . HIS A 1 120 ? -4.048  -11.864 14.074  1.00 29.44  ? 126 HIS B O   1 
ATOM   1040 C CB  . HIS A 1 120 ? -3.874  -10.841 16.666  1.00 19.46  ? 126 HIS B CB  1 
ATOM   1041 C CG  . HIS A 1 120 ? -3.810  -9.897  17.829  1.00 22.22  ? 126 HIS B CG  1 
ATOM   1042 N ND1 . HIS A 1 120 ? -4.593  -8.749  17.901  1.00 27.09  ? 126 HIS B ND1 1 
ATOM   1043 C CD2 . HIS A 1 120 ? -3.005  -9.864  18.917  1.00 25.50  ? 126 HIS B CD2 1 
ATOM   1044 C CE1 . HIS A 1 120 ? -4.262  -8.068  18.987  1.00 28.75  ? 126 HIS B CE1 1 
ATOM   1045 N NE2 . HIS A 1 120 ? -3.342  -8.753  19.654  1.00 25.01  ? 126 HIS B NE2 1 
ATOM   1046 N N   . ILE A 1 121 ? -1.841  -11.895 13.769  1.00 21.12  ? 127 ILE B N   1 
ATOM   1047 C CA  . ILE A 1 121 ? -1.923  -12.770 12.564  1.00 22.80  ? 127 ILE B CA  1 
ATOM   1048 C C   . ILE A 1 121 ? -1.306  -14.140 12.928  1.00 24.69  ? 127 ILE B C   1 
ATOM   1049 O O   . ILE A 1 121 ? -0.164  -14.176 13.322  1.00 28.71  ? 127 ILE B O   1 
ATOM   1050 C CB  . ILE A 1 121 ? -1.260  -12.093 11.344  1.00 27.65  ? 127 ILE B CB  1 
ATOM   1051 C CG1 . ILE A 1 121 ? -1.881  -10.724 11.042  1.00 25.52  ? 127 ILE B CG1 1 
ATOM   1052 C CG2 . ILE A 1 121 ? -1.382  -13.010 10.137  1.00 31.02  ? 127 ILE B CG2 1 
ATOM   1053 C CD1 . ILE A 1 121 ? -1.341  -10.026 9.810   1.00 25.90  ? 127 ILE B CD1 1 
ATOM   1054 N N   . GLN A 1 122 ? -2.041  -15.227 12.768  1.00 28.84  ? 128 GLN B N   1 
ATOM   1055 C CA  . GLN A 1 122 ? -1.540  -16.593 13.107  1.00 32.53  ? 128 GLN B CA  1 
ATOM   1056 C C   . GLN A 1 122 ? -0.794  -17.174 11.893  1.00 27.94  ? 128 GLN B C   1 
ATOM   1057 O O   . GLN A 1 122 ? 0.218   -17.885 12.096  1.00 28.39  ? 128 GLN B O   1 
ATOM   1058 C CB  . GLN A 1 122 ? -2.729  -17.433 13.592  1.00 38.01  ? 128 GLN B CB  1 
ATOM   1059 C CG  . GLN A 1 122 ? -2.400  -18.900 13.909  1.00 50.59  ? 128 GLN B CG  1 
ATOM   1060 C CD  . GLN A 1 122 ? -1.405  -19.150 15.030  1.00 56.04  ? 128 GLN B CD  1 
ATOM   1061 O OE1 . GLN A 1 122 ? -0.969  -18.247 15.746  1.00 57.71  ? 128 GLN B OE1 1 
ATOM   1062 N NE2 . GLN A 1 122 ? -1.020  -20.407 15.189  1.00 60.65  ? 128 GLN B NE2 1 
ATOM   1063 N N   . VAL A 1 123 ? -1.197  -16.807 10.680  1.00 24.34  ? 129 VAL B N   1 
ATOM   1064 C CA  . VAL A 1 123 ? -0.633  -17.370 9.408   1.00 22.04  ? 129 VAL B CA  1 
ATOM   1065 C C   . VAL A 1 123 ? 0.016   -16.229 8.623   1.00 21.70  ? 129 VAL B C   1 
ATOM   1066 O O   . VAL A 1 123 ? -0.723  -15.391 8.094   1.00 21.38  ? 129 VAL B O   1 
ATOM   1067 C CB  . VAL A 1 123 ? -1.732  -18.054 8.575   1.00 24.62  ? 129 VAL B CB  1 
ATOM   1068 C CG1 . VAL A 1 123 ? -1.197  -18.578 7.242   1.00 24.51  ? 129 VAL B CG1 1 
ATOM   1069 C CG2 . VAL A 1 123 ? -2.423  -19.161 9.355   1.00 25.47  ? 129 VAL B CG2 1 
ATOM   1070 N N   . PRO A 1 124 ? 1.369   -16.060 8.644   1.00 22.58  ? 130 PRO B N   1 
ATOM   1071 C CA  . PRO A 1 124 ? 2.015   -14.944 7.936   1.00 21.04  ? 130 PRO B CA  1 
ATOM   1072 C C   . PRO A 1 124 ? 1.513   -14.889 6.508   1.00 22.92  ? 130 PRO B C   1 
ATOM   1073 O O   . PRO A 1 124 ? 1.590   -15.865 5.790   1.00 20.23  ? 130 PRO B O   1 
ATOM   1074 C CB  . PRO A 1 124 ? 3.521   -15.278 8.063   1.00 25.81  ? 130 PRO B CB  1 
ATOM   1075 C CG  . PRO A 1 124 ? 3.592   -15.995 9.410   1.00 25.01  ? 130 PRO B CG  1 
ATOM   1076 C CD  . PRO A 1 124 ? 2.353   -16.844 9.425   1.00 25.41  ? 130 PRO B CD  1 
ATOM   1077 N N   . PRO A 1 125 ? 0.919   -13.765 6.050   1.00 20.70  ? 131 PRO B N   1 
ATOM   1078 C CA  . PRO A 1 125 ? 0.339   -13.741 4.710   1.00 20.84  ? 131 PRO B CA  1 
ATOM   1079 C C   . PRO A 1 125 ? 1.370   -13.676 3.576   1.00 18.79  ? 131 PRO B C   1 
ATOM   1080 O O   . PRO A 1 125 ? 2.375   -12.991 3.719   1.00 19.63  ? 131 PRO B O   1 
ATOM   1081 C CB  . PRO A 1 125 ? -0.526  -12.487 4.711   1.00 20.47  ? 131 PRO B CB  1 
ATOM   1082 C CG  . PRO A 1 125 ? -0.015  -11.657 5.861   1.00 21.08  ? 131 PRO B CG  1 
ATOM   1083 C CD  . PRO A 1 125 ? 0.579   -12.601 6.882   1.00 20.82  ? 131 PRO B CD  1 
ATOM   1084 N N   . CYS A 1 126 ? 1.119   -14.412 2.486   1.00 18.88  ? 132 CYS B N   1 
ATOM   1085 C CA  . CYS A 1 126 ? 1.866   -14.234 1.225   1.00 20.37  ? 132 CYS B CA  1 
ATOM   1086 C C   . CYS A 1 126 ? 1.106   -13.290 0.287   1.00 18.54  ? 132 CYS B C   1 
ATOM   1087 O O   . CYS A 1 126 ? 1.718   -12.738 -0.628  1.00 17.39  ? 132 CYS B O   1 
ATOM   1088 C CB  . CYS A 1 126 ? 2.106   -15.553 0.514   1.00 23.69  ? 132 CYS B CB  1 
ATOM   1089 S SG  . CYS A 1 126 ? 3.148   -16.616 1.558   1.00 32.79  ? 132 CYS B SG  1 
ATOM   1090 N N   A GLN A 1 127 ? -0.213  -13.133 0.470   0.25 18.76  ? 133 GLN B N   1 
ATOM   1091 N N   B GLN A 1 127 ? -0.197  -13.104 0.537   0.25 18.90  ? 133 GLN B N   1 
ATOM   1092 C CA  A GLN A 1 127 ? -1.016  -12.156 -0.316  0.25 19.59  ? 133 GLN B CA  1 
ATOM   1093 C CA  B GLN A 1 127 ? -1.081  -12.227 -0.273  0.25 19.91  ? 133 GLN B CA  1 
ATOM   1094 C C   A GLN A 1 127 ? -2.054  -11.481 0.592   0.25 18.63  ? 133 GLN B C   1 
ATOM   1095 C C   B GLN A 1 127 ? -2.042  -11.469 0.651   0.25 18.77  ? 133 GLN B C   1 
ATOM   1096 O O   A GLN A 1 127 ? -2.643  -12.162 1.458   0.25 16.61  ? 133 GLN B O   1 
ATOM   1097 O O   B GLN A 1 127 ? -2.563  -12.080 1.608   0.25 16.62  ? 133 GLN B O   1 
ATOM   1098 C CB  A GLN A 1 127 ? -1.714  -12.796 -1.519  0.25 22.35  ? 133 GLN B CB  1 
ATOM   1099 C CB  B GLN A 1 127 ? -1.879  -13.047 -1.284  0.25 22.99  ? 133 GLN B CB  1 
ATOM   1100 C CG  A GLN A 1 127 ? -0.765  -13.368 -2.562  0.25 24.26  ? 133 GLN B CG  1 
ATOM   1101 C CG  B GLN A 1 127 ? -1.049  -13.570 -2.438  0.25 24.77  ? 133 GLN B CG  1 
ATOM   1102 C CD  A GLN A 1 127 ? -0.584  -14.856 -2.404  0.25 25.82  ? 133 GLN B CD  1 
ATOM   1103 C CD  B GLN A 1 127 ? -1.916  -13.974 -3.602  0.25 24.98  ? 133 GLN B CD  1 
ATOM   1104 O OE1 A GLN A 1 127 ? -1.486  -15.559 -1.955  0.25 25.82  ? 133 GLN B OE1 1 
ATOM   1105 O OE1 B GLN A 1 127 ? -2.976  -13.396 -3.858  0.25 29.21  ? 133 GLN B OE1 1 
ATOM   1106 N NE2 A GLN A 1 127 ? 0.595   -15.345 -2.769  0.25 25.73  ? 133 GLN B NE2 1 
ATOM   1107 N NE2 B GLN A 1 127 ? -1.460  -14.974 -4.327  0.25 26.93  ? 133 GLN B NE2 1 
ATOM   1108 N N   . ILE A 1 128 ? -2.249  -10.181 0.364   1.00 17.25  ? 134 ILE B N   1 
ATOM   1109 C CA  . ILE A 1 128 ? -3.102  -9.278  1.185   1.00 17.89  ? 134 ILE B CA  1 
ATOM   1110 C C   . ILE A 1 128 ? -4.220  -8.797  0.257   1.00 16.75  ? 134 ILE B C   1 
ATOM   1111 O O   . ILE A 1 128 ? -3.914  -8.288  -0.858  1.00 16.44  ? 134 ILE B O   1 
ATOM   1112 C CB  . ILE A 1 128 ? -2.286  -8.101  1.742   1.00 18.84  ? 134 ILE B CB  1 
ATOM   1113 C CG1 . ILE A 1 128 ? -1.116  -8.512  2.641   1.00 21.72  ? 134 ILE B CG1 1 
ATOM   1114 C CG2 . ILE A 1 128 ? -3.226  -7.140  2.453   1.00 17.52  ? 134 ILE B CG2 1 
ATOM   1115 C CD1 . ILE A 1 128 ? -1.494  -9.053  3.937   1.00 21.11  ? 134 ILE B CD1 1 
ATOM   1116 N N   . GLY A 1 129 ? -5.478  -8.847  0.706   1.00 17.18  ? 135 GLY B N   1 
ATOM   1117 C CA  . GLY A 1 129 ? -6.612  -8.193  0.043   1.00 16.84  ? 135 GLY B CA  1 
ATOM   1118 C C   . GLY A 1 129 ? -6.933  -6.868  0.728   1.00 16.18  ? 135 GLY B C   1 
ATOM   1119 O O   . GLY A 1 129 ? -6.898  -6.767  1.953   1.00 15.15  ? 135 GLY B O   1 
ATOM   1120 N N   . ILE A 1 130 ? -7.118  -5.812  -0.079  1.00 16.24  ? 136 ILE B N   1 
ATOM   1121 C CA  . ILE A 1 130 ? -7.467  -4.449  0.397   1.00 15.73  ? 136 ILE B CA  1 
ATOM   1122 C C   . ILE A 1 130 ? -8.834  -4.061  -0.160  1.00 15.95  ? 136 ILE B C   1 
ATOM   1123 O O   . ILE A 1 130 ? -9.056  -4.148  -1.388  1.00 16.16  ? 136 ILE B O   1 
ATOM   1124 C CB  . ILE A 1 130 ? -6.398  -3.435  -0.047  1.00 17.48  ? 136 ILE B CB  1 
ATOM   1125 C CG1 . ILE A 1 130 ? -5.037  -3.852  0.508   1.00 20.56  ? 136 ILE B CG1 1 
ATOM   1126 C CG2 . ILE A 1 130 ? -6.750  -2.003  0.375   1.00 17.40  ? 136 ILE B CG2 1 
ATOM   1127 C CD1 . ILE A 1 130 ? -3.871  -3.093  -0.019  1.00 25.58  ? 136 ILE B CD1 1 
ATOM   1128 N N   . PHE A 1 131 ? -9.745  -3.751  0.729   1.00 14.62  ? 137 PHE B N   1 
ATOM   1129 C CA  . PHE A 1 131 ? -11.139 -3.377  0.384   1.00 15.32  ? 137 PHE B CA  1 
ATOM   1130 C C   . PHE A 1 131 ? -11.386 -1.949  0.837   1.00 14.67  ? 137 PHE B C   1 
ATOM   1131 O O   . PHE A 1 131 ? -11.112 -1.621  2.006   1.00 14.17  ? 137 PHE B O   1 
ATOM   1132 C CB  . PHE A 1 131 ? -12.126 -4.268  1.122   1.00 15.82  ? 137 PHE B CB  1 
ATOM   1133 C CG  . PHE A 1 131 ? -13.579 -3.905  0.928   1.00 16.75  ? 137 PHE B CG  1 
ATOM   1134 C CD1 . PHE A 1 131 ? -14.160 -4.020  -0.323  1.00 19.37  ? 137 PHE B CD1 1 
ATOM   1135 C CD2 . PHE A 1 131 ? -14.325 -3.394  1.966   1.00 18.98  ? 137 PHE B CD2 1 
ATOM   1136 C CE1 . PHE A 1 131 ? -15.503 -3.705  -0.495  1.00 21.50  ? 137 PHE B CE1 1 
ATOM   1137 C CE2 . PHE A 1 131 ? -15.670 -3.089  1.794   1.00 19.92  ? 137 PHE B CE2 1 
ATOM   1138 C CZ  . PHE A 1 131 ? -16.244 -3.236  0.562   1.00 19.51  ? 137 PHE B CZ  1 
ATOM   1139 N N   . VAL A 1 132 ? -11.876 -1.086  -0.058  1.00 14.33  ? 138 VAL B N   1 
ATOM   1140 C CA  . VAL A 1 132 ? -12.295 0.294   0.304   1.00 14.76  ? 138 VAL B CA  1 
ATOM   1141 C C   . VAL A 1 132 ? -13.781 0.485   -0.033  1.00 14.60  ? 138 VAL B C   1 
ATOM   1142 O O   . VAL A 1 132 ? -14.203 0.164   -1.127  1.00 17.54  ? 138 VAL B O   1 
ATOM   1143 C CB  . VAL A 1 132 ? -11.455 1.339   -0.442  1.00 15.62  ? 138 VAL B CB  1 
ATOM   1144 C CG1 . VAL A 1 132 ? -11.871 2.750   -0.063  1.00 16.52  ? 138 VAL B CG1 1 
ATOM   1145 C CG2 . VAL A 1 132 ? -9.979  1.129   -0.132  1.00 18.21  ? 138 VAL B CG2 1 
ATOM   1146 N N   . ASP A 1 133 ? -14.533 0.905   0.948   1.00 15.16  ? 139 ASP B N   1 
ATOM   1147 C CA  . ASP A 1 133 ? -15.930 1.390   0.758   1.00 17.04  ? 139 ASP B CA  1 
ATOM   1148 C C   . ASP A 1 133 ? -15.905 2.897   1.008   1.00 14.78  ? 139 ASP B C   1 
ATOM   1149 O O   . ASP A 1 133 ? -15.828 3.354   2.164   1.00 15.54  ? 139 ASP B O   1 
ATOM   1150 C CB  . ASP A 1 133 ? -16.906 0.631   1.635   1.00 17.00  ? 139 ASP B CB  1 
ATOM   1151 C CG  . ASP A 1 133 ? -18.362 0.998   1.361   1.00 20.08  ? 139 ASP B CG  1 
ATOM   1152 O OD1 . ASP A 1 133 ? -18.634 2.120   0.849   1.00 20.30  ? 139 ASP B OD1 1 
ATOM   1153 O OD2 . ASP A 1 133 ? -19.211 0.135   1.684   1.00 23.26  ? 139 ASP B OD2 1 
ATOM   1154 N N   . TYR A 1 134 ? -15.879 3.693   -0.068  1.00 16.31  ? 140 TYR B N   1 
ATOM   1155 C CA  . TYR A 1 134 ? -15.752 5.159   0.049   1.00 16.68  ? 140 TYR B CA  1 
ATOM   1156 C C   . TYR A 1 134 ? -16.925 5.792   0.848   1.00 16.47  ? 140 TYR B C   1 
ATOM   1157 O O   . TYR A 1 134 ? -16.719 6.479   1.834   1.00 19.50  ? 140 TYR B O   1 
ATOM   1158 C CB  . TYR A 1 134 ? -15.633 5.800   -1.342  1.00 16.95  ? 140 TYR B CB  1 
ATOM   1159 C CG  . TYR A 1 134 ? -15.061 7.187   -1.231  1.00 16.36  ? 140 TYR B CG  1 
ATOM   1160 C CD1 . TYR A 1 134 ? -15.800 8.238   -0.727  1.00 16.69  ? 140 TYR B CD1 1 
ATOM   1161 C CD2 . TYR A 1 134 ? -13.715 7.436   -1.481  1.00 15.66  ? 140 TYR B CD2 1 
ATOM   1162 C CE1 . TYR A 1 134 ? -15.262 9.496   -0.521  1.00 16.16  ? 140 TYR B CE1 1 
ATOM   1163 C CE2 . TYR A 1 134 ? -13.158 8.690   -1.270  1.00 15.13  ? 140 TYR B CE2 1 
ATOM   1164 C CZ  . TYR A 1 134 ? -13.938 9.746   -0.839  1.00 15.97  ? 140 TYR B CZ  1 
ATOM   1165 O OH  . TYR A 1 134 ? -13.405 10.995  -0.600  1.00 16.76  ? 140 TYR B OH  1 
ATOM   1166 N N   . GLU A 1 135 ? -18.167 5.451   0.507   1.00 19.08  ? 141 GLU B N   1 
ATOM   1167 C CA  . GLU A 1 135 ? -19.343 6.054   1.177   1.00 20.15  ? 141 GLU B CA  1 
ATOM   1168 C C   . GLU A 1 135 ? -19.375 5.648   2.647   1.00 17.25  ? 141 GLU B C   1 
ATOM   1169 O O   . GLU A 1 135 ? -19.607 6.522   3.503   1.00 21.07  ? 141 GLU B O   1 
ATOM   1170 C CB  . GLU A 1 135 ? -20.622 5.719   0.418   1.00 22.18  ? 141 GLU B CB  1 
ATOM   1171 C CG  . GLU A 1 135 ? -20.859 6.695   -0.742  1.00 26.32  ? 141 GLU B CG  1 
ATOM   1172 C CD  . GLU A 1 135 ? -19.920 6.428   -1.877  1.00 29.36  ? 141 GLU B CD  1 
ATOM   1173 O OE1 . GLU A 1 135 ? -19.590 7.360   -2.583  1.00 31.74  ? 141 GLU B OE1 1 
ATOM   1174 O OE2 . GLU A 1 135 ? -19.496 5.259   -2.023  1.00 35.19  ? 141 GLU B OE2 1 
ATOM   1175 N N   . ALA A 1 136 ? -19.136 4.377   2.970   1.00 17.62  ? 142 ALA B N   1 
ATOM   1176 C CA  . ALA A 1 136 ? -19.139 3.865   4.354   1.00 19.67  ? 142 ALA B CA  1 
ATOM   1177 C C   . ALA A 1 136 ? -17.960 4.405   5.184   1.00 18.40  ? 142 ALA B C   1 
ATOM   1178 O O   . ALA A 1 136 ? -18.064 4.407   6.427   1.00 21.88  ? 142 ALA B O   1 
ATOM   1179 C CB  . ALA A 1 136 ? -19.119 2.367   4.317   1.00 20.07  ? 142 ALA B CB  1 
ATOM   1180 N N   . GLY A 1 137 ? -16.885 4.900   4.574   1.00 16.50  ? 143 GLY B N   1 
ATOM   1181 C CA  . GLY A 1 137 ? -15.679 5.330   5.298   1.00 15.73  ? 143 GLY B CA  1 
ATOM   1182 C C   . GLY A 1 137 ? -14.919 4.136   5.874   1.00 15.56  ? 143 GLY B C   1 
ATOM   1183 O O   . GLY A 1 137 ? -14.605 4.184   7.069   1.00 15.40  ? 143 GLY B O   1 
ATOM   1184 N N   . VAL A 1 138 ? -14.720 3.104   5.084   1.00 14.20  ? 144 VAL B N   1 
ATOM   1185 C CA  . VAL A 1 138 ? -14.131 1.809   5.541   1.00 14.84  ? 144 VAL B CA  1 
ATOM   1186 C C   . VAL A 1 138 ? -12.918 1.432   4.691   1.00 13.60  ? 144 VAL B C   1 
ATOM   1187 O O   . VAL A 1 138 ? -13.013 1.423   3.410   1.00 16.09  ? 144 VAL B O   1 
ATOM   1188 C CB  . VAL A 1 138 ? -15.196 0.698   5.549   1.00 16.50  ? 144 VAL B CB  1 
ATOM   1189 C CG1 . VAL A 1 138 ? -14.568 -0.695  5.751   1.00 17.74  ? 144 VAL B CG1 1 
ATOM   1190 C CG2 . VAL A 1 138 ? -16.211 1.008   6.632   1.00 16.53  ? 144 VAL B CG2 1 
ATOM   1191 N N   . VAL A 1 139 ? -11.838 1.034   5.358   1.00 13.96  ? 145 VAL B N   1 
ATOM   1192 C CA  . VAL A 1 139 ? -10.695 0.344   4.678   1.00 12.89  ? 145 VAL B CA  1 
ATOM   1193 C C   . VAL A 1 139 ? -10.409 -0.949  5.449   1.00 11.46  ? 145 VAL B C   1 
ATOM   1194 O O   . VAL A 1 139 ? -10.124 -0.844  6.655   1.00 14.04  ? 145 VAL B O   1 
ATOM   1195 C CB  . VAL A 1 139 ? -9.444  1.232   4.643   1.00 13.79  ? 145 VAL B CB  1 
ATOM   1196 C CG1 . VAL A 1 139 ? -8.337  0.530   3.869   1.00 13.76  ? 145 VAL B CG1 1 
ATOM   1197 C CG2 . VAL A 1 139 ? -9.762  2.594   4.054   1.00 13.42  ? 145 VAL B CG2 1 
ATOM   1198 N N   . SER A 1 140 ? -10.531 -2.084  4.775   1.00 12.35  ? 146 SER B N   1 
ATOM   1199 C CA  . SER A 1 140 ? -10.300 -3.395  5.438   1.00 13.47  ? 146 SER B CA  1 
ATOM   1200 C C   . SER A 1 140 ? -9.174  -4.161  4.740   1.00 14.06  ? 146 SER B C   1 
ATOM   1201 O O   . SER A 1 140 ? -9.039  -4.103  3.515   1.00 14.38  ? 146 SER B O   1 
ATOM   1202 C CB  . SER A 1 140 ? -11.587 -4.183  5.453   1.00 14.46  ? 146 SER B CB  1 
ATOM   1203 O OG  . SER A 1 140 ? -12.557 -3.577  6.316   1.00 14.97  ? 146 SER B OG  1 
ATOM   1204 N N   . PHE A 1 141 ? -8.480  -5.007  5.499   1.00 12.34  ? 147 PHE B N   1 
ATOM   1205 C CA  . PHE A 1 141 ? -7.364  -5.839  5.033   1.00 13.05  ? 147 PHE B CA  1 
ATOM   1206 C C   . PHE A 1 141 ? -7.687  -7.287  5.363   1.00 13.51  ? 147 PHE B C   1 
ATOM   1207 O O   . PHE A 1 141 ? -8.034  -7.550  6.534   1.00 14.28  ? 147 PHE B O   1 
ATOM   1208 C CB  . PHE A 1 141 ? -6.058  -5.369  5.689   1.00 12.86  ? 147 PHE B CB  1 
ATOM   1209 C CG  . PHE A 1 141 ? -5.702  -3.947  5.340   1.00 12.93  ? 147 PHE B CG  1 
ATOM   1210 C CD1 . PHE A 1 141 ? -6.213  -2.883  6.079   1.00 11.80  ? 147 PHE B CD1 1 
ATOM   1211 C CD2 . PHE A 1 141 ? -4.734  -3.687  4.380   1.00 13.61  ? 147 PHE B CD2 1 
ATOM   1212 C CE1 . PHE A 1 141 ? -5.929  -1.561  5.718   1.00 13.02  ? 147 PHE B CE1 1 
ATOM   1213 C CE2 . PHE A 1 141 ? -4.422  -2.371  4.030   1.00 12.48  ? 147 PHE B CE2 1 
ATOM   1214 C CZ  . PHE A 1 141 ? -4.970  -1.327  4.741   1.00 12.42  ? 147 PHE B CZ  1 
ATOM   1215 N N   . TYR A 1 142 ? -7.430  -8.144  4.383   1.00 14.16  ? 148 TYR B N   1 
ATOM   1216 C CA  . TYR A 1 142 ? -7.758  -9.598  4.417   1.00 16.29  ? 148 TYR B CA  1 
ATOM   1217 C C   . TYR A 1 142 ? -6.509  -10.441 4.143   1.00 16.79  ? 148 TYR B C   1 
ATOM   1218 O O   . TYR A 1 142 ? -5.693  -10.119 3.315   1.00 16.51  ? 148 TYR B O   1 
ATOM   1219 C CB  . TYR A 1 142 ? -8.913  -9.911  3.475   1.00 16.61  ? 148 TYR B CB  1 
ATOM   1220 C CG  . TYR A 1 142 ? -10.176 -9.203  3.868   1.00 16.31  ? 148 TYR B CG  1 
ATOM   1221 C CD1 . TYR A 1 142 ? -10.993 -9.689  4.868   1.00 18.07  ? 148 TYR B CD1 1 
ATOM   1222 C CD2 . TYR A 1 142 ? -10.527 -8.020  3.264   1.00 16.93  ? 148 TYR B CD2 1 
ATOM   1223 C CE1 . TYR A 1 142 ? -12.143 -9.016  5.239   1.00 19.25  ? 148 TYR B CE1 1 
ATOM   1224 C CE2 . TYR A 1 142 ? -11.694 -7.350  3.603   1.00 17.46  ? 148 TYR B CE2 1 
ATOM   1225 C CZ  . TYR A 1 142 ? -12.514 -7.848  4.595   1.00 18.67  ? 148 TYR B CZ  1 
ATOM   1226 O OH  . TYR A 1 142 ? -13.638 -7.154  4.997   1.00 22.29  ? 148 TYR B OH  1 
ATOM   1227 N N   . ASN A 1 143 ? -6.393  -11.577 4.846   1.00 16.80  ? 149 ASN B N   1 
ATOM   1228 C CA  . ASN A 1 143 ? -5.225  -12.501 4.735   1.00 16.78  ? 149 ASN B CA  1 
ATOM   1229 C C   . ASN A 1 143 ? -5.585  -13.581 3.706   1.00 18.03  ? 149 ASN B C   1 
ATOM   1230 O O   . ASN A 1 143 ? -6.335  -14.543 4.057   1.00 18.59  ? 149 ASN B O   1 
ATOM   1231 C CB  . ASN A 1 143 ? -4.918  -13.149 6.083   1.00 17.61  ? 149 ASN B CB  1 
ATOM   1232 C CG  . ASN A 1 143 ? -3.682  -14.023 6.078   1.00 17.33  ? 149 ASN B CG  1 
ATOM   1233 O OD1 . ASN A 1 143 ? -3.289  -14.517 5.023   1.00 19.07  ? 149 ASN B OD1 1 
ATOM   1234 N ND2 . ASN A 1 143 ? -3.102  -14.234 7.245   1.00 17.67  ? 149 ASN B ND2 1 
ATOM   1235 N N   . ILE A 1 144 ? -5.184  -13.444 2.456   1.00 17.85  ? 150 ILE B N   1 
ATOM   1236 C CA  . ILE A 1 144 ? -5.674  -14.339 1.370   1.00 19.05  ? 150 ILE B CA  1 
ATOM   1237 C C   . ILE A 1 144 ? -5.122  -15.752 1.647   1.00 21.41  ? 150 ILE B C   1 
ATOM   1238 O O   . ILE A 1 144 ? -5.817  -16.740 1.327   1.00 24.33  ? 150 ILE B O   1 
ATOM   1239 C CB  . ILE A 1 144 ? -5.270  -13.800 -0.008  1.00 20.78  ? 150 ILE B CB  1 
ATOM   1240 C CG1 . ILE A 1 144 ? -5.772  -12.371 -0.263  1.00 20.58  ? 150 ILE B CG1 1 
ATOM   1241 C CG2 . ILE A 1 144 ? -5.739  -14.735 -1.122  1.00 21.01  ? 150 ILE B CG2 1 
ATOM   1242 C CD1 . ILE A 1 144 ? -7.246  -12.190 0.073   1.00 25.08  ? 150 ILE B CD1 1 
ATOM   1243 N N   . THR A 1 145 ? -3.915  -15.836 2.193   1.00 20.71  ? 151 THR B N   1 
ATOM   1244 C CA  . THR A 1 145 ? -3.226  -17.128 2.522   1.00 22.12  ? 151 THR B CA  1 
ATOM   1245 C C   . THR A 1 145 ? -4.048  -17.927 3.533   1.00 24.76  ? 151 THR B C   1 
ATOM   1246 O O   . THR A 1 145 ? -4.049  -19.166 3.439   1.00 29.20  ? 151 THR B O   1 
ATOM   1247 C CB  . THR A 1 145 ? -1.816  -16.866 3.076   1.00 20.32  ? 151 THR B CB  1 
ATOM   1248 O OG1 . THR A 1 145 ? -1.179  -16.020 2.123   1.00 21.41  ? 151 THR B OG1 1 
ATOM   1249 C CG2 . THR A 1 145 ? -0.995  -18.121 3.270   1.00 23.08  ? 151 THR B CG2 1 
ATOM   1250 N N   . ASP A 1 146 ? -4.743  -17.252 4.441   1.00 24.36  ? 152 ASP B N   1 
ATOM   1251 C CA  . ASP A 1 146 ? -5.578  -17.863 5.512   1.00 24.58  ? 152 ASP B CA  1 
ATOM   1252 C C   . ASP A 1 146 ? -7.073  -17.707 5.208   1.00 24.27  ? 152 ASP B C   1 
ATOM   1253 O O   . ASP A 1 146 ? -7.794  -17.193 6.081   1.00 24.71  ? 152 ASP B O   1 
ATOM   1254 C CB  . ASP A 1 146 ? -5.149  -17.294 6.849   1.00 23.27  ? 152 ASP B CB  1 
ATOM   1255 C CG  . ASP A 1 146 ? -5.875  -17.913 8.016   1.00 30.69  ? 152 ASP B CG  1 
ATOM   1256 O OD1 . ASP A 1 146 ? -5.965  -19.161 8.044   1.00 28.80  ? 152 ASP B OD1 1 
ATOM   1257 O OD2 . ASP A 1 146 ? -6.391  -17.133 8.847   1.00 28.78  ? 152 ASP B OD2 1 
ATOM   1258 N N   . HIS A 1 147 ? -7.518  -18.177 4.041   1.00 24.89  ? 153 HIS B N   1 
ATOM   1259 C CA  . HIS A 1 147 ? -8.956  -18.254 3.663   1.00 29.34  ? 153 HIS B CA  1 
ATOM   1260 C C   . HIS A 1 147 ? -9.621  -16.875 3.759   1.00 28.48  ? 153 HIS B C   1 
ATOM   1261 O O   . HIS A 1 147 ? -10.830 -16.817 3.997   1.00 30.33  ? 153 HIS B O   1 
ATOM   1262 C CB  . HIS A 1 147 ? -9.703  -19.232 4.582   1.00 35.21  ? 153 HIS B CB  1 
ATOM   1263 C CG  . HIS A 1 147 ? -9.101  -20.597 4.686   1.00 40.80  ? 153 HIS B CG  1 
ATOM   1264 N ND1 . HIS A 1 147 ? -9.124  -21.501 3.630   1.00 47.21  ? 153 HIS B ND1 1 
ATOM   1265 C CD2 . HIS A 1 147 ? -8.501  -21.227 5.722   1.00 46.93  ? 153 HIS B CD2 1 
ATOM   1266 C CE1 . HIS A 1 147 ? -8.534  -22.623 4.002   1.00 52.19  ? 153 HIS B CE1 1 
ATOM   1267 N NE2 . HIS A 1 147 ? -8.144  -22.482 5.289   1.00 50.24  ? 153 HIS B NE2 1 
ATOM   1268 N N   . GLY A 1 148 ? -8.867  -15.790 3.587   1.00 25.06  ? 154 GLY B N   1 
ATOM   1269 C CA  . GLY A 1 148 ? -9.485  -14.452 3.495   1.00 21.33  ? 154 GLY B CA  1 
ATOM   1270 C C   . GLY A 1 148 ? -9.787  -13.874 4.867   1.00 19.39  ? 154 GLY B C   1 
ATOM   1271 O O   . GLY A 1 148 ? -10.706 -13.041 4.939   1.00 19.46  ? 154 GLY B O   1 
ATOM   1272 N N   . SER A 1 149 ? -9.168  -14.386 5.934   1.00 18.67  ? 155 SER B N   1 
ATOM   1273 C CA  . SER A 1 149 ? -9.467  -13.959 7.328   1.00 18.02  ? 155 SER B CA  1 
ATOM   1274 C C   . SER A 1 149 ? -9.230  -12.446 7.514   1.00 18.96  ? 155 SER B C   1 
ATOM   1275 O O   . SER A 1 149 ? -8.303  -11.895 6.917   1.00 18.85  ? 155 SER B O   1 
ATOM   1276 C CB  . SER A 1 149 ? -8.697  -14.745 8.375   1.00 18.43  ? 155 SER B CB  1 
ATOM   1277 O OG  . SER A 1 149 ? -7.281  -14.688 8.233   1.00 19.08  ? 155 SER B OG  1 
ATOM   1278 N N   . LEU A 1 150 ? -10.053 -11.768 8.305   1.00 18.44  ? 156 LEU B N   1 
ATOM   1279 C CA  . LEU A 1 150 ? -9.845  -10.308 8.524   1.00 16.17  ? 156 LEU B CA  1 
ATOM   1280 C C   . LEU A 1 150 ? -8.550  -10.056 9.289   1.00 16.97  ? 156 LEU B C   1 
ATOM   1281 O O   . LEU A 1 150 ? -8.290  -10.704 10.346  1.00 16.92  ? 156 LEU B O   1 
ATOM   1282 C CB  . LEU A 1 150 ? -11.012 -9.754  9.332   1.00 16.67  ? 156 LEU B CB  1 
ATOM   1283 C CG  . LEU A 1 150 ? -11.005 -8.268  9.638   1.00 17.07  ? 156 LEU B CG  1 
ATOM   1284 C CD1 . LEU A 1 150 ? -11.126 -7.426  8.375   1.00 18.07  ? 156 LEU B CD1 1 
ATOM   1285 C CD2 . LEU A 1 150 ? -12.169 -7.919  10.592  1.00 18.78  ? 156 LEU B CD2 1 
ATOM   1286 N N   . ILE A 1 151 ? -7.790  -9.076  8.828   1.00 13.57  ? 157 ILE B N   1 
ATOM   1287 C CA  . ILE A 1 151 ? -6.591  -8.570  9.504   1.00 15.72  ? 157 ILE B CA  1 
ATOM   1288 C C   . ILE A 1 151 ? -6.963  -7.312  10.291  1.00 14.41  ? 157 ILE B C   1 
ATOM   1289 O O   . ILE A 1 151 ? -6.578  -7.170  11.458  1.00 14.32  ? 157 ILE B O   1 
ATOM   1290 C CB  . ILE A 1 151 ? -5.453  -8.323  8.497   1.00 15.09  ? 157 ILE B CB  1 
ATOM   1291 C CG1 . ILE A 1 151 ? -4.985  -9.607  7.825   1.00 15.96  ? 157 ILE B CG1 1 
ATOM   1292 C CG2 . ILE A 1 151 ? -4.293  -7.585  9.184   1.00 15.71  ? 157 ILE B CG2 1 
ATOM   1293 C CD1 . ILE A 1 151 ? -4.027  -9.374  6.660   1.00 16.89  ? 157 ILE B CD1 1 
ATOM   1294 N N   . TYR A 1 152 ? -7.546  -6.302  9.619   1.00 14.13  ? 158 TYR B N   1 
ATOM   1295 C CA  . TYR A 1 152 ? -7.820  -5.012  10.288  1.00 13.28  ? 158 TYR B CA  1 
ATOM   1296 C C   . TYR A 1 152 ? -8.866  -4.218  9.474   1.00 13.24  ? 158 TYR B C   1 
ATOM   1297 O O   . TYR A 1 152 ? -8.876  -4.311  8.249   1.00 12.66  ? 158 TYR B O   1 
ATOM   1298 C CB  . TYR A 1 152 ? -6.538  -4.157  10.385  1.00 13.99  ? 158 TYR B CB  1 
ATOM   1299 C CG  . TYR A 1 152 ? -6.684  -2.965  11.275  1.00 13.64  ? 158 TYR B CG  1 
ATOM   1300 C CD1 . TYR A 1 152 ? -6.516  -3.064  12.637  1.00 14.75  ? 158 TYR B CD1 1 
ATOM   1301 C CD2 . TYR A 1 152 ? -6.986  -1.701  10.754  1.00 12.31  ? 158 TYR B CD2 1 
ATOM   1302 C CE1 . TYR A 1 152 ? -6.714  -1.980  13.485  1.00 14.42  ? 158 TYR B CE1 1 
ATOM   1303 C CE2 . TYR A 1 152 ? -7.101  -0.598  11.587  1.00 13.25  ? 158 TYR B CE2 1 
ATOM   1304 C CZ  . TYR A 1 152 ? -7.007  -0.745  12.948  1.00 14.37  ? 158 TYR B CZ  1 
ATOM   1305 O OH  . TYR A 1 152 ? -7.209  0.310   13.760  1.00 16.80  ? 158 TYR B OH  1 
ATOM   1306 N N   . THR A 1 153 ? -9.713  -3.483  10.203  1.00 13.45  ? 159 THR B N   1 
ATOM   1307 C CA  . THR A 1 153 ? -10.723 -2.538  9.658   1.00 13.98  ? 159 THR B CA  1 
ATOM   1308 C C   . THR A 1 153 ? -10.481 -1.166  10.275  1.00 14.26  ? 159 THR B C   1 
ATOM   1309 O O   . THR A 1 153 ? -10.615 -0.978  11.471  1.00 14.47  ? 159 THR B O   1 
ATOM   1310 C CB  . THR A 1 153 ? -12.171 -3.030  9.882   1.00 14.66  ? 159 THR B CB  1 
ATOM   1311 O OG1 . THR A 1 153 ? -12.339 -4.156  9.028   1.00 14.32  ? 159 THR B OG1 1 
ATOM   1312 C CG2 . THR A 1 153 ? -13.200 -1.985  9.508   1.00 15.80  ? 159 THR B CG2 1 
ATOM   1313 N N   . PHE A 1 154 ? -10.181 -0.166  9.416   1.00 13.74  ? 160 PHE B N   1 
ATOM   1314 C CA  . PHE A 1 154 ? -10.329 1.266   9.741   1.00 14.07  ? 160 PHE B CA  1 
ATOM   1315 C C   . PHE A 1 154 ? -11.780 1.657   9.404   1.00 14.54  ? 160 PHE B C   1 
ATOM   1316 O O   . PHE A 1 154 ? -12.232 1.439   8.284   1.00 14.16  ? 160 PHE B O   1 
ATOM   1317 C CB  . PHE A 1 154 ? -9.444  2.150   8.882   1.00 14.72  ? 160 PHE B CB  1 
ATOM   1318 C CG  . PHE A 1 154 ? -7.963  2.014   9.094   1.00 12.29  ? 160 PHE B CG  1 
ATOM   1319 C CD1 . PHE A 1 154 ? -7.230  1.093   8.354   1.00 12.38  ? 160 PHE B CD1 1 
ATOM   1320 C CD2 . PHE A 1 154 ? -7.300  2.916   9.899   1.00 13.05  ? 160 PHE B CD2 1 
ATOM   1321 C CE1 . PHE A 1 154 ? -5.854  1.022   8.504   1.00 12.39  ? 160 PHE B CE1 1 
ATOM   1322 C CE2 . PHE A 1 154 ? -5.918  2.838   10.040  1.00 12.89  ? 160 PHE B CE2 1 
ATOM   1323 C CZ  . PHE A 1 154 ? -5.208  1.885   9.346   1.00 11.91  ? 160 PHE B CZ  1 
ATOM   1324 N N   . SER A 1 155 ? -12.488 2.165   10.394  1.00 16.19  ? 161 SER B N   1 
ATOM   1325 C CA  . SER A 1 155 ? -13.868 2.639   10.176  1.00 19.66  ? 161 SER B CA  1 
ATOM   1326 C C   . SER A 1 155 ? -13.969 4.121   10.554  1.00 19.77  ? 161 SER B C   1 
ATOM   1327 O O   . SER A 1 155 ? -13.022 4.686   11.165  1.00 20.12  ? 161 SER B O   1 
ATOM   1328 C CB  . SER A 1 155 ? -14.821 1.735   10.935  1.00 23.50  ? 161 SER B CB  1 
ATOM   1329 O OG  . SER A 1 155 ? -14.732 1.952   12.325  1.00 24.87  ? 161 SER B OG  1 
ATOM   1330 N N   . GLU A 1 156 ? -15.083 4.765   10.188  1.00 21.13  ? 162 GLU B N   1 
ATOM   1331 C CA  . GLU A 1 156 ? -15.258 6.235   10.385  1.00 24.13  ? 162 GLU B CA  1 
ATOM   1332 C C   . GLU A 1 156 ? -14.091 7.012   9.743   1.00 22.19  ? 162 GLU B C   1 
ATOM   1333 O O   . GLU A 1 156 ? -13.627 8.010   10.366  1.00 22.12  ? 162 GLU B O   1 
ATOM   1334 C CB  . GLU A 1 156 ? -15.333 6.579   11.873  1.00 29.70  ? 162 GLU B CB  1 
ATOM   1335 C CG  . GLU A 1 156 ? -16.221 5.641   12.665  1.00 36.75  ? 162 GLU B CG  1 
ATOM   1336 C CD  . GLU A 1 156 ? -16.447 6.043   14.111  1.00 49.98  ? 162 GLU B CD  1 
ATOM   1337 O OE1 . GLU A 1 156 ? -15.447 6.283   14.845  1.00 49.54  ? 162 GLU B OE1 1 
ATOM   1338 O OE2 . GLU A 1 156 ? -17.633 6.109   14.504  1.00 65.51  ? 162 GLU B OE2 1 
ATOM   1339 N N   . CYS A 1 157 ? -13.599 6.566   8.582   1.00 19.35  ? 163 CYS B N   1 
ATOM   1340 C CA  . CYS A 1 157 ? -12.435 7.188   7.906   1.00 18.38  ? 163 CYS B CA  1 
ATOM   1341 C C   . CYS A 1 157 ? -12.876 8.548   7.358   1.00 20.00  ? 163 CYS B C   1 
ATOM   1342 O O   . CYS A 1 157 ? -14.005 8.621   6.796   1.00 21.83  ? 163 CYS B O   1 
ATOM   1343 C CB  . CYS A 1 157 ? -11.867 6.379   6.749   1.00 16.88  ? 163 CYS B CB  1 
ATOM   1344 S SG  . CYS A 1 157 ? -11.245 4.755   7.267   1.00 17.11  ? 163 CYS B SG  1 
ATOM   1345 N N   . VAL A 1 158 ? -12.033 9.550   7.525   1.00 19.19  ? 164 VAL B N   1 
ATOM   1346 C CA  . VAL A 1 158 ? -12.301 10.888  6.934   1.00 19.41  ? 164 VAL B CA  1 
ATOM   1347 C C   . VAL A 1 158 ? -11.368 11.044  5.736   1.00 16.70  ? 164 VAL B C   1 
ATOM   1348 O O   . VAL A 1 158 ? -10.243 11.567  5.843   1.00 19.86  ? 164 VAL B O   1 
ATOM   1349 C CB  . VAL A 1 158 ? -12.241 11.985  8.019   1.00 22.70  ? 164 VAL B CB  1 
ATOM   1350 C CG1 . VAL A 1 158 ? -12.506 13.361  7.399   1.00 24.25  ? 164 VAL B CG1 1 
ATOM   1351 C CG2 . VAL A 1 158 ? -13.223 11.702  9.146   1.00 25.54  ? 164 VAL B CG2 1 
ATOM   1352 N N   . PHE A 1 159 ? -11.753 10.473  4.582   1.00 16.21  ? 165 PHE B N   1 
ATOM   1353 C CA  . PHE A 1 159 ? -10.896 10.429  3.384   1.00 16.28  ? 165 PHE B CA  1 
ATOM   1354 C C   . PHE A 1 159 ? -10.562 11.856  2.938   1.00 19.85  ? 165 PHE B C   1 
ATOM   1355 O O   . PHE A 1 159 ? -9.395  12.129  2.649   1.00 18.85  ? 165 PHE B O   1 
ATOM   1356 C CB  . PHE A 1 159 ? -11.522 9.594   2.285   1.00 17.00  ? 165 PHE B CB  1 
ATOM   1357 C CG  . PHE A 1 159 ? -11.738 8.155   2.675   1.00 16.45  ? 165 PHE B CG  1 
ATOM   1358 C CD1 . PHE A 1 159 ? -10.710 7.398   3.205   1.00 16.28  ? 165 PHE B CD1 1 
ATOM   1359 C CD2 . PHE A 1 159 ? -12.933 7.528   2.371   1.00 17.32  ? 165 PHE B CD2 1 
ATOM   1360 C CE1 . PHE A 1 159 ? -10.922 6.061   3.540   1.00 15.97  ? 165 PHE B CE1 1 
ATOM   1361 C CE2 . PHE A 1 159 ? -13.140 6.193   2.692   1.00 17.53  ? 165 PHE B CE2 1 
ATOM   1362 C CZ  . PHE A 1 159 ? -12.125 5.464   3.243   1.00 17.00  ? 165 PHE B CZ  1 
ATOM   1363 N N   . ALA A 1 160 ? -11.564 12.722  2.910   1.00 17.39  ? 166 ALA B N   1 
ATOM   1364 C CA  . ALA A 1 160 ? -11.385 14.177  2.657   1.00 17.80  ? 166 ALA B CA  1 
ATOM   1365 C C   . ALA A 1 160 ? -10.788 14.478  1.284   1.00 19.12  ? 166 ALA B C   1 
ATOM   1366 O O   . ALA A 1 160 ? -10.120 15.568  1.127   1.00 21.17  ? 166 ALA B O   1 
ATOM   1367 C CB  . ALA A 1 160 ? -10.565 14.780  3.739   1.00 18.08  ? 166 ALA B CB  1 
ATOM   1368 N N   . GLY A 1 161 ? -10.985 13.612  0.315   1.00 19.62  ? 167 GLY B N   1 
ATOM   1369 C CA  . GLY A 1 161 ? -10.495 13.769  -1.065  1.00 20.84  ? 167 GLY B CA  1 
ATOM   1370 C C   . GLY A 1 161 ? -10.408 12.453  -1.794  1.00 17.90  ? 167 GLY B C   1 
ATOM   1371 O O   . GLY A 1 161 ? -10.761 11.384  -1.242  1.00 18.15  ? 167 GLY B O   1 
ATOM   1372 N N   . PRO A 1 162 ? -9.975  12.495  -3.051  1.00 16.50  ? 168 PRO B N   1 
ATOM   1373 C CA  . PRO A 1 162 ? -9.796  11.293  -3.854  1.00 15.54  ? 168 PRO B CA  1 
ATOM   1374 C C   . PRO A 1 162 ? -8.734  10.410  -3.170  1.00 16.03  ? 168 PRO B C   1 
ATOM   1375 O O   . PRO A 1 162 ? -7.801  10.943  -2.530  1.00 16.17  ? 168 PRO B O   1 
ATOM   1376 C CB  . PRO A 1 162 ? -9.336  11.748  -5.230  1.00 16.91  ? 168 PRO B CB  1 
ATOM   1377 C CG  . PRO A 1 162 ? -9.618  13.235  -5.242  1.00 16.23  ? 168 PRO B CG  1 
ATOM   1378 C CD  . PRO A 1 162 ? -9.611  13.704  -3.820  1.00 15.25  ? 168 PRO B CD  1 
ATOM   1379 N N   . LEU A 1 163 ? -8.891  9.100   -3.317  1.00 16.60  ? 169 LEU B N   1 
ATOM   1380 C CA  . LEU A 1 163 ? -7.943  8.103   -2.742  1.00 16.57  ? 169 LEU B CA  1 
ATOM   1381 C C   . LEU A 1 163 ? -7.130  7.451   -3.848  1.00 15.79  ? 169 LEU B C   1 
ATOM   1382 O O   . LEU A 1 163 ? -7.624  7.259   -4.968  1.00 16.31  ? 169 LEU B O   1 
ATOM   1383 C CB  . LEU A 1 163 ? -8.717  7.017   -1.997  1.00 15.79  ? 169 LEU B CB  1 
ATOM   1384 C CG  . LEU A 1 163 ? -9.417  7.441   -0.708  1.00 14.95  ? 169 LEU B CG  1 
ATOM   1385 C CD1 . LEU A 1 163 ? -10.153 6.257   -0.143  1.00 15.91  ? 169 LEU B CD1 1 
ATOM   1386 C CD2 . LEU A 1 163 ? -8.423  8.025   0.293   1.00 16.89  ? 169 LEU B CD2 1 
ATOM   1387 N N   . ARG A 1 164 ? -5.889  7.083   -3.527  1.00 15.06  ? 170 ARG B N   1 
ATOM   1388 C CA  . ARG A 1 164 ? -5.002  6.320   -4.430  1.00 14.94  ? 170 ARG B CA  1 
ATOM   1389 C C   . ARG A 1 164 ? -4.499  5.074   -3.704  1.00 13.27  ? 170 ARG B C   1 
ATOM   1390 O O   . ARG A 1 164 ? -4.183  5.172   -2.517  1.00 14.41  ? 170 ARG B O   1 
ATOM   1391 C CB  . ARG A 1 164 ? -3.844  7.188   -4.898  1.00 16.69  ? 170 ARG B CB  1 
ATOM   1392 C CG  . ARG A 1 164 ? -4.421  8.369   -5.687  1.00 19.93  ? 170 ARG B CG  1 
ATOM   1393 C CD  . ARG A 1 164 ? -3.428  9.264   -6.344  1.00 23.63  ? 170 ARG B CD  1 
ATOM   1394 N NE  . ARG A 1 164 ? -2.738  8.534   -7.378  1.00 21.29  ? 170 ARG B NE  1 
ATOM   1395 C CZ  . ARG A 1 164 ? -1.786  9.064   -8.117  1.00 22.97  ? 170 ARG B CZ  1 
ATOM   1396 N NH1 . ARG A 1 164 ? -1.510  10.341  -7.970  1.00 21.96  ? 170 ARG B NH1 1 
ATOM   1397 N NH2 . ARG A 1 164 ? -1.161  8.332   -9.025  1.00 19.69  ? 170 ARG B NH2 1 
ATOM   1398 N N   . PRO A 1 165 ? -4.374  3.944   -4.406  1.00 13.28  ? 171 PRO B N   1 
ATOM   1399 C CA  . PRO A 1 165 ? -3.686  2.780   -3.822  1.00 12.35  ? 171 PRO B CA  1 
ATOM   1400 C C   . PRO A 1 165 ? -2.254  3.188   -3.421  1.00 12.69  ? 171 PRO B C   1 
ATOM   1401 O O   . PRO A 1 165 ? -1.625  3.978   -4.147  1.00 12.71  ? 171 PRO B O   1 
ATOM   1402 C CB  . PRO A 1 165 ? -3.655  1.738   -4.950  1.00 13.41  ? 171 PRO B CB  1 
ATOM   1403 C CG  . PRO A 1 165 ? -4.793  2.156   -5.854  1.00 14.75  ? 171 PRO B CG  1 
ATOM   1404 C CD  . PRO A 1 165 ? -4.800  3.664   -5.795  1.00 14.65  ? 171 PRO B CD  1 
ATOM   1405 N N   . PHE A 1 166 ? -1.762  2.717   -2.279  1.00 11.89  ? 172 PHE B N   1 
ATOM   1406 C CA  . PHE A 1 166 ? -0.474  3.132   -1.686  1.00 12.75  ? 172 PHE B CA  1 
ATOM   1407 C C   . PHE A 1 166 ? 0.389   1.894   -1.462  1.00 12.24  ? 172 PHE B C   1 
ATOM   1408 O O   . PHE A 1 166 ? -0.088  0.878   -0.936  1.00 11.77  ? 172 PHE B O   1 
ATOM   1409 C CB  . PHE A 1 166 ? -0.737  3.857   -0.368  1.00 12.48  ? 172 PHE B CB  1 
ATOM   1410 C CG  . PHE A 1 166 ? 0.531   4.172   0.379   1.00 13.88  ? 172 PHE B CG  1 
ATOM   1411 C CD1 . PHE A 1 166 ? 1.325   5.241   -0.024  1.00 13.80  ? 172 PHE B CD1 1 
ATOM   1412 C CD2 . PHE A 1 166 ? 0.982   3.355   1.401   1.00 13.12  ? 172 PHE B CD2 1 
ATOM   1413 C CE1 . PHE A 1 166 ? 2.519   5.500   0.640   1.00 14.74  ? 172 PHE B CE1 1 
ATOM   1414 C CE2 . PHE A 1 166 ? 2.175   3.633   2.060   1.00 13.92  ? 172 PHE B CE2 1 
ATOM   1415 C CZ  . PHE A 1 166 ? 2.923   4.710   1.683   1.00 13.88  ? 172 PHE B CZ  1 
ATOM   1416 N N   . PHE A 1 167 ? 1.694   2.004   -1.761  1.00 13.00  ? 173 PHE B N   1 
ATOM   1417 C CA  . PHE A 1 167 ? 2.667   0.891   -1.676  1.00 12.45  ? 173 PHE B CA  1 
ATOM   1418 C C   . PHE A 1 167 ? 3.979   1.423   -1.087  1.00 13.48  ? 173 PHE B C   1 
ATOM   1419 O O   . PHE A 1 167 ? 4.461   2.474   -1.540  1.00 13.39  ? 173 PHE B O   1 
ATOM   1420 C CB  . PHE A 1 167 ? 2.931   0.242   -3.048  1.00 12.87  ? 173 PHE B CB  1 
ATOM   1421 C CG  . PHE A 1 167 ? 1.666   -0.147  -3.784  1.00 12.94  ? 173 PHE B CG  1 
ATOM   1422 C CD1 . PHE A 1 167 ? 1.007   0.792   -4.559  1.00 13.06  ? 173 PHE B CD1 1 
ATOM   1423 C CD2 . PHE A 1 167 ? 1.150   -1.431  -3.712  1.00 14.04  ? 173 PHE B CD2 1 
ATOM   1424 C CE1 . PHE A 1 167 ? -0.205  0.501   -5.181  1.00 14.04  ? 173 PHE B CE1 1 
ATOM   1425 C CE2 . PHE A 1 167 ? -0.018  -1.748  -4.382  1.00 14.21  ? 173 PHE B CE2 1 
ATOM   1426 C CZ  . PHE A 1 167 ? -0.667  -0.790  -5.138  1.00 14.50  ? 173 PHE B CZ  1 
ATOM   1427 N N   . ASN A 1 168 ? 4.605   0.606   -0.263  1.00 13.03  ? 174 ASN B N   1 
ATOM   1428 C CA  . ASN A 1 168 ? 6.010   0.809   0.155   1.00 12.60  ? 174 ASN B CA  1 
ATOM   1429 C C   . ASN A 1 168 ? 6.710   -0.541  0.091   1.00 13.02  ? 174 ASN B C   1 
ATOM   1430 O O   . ASN A 1 168 ? 6.321   -1.462  0.835   1.00 13.94  ? 174 ASN B O   1 
ATOM   1431 C CB  . ASN A 1 168 ? 6.105   1.407   1.559   1.00 12.28  ? 174 ASN B CB  1 
ATOM   1432 C CG  . ASN A 1 168 ? 7.513   1.765   1.969   1.00 14.57  ? 174 ASN B CG  1 
ATOM   1433 O OD1 . ASN A 1 168 ? 8.464   1.528   1.265   1.00 15.42  ? 174 ASN B OD1 1 
ATOM   1434 N ND2 . ASN A 1 168 ? 7.641   2.436   3.107   1.00 15.66  ? 174 ASN B ND2 1 
ATOM   1435 N N   . VAL A 1 169 ? 7.744   -0.657  -0.748  1.00 14.16  ? 175 VAL B N   1 
ATOM   1436 C CA  . VAL A 1 169 ? 8.492   -1.939  -0.880  1.00 14.26  ? 175 VAL B CA  1 
ATOM   1437 C C   . VAL A 1 169 ? 9.437   -2.137  0.307   1.00 15.51  ? 175 VAL B C   1 
ATOM   1438 O O   . VAL A 1 169 ? 9.946   -3.254  0.427   1.00 14.93  ? 175 VAL B O   1 
ATOM   1439 C CB  . VAL A 1 169 ? 9.236   -2.096  -2.219  1.00 16.49  ? 175 VAL B CB  1 
ATOM   1440 C CG1 . VAL A 1 169 ? 8.279   -2.068  -3.387  1.00 15.64  ? 175 VAL B CG1 1 
ATOM   1441 C CG2 . VAL A 1 169 ? 10.354  -1.053  -2.403  1.00 16.64  ? 175 VAL B CG2 1 
ATOM   1442 N N   . GLY A 1 170 ? 9.652   -1.092  1.109   1.00 16.44  ? 176 GLY B N   1 
ATOM   1443 C CA  . GLY A 1 170 ? 10.582  -1.094  2.257   1.00 18.36  ? 176 GLY B CA  1 
ATOM   1444 C C   . GLY A 1 170 ? 12.034  -1.031  1.847   1.00 17.52  ? 176 GLY B C   1 
ATOM   1445 O O   . GLY A 1 170 ? 12.378  -1.249  0.700   1.00 16.32  ? 176 GLY B O   1 
ATOM   1446 N N   . PHE A 1 171 ? 12.878  -0.729  2.836   0.40 18.22  ? 177 PHE B N   1 
ATOM   1447 C CA  . PHE A 1 171 ? 14.355  -0.662  2.731   0.40 18.32  ? 177 PHE B CA  1 
ATOM   1448 C C   . PHE A 1 171 ? 14.907  -2.073  2.466   0.40 17.47  ? 177 PHE B C   1 
ATOM   1449 O O   . PHE A 1 171 ? 14.191  -3.057  2.741   0.40 17.04  ? 177 PHE B O   1 
ATOM   1450 C CB  . PHE A 1 171 ? 14.943  -0.057  4.011   0.40 19.20  ? 177 PHE B CB  1 
ATOM   1451 C CG  . PHE A 1 171 ? 14.433  1.311   4.404   0.40 19.61  ? 177 PHE B CG  1 
ATOM   1452 C CD1 . PHE A 1 171 ? 14.513  2.383   3.529   0.40 20.07  ? 177 PHE B CD1 1 
ATOM   1453 C CD2 . PHE A 1 171 ? 13.916  1.545   5.672   0.40 20.66  ? 177 PHE B CD2 1 
ATOM   1454 C CE1 . PHE A 1 171 ? 14.065  3.642   3.901   0.40 20.31  ? 177 PHE B CE1 1 
ATOM   1455 C CE2 . PHE A 1 171 ? 13.472  2.806   6.045   0.40 20.91  ? 177 PHE B CE2 1 
ATOM   1456 C CZ  . PHE A 1 171 ? 13.545  3.853   5.157   0.40 20.55  ? 177 PHE B CZ  1 
ATOM   1457 N N   . ASN A 1 172 ? 16.145  -2.180  1.970   1.00 16.82  ? 178 ASN B N   1 
ATOM   1458 C CA  . ASN A 1 172 ? 16.814  -3.490  1.841   1.00 17.22  ? 178 ASN B CA  1 
ATOM   1459 C C   . ASN A 1 172 ? 18.231  -3.389  2.415   1.00 17.06  ? 178 ASN B C   1 
ATOM   1460 O O   . ASN A 1 172 ? 19.197  -3.821  1.760   1.00 18.04  ? 178 ASN B O   1 
ATOM   1461 C CB  . ASN A 1 172 ? 16.788  -3.982  0.406   1.00 17.96  ? 178 ASN B CB  1 
ATOM   1462 C CG  . ASN A 1 172 ? 17.330  -5.380  0.282   1.00 17.25  ? 178 ASN B CG  1 
ATOM   1463 O OD1 . ASN A 1 172 ? 17.178  -6.187  1.195   1.00 16.62  ? 178 ASN B OD1 1 
ATOM   1464 N ND2 . ASN A 1 172 ? 17.966  -5.676  -0.839  1.00 19.21  ? 178 ASN B ND2 1 
ATOM   1465 N N   . TYR A 1 173 ? 18.358  -2.866  3.635   0.40 17.75  ? 179 TYR B N   1 
ATOM   1466 C CA  . TYR A 1 173 ? 19.657  -2.777  4.358   0.40 17.67  ? 179 TYR B CA  1 
ATOM   1467 C C   . TYR A 1 173 ? 20.158  -4.184  4.722   0.40 18.68  ? 179 TYR B C   1 
ATOM   1468 O O   . TYR A 1 173 ? 21.388  -4.367  4.820   0.40 18.97  ? 179 TYR B O   1 
ATOM   1469 C CB  . TYR A 1 173 ? 19.545  -1.884  5.599   0.40 17.26  ? 179 TYR B CB  1 
ATOM   1470 C CG  . TYR A 1 173 ? 19.372  -0.414  5.316   0.40 17.05  ? 179 TYR B CG  1 
ATOM   1471 C CD1 . TYR A 1 173 ? 20.426  0.374   4.872   0.40 17.90  ? 179 TYR B CD1 1 
ATOM   1472 C CD2 . TYR A 1 173 ? 18.146  0.198   5.507   0.40 17.61  ? 179 TYR B CD2 1 
ATOM   1473 C CE1 . TYR A 1 173 ? 20.256  1.724   4.597   0.40 17.29  ? 179 TYR B CE1 1 
ATOM   1474 C CE2 . TYR A 1 173 ? 17.960  1.543   5.240   0.40 17.00  ? 179 TYR B CE2 1 
ATOM   1475 C CZ  . TYR A 1 173 ? 19.017  2.311   4.789   0.40 17.24  ? 179 TYR B CZ  1 
ATOM   1476 O OH  . TYR A 1 173 ? 18.813  3.638   4.551   0.40 16.48  ? 179 TYR B OH  1 
ATOM   1477 N N   . SER A 1 174 ? 19.245  -5.137  4.940   1.00 19.03  ? 180 SER B N   1 
ATOM   1478 C CA  . SER A 1 174 ? 19.575  -6.517  5.381   1.00 19.03  ? 180 SER B CA  1 
ATOM   1479 C C   . SER A 1 174 ? 20.004  -7.410  4.206   1.00 18.59  ? 180 SER B C   1 
ATOM   1480 O O   . SER A 1 174 ? 20.512  -8.504  4.482   1.00 20.53  ? 180 SER B O   1 
ATOM   1481 C CB  . SER A 1 174 ? 18.387  -7.153  6.055   1.00 19.06  ? 180 SER B CB  1 
ATOM   1482 O OG  . SER A 1 174 ? 17.356  -7.367  5.086   1.00 19.74  ? 180 SER B OG  1 
ATOM   1483 N N   . GLY A 1 175 ? 19.699  -7.029  2.969   1.00 18.86  ? 181 GLY B N   1 
ATOM   1484 C CA  . GLY A 1 175 ? 19.831  -7.949  1.826   1.00 18.43  ? 181 GLY B CA  1 
ATOM   1485 C C   . GLY A 1 175 ? 18.802  -9.039  1.781   1.00 19.33  ? 181 GLY B C   1 
ATOM   1486 O O   . GLY A 1 175 ? 18.915  -9.888  0.847   1.00 21.74  ? 181 GLY B O   1 
ATOM   1487 N N   . GLY A 1 176 ? 17.776  -9.015  2.660   1.00 17.79  ? 182 GLY B N   1 
ATOM   1488 C CA  . GLY A 1 176 ? 16.711  -10.017 2.638   1.00 18.36  ? 182 GLY B CA  1 
ATOM   1489 C C   . GLY A 1 176 ? 15.354  -9.446  2.223   1.00 17.77  ? 182 GLY B C   1 
ATOM   1490 O O   . GLY A 1 176 ? 14.372  -10.222 2.303   1.00 19.55  ? 182 GLY B O   1 
ATOM   1491 N N   . ASN A 1 177 ? 15.298  -8.203  1.738   1.00 15.09  ? 183 ASN B N   1 
ATOM   1492 C CA  . ASN A 1 177 ? 13.998  -7.595  1.366   1.00 15.55  ? 183 ASN B CA  1 
ATOM   1493 C C   . ASN A 1 177 ? 13.988  -7.090  -0.094  1.00 16.53  ? 183 ASN B C   1 
ATOM   1494 O O   . ASN A 1 177 ? 13.225  -6.189  -0.396  1.00 16.63  ? 183 ASN B O   1 
ATOM   1495 C CB  . ASN A 1 177 ? 13.649  -6.471  2.340   1.00 15.25  ? 183 ASN B CB  1 
ATOM   1496 C CG  . ASN A 1 177 ? 12.191  -6.087  2.254   1.00 15.33  ? 183 ASN B CG  1 
ATOM   1497 O OD1 . ASN A 1 177 ? 11.350  -6.976  2.107   1.00 17.00  ? 183 ASN B OD1 1 
ATOM   1498 N ND2 . ASN A 1 177 ? 11.907  -4.800  2.366   1.00 16.57  ? 183 ASN B ND2 1 
ATOM   1499 N N   . ALA A 1 178 ? 14.722  -7.720  -1.003  1.00 16.74  ? 184 ALA B N   1 
ATOM   1500 C CA  . ALA A 1 178 ? 14.773  -7.297  -2.426  1.00 17.75  ? 184 ALA B CA  1 
ATOM   1501 C C   . ALA A 1 178 ? 13.495  -7.664  -3.195  1.00 17.83  ? 184 ALA B C   1 
ATOM   1502 O O   . ALA A 1 178 ? 13.286  -7.067  -4.250  1.00 18.04  ? 184 ALA B O   1 
ATOM   1503 C CB  . ALA A 1 178 ? 15.972  -7.949  -3.106  1.00 18.47  ? 184 ALA B CB  1 
ATOM   1504 N N   . ALA A 1 179 ? 12.727  -8.631  -2.719  1.00 17.00  ? 185 ALA B N   1 
ATOM   1505 C CA  . ALA A 1 179 ? 11.579  -9.184  -3.473  1.00 18.02  ? 185 ALA B CA  1 
ATOM   1506 C C   . ALA A 1 179 ? 10.570  -8.076  -3.790  1.00 17.70  ? 185 ALA B C   1 
ATOM   1507 O O   . ALA A 1 179 ? 10.400  -7.120  -2.991  1.00 15.70  ? 185 ALA B O   1 
ATOM   1508 C CB  . ALA A 1 179 ? 10.932  -10.321 -2.739  1.00 17.39  ? 185 ALA B CB  1 
ATOM   1509 N N   . PRO A 1 180 ? 9.872   -8.205  -4.939  1.00 16.69  ? 186 PRO B N   1 
ATOM   1510 C CA  . PRO A 1 180 ? 8.872   -7.211  -5.355  1.00 16.80  ? 186 PRO B CA  1 
ATOM   1511 C C   . PRO A 1 180 ? 7.530   -7.304  -4.599  1.00 16.33  ? 186 PRO B C   1 
ATOM   1512 O O   . PRO A 1 180 ? 7.252   -8.328  -3.969  1.00 16.49  ? 186 PRO B O   1 
ATOM   1513 C CB  . PRO A 1 180 ? 8.620   -7.571  -6.836  1.00 18.32  ? 186 PRO B CB  1 
ATOM   1514 C CG  . PRO A 1 180 ? 8.812   -9.057  -6.851  1.00 19.11  ? 186 PRO B CG  1 
ATOM   1515 C CD  . PRO A 1 180 ? 10.031  -9.270  -5.960  1.00 18.18  ? 186 PRO B CD  1 
ATOM   1516 N N   . LEU A 1 181 ? 6.788   -6.199  -4.606  1.00 15.46  ? 187 LEU B N   1 
ATOM   1517 C CA  . LEU A 1 181 ? 5.313   -6.223  -4.445  1.00 14.85  ? 187 LEU B CA  1 
ATOM   1518 C C   . LEU A 1 181 ? 4.724   -6.517  -5.820  1.00 16.60  ? 187 LEU B C   1 
ATOM   1519 O O   . LEU A 1 181 ? 5.152   -5.834  -6.782  1.00 16.97  ? 187 LEU B O   1 
ATOM   1520 C CB  . LEU A 1 181 ? 4.857   -4.896  -3.875  1.00 15.82  ? 187 LEU B CB  1 
ATOM   1521 C CG  . LEU A 1 181 ? 5.319   -4.572  -2.453  1.00 16.18  ? 187 LEU B CG  1 
ATOM   1522 C CD1 . LEU A 1 181 ? 4.845   -3.191  -2.019  1.00 19.36  ? 187 LEU B CD1 1 
ATOM   1523 C CD2 . LEU A 1 181 ? 4.799   -5.599  -1.462  1.00 17.28  ? 187 LEU B CD2 1 
ATOM   1524 N N   . LYS A 1 182 ? 3.705   -7.361  -5.884  1.00 16.16  ? 188 LYS B N   1 
ATOM   1525 C CA  . LYS A 1 182 ? 3.065   -7.702  -7.177  1.00 17.30  ? 188 LYS B CA  1 
ATOM   1526 C C   . LYS A 1 182 ? 1.573   -7.552  -7.017  1.00 16.63  ? 188 LYS B C   1 
ATOM   1527 O O   . LYS A 1 182 ? 1.012   -8.229  -6.149  1.00 16.73  ? 188 LYS B O   1 
ATOM   1528 C CB  . LYS A 1 182 ? 3.389   -9.121  -7.635  1.00 18.89  ? 188 LYS B CB  1 
ATOM   1529 C CG  . LYS A 1 182 ? 4.864   -9.456  -7.697  1.00 22.58  ? 188 LYS B CG  1 
ATOM   1530 C CD  . LYS A 1 182 ? 5.089   -10.787 -8.366  1.00 25.22  ? 188 LYS B CD  1 
ATOM   1531 C CE  . LYS A 1 182 ? 6.535   -11.227 -8.337  1.00 32.99  ? 188 LYS B CE  1 
ATOM   1532 N NZ  . LYS A 1 182 ? 6.631   -12.646 -8.746  1.00 37.10  ? 188 LYS B NZ  1 
ATOM   1533 N N   . LEU A 1 183 ? 0.958   -6.825  -7.919  1.00 16.77  ? 189 LEU B N   1 
ATOM   1534 C CA  . LEU A 1 183 ? -0.530  -6.794  -8.003  1.00 17.92  ? 189 LEU B CA  1 
ATOM   1535 C C   . LEU A 1 183 ? -0.994  -8.118  -8.626  1.00 19.71  ? 189 LEU B C   1 
ATOM   1536 O O   . LEU A 1 183 ? -0.575  -8.420  -9.758  1.00 23.20  ? 189 LEU B O   1 
ATOM   1537 C CB  . LEU A 1 183 ? -0.914  -5.556  -8.807  1.00 18.49  ? 189 LEU B CB  1 
ATOM   1538 C CG  . LEU A 1 183 ? -0.854  -4.296  -7.938  1.00 17.65  ? 189 LEU B CG  1 
ATOM   1539 C CD1 . LEU A 1 183 ? -0.668  -3.033  -8.748  1.00 22.02  ? 189 LEU B CD1 1 
ATOM   1540 C CD2 . LEU A 1 183 ? -2.101  -4.211  -7.049  1.00 16.96  ? 189 LEU B CD2 1 
ATOM   1541 N N   . CYS A 1 184 ? -1.805  -8.901  -7.907  1.00 22.11  ? 190 CYS B N   1 
ATOM   1542 C CA  . CYS A 1 184 ? -2.224  -10.269 -8.356  1.00 23.31  ? 190 CYS B CA  1 
ATOM   1543 C C   . CYS A 1 184 ? -3.387  -10.182 -9.319  1.00 26.61  ? 190 CYS B C   1 
ATOM   1544 O O   . CYS A 1 184 ? -4.248  -9.342  -9.159  1.00 26.74  ? 190 CYS B O   1 
ATOM   1545 C CB  . CYS A 1 184 ? -2.782  -11.095 -7.217  1.00 27.19  ? 190 CYS B CB  1 
ATOM   1546 S SG  . CYS A 1 184 ? -1.742  -11.063 -5.753  1.00 28.88  ? 190 CYS B SG  1 
ATOM   1547 N N   . PRO A 1 185 ? -3.489  -11.102 -10.298 1.00 31.99  ? 191 PRO B N   1 
ATOM   1548 C CA  . PRO A 1 185 ? -4.622  -11.115 -11.212 1.00 35.47  ? 191 PRO B CA  1 
ATOM   1549 C C   . PRO A 1 185 ? -5.958  -11.380 -10.507 1.00 33.80  ? 191 PRO B C   1 
ATOM   1550 O O   . PRO A 1 185 ? -5.975  -12.087 -9.514  1.00 35.49  ? 191 PRO B O   1 
ATOM   1551 C CB  . PRO A 1 185 ? -4.251  -12.258 -12.182 1.00 35.84  ? 191 PRO B CB  1 
ATOM   1552 C CG  . PRO A 1 185 ? -3.358  -13.150 -11.368 1.00 36.03  ? 191 PRO B CG  1 
ATOM   1553 C CD  . PRO A 1 185 ? -2.522  -12.180 -10.572 1.00 34.51  ? 191 PRO B CD  1 
ATOM   1554 N N   . LEU A 1 186 ? -6.995  -10.723 -11.021 1.00 40.58  ? 192 LEU B N   1 
ATOM   1555 C CA  . LEU A 1 186 ? -8.445  -11.004 -10.866 1.00 41.45  ? 192 LEU B CA  1 
ATOM   1556 C C   . LEU A 1 186 ? -8.745  -12.427 -11.347 1.00 45.32  ? 192 LEU B C   1 
ATOM   1557 O O   . LEU A 1 186 ? -9.590  -13.070 -10.719 1.00 52.22  ? 192 LEU B O   1 
ATOM   1558 C CB  . LEU A 1 186 ? -9.219  -9.979  -11.703 1.00 42.83  ? 192 LEU B CB  1 
HETATM 1559 N N1  . VW4 B 2 .   ? 18.143  -0.801  -0.364  0.40 24.26  ? 201 VW4 B N1  1 
HETATM 1560 C C4  . VW4 B 2 .   ? 16.921  4.054   0.111   0.40 24.59  ? 201 VW4 B C4  1 
HETATM 1561 C C5  . VW4 B 2 .   ? 16.212  4.675   1.134   0.40 24.93  ? 201 VW4 B C5  1 
HETATM 1562 C C6  . VW4 B 2 .   ? 15.100  5.456   0.850   0.40 25.17  ? 201 VW4 B C6  1 
HETATM 1563 C C7  . VW4 B 2 .   ? 14.695  5.645   -0.451  0.40 24.38  ? 201 VW4 B C7  1 
HETATM 1564 C C8  . VW4 B 2 .   ? 15.386  5.044   -1.475  0.40 24.51  ? 201 VW4 B C8  1 
HETATM 1565 C C1  . VW4 B 2 .   ? 19.426  4.026   0.282   0.40 24.65  ? 201 VW4 B C1  1 
HETATM 1566 C C2  . VW4 B 2 .   ? 18.145  3.209   0.432   0.40 24.79  ? 201 VW4 B C2  1 
HETATM 1567 C C3  . VW4 B 2 .   ? 18.230  1.905   -0.386  0.40 24.15  ? 201 VW4 B C3  1 
HETATM 1568 S S1  . VW4 B 2 .   ? 18.096  0.449   0.626   0.40 23.22  ? 201 VW4 B S1  1 
HETATM 1569 O O1  . VW4 B 2 .   ? 16.799  0.461   1.222   0.40 24.54  ? 201 VW4 B O1  1 
HETATM 1570 O O2  . VW4 B 2 .   ? 19.255  0.380   1.460   0.40 25.37  ? 201 VW4 B O2  1 
HETATM 1571 C C9  . VW4 B 2 .   ? 16.496  4.257   -1.202  0.40 24.81  ? 201 VW4 B C9  1 
HETATM 1572 C C1  . EDO C 3 .   ? 17.172  16.944  6.129   1.00 49.07  ? 202 EDO B C1  1 
HETATM 1573 O O1  . EDO C 3 .   ? 16.349  16.276  5.195   1.00 43.04  ? 202 EDO B O1  1 
HETATM 1574 C C2  . EDO C 3 .   ? 17.657  16.061  7.202   1.00 47.33  ? 202 EDO B C2  1 
HETATM 1575 O O2  . EDO C 3 .   ? 18.669  15.193  6.747   1.00 53.39  ? 202 EDO B O2  1 
HETATM 1576 S S   . SO4 D 4 .   ? 4.527   13.336  11.616  1.00 42.34  ? 203 SO4 B S   1 
HETATM 1577 O O1  . SO4 D 4 .   ? 4.330   13.256  10.193  1.00 28.27  ? 203 SO4 B O1  1 
HETATM 1578 O O2  . SO4 D 4 .   ? 5.063   14.623  11.956  1.00 45.37  ? 203 SO4 B O2  1 
HETATM 1579 O O3  . SO4 D 4 .   ? 3.256   13.148  12.275  1.00 47.73  ? 203 SO4 B O3  1 
HETATM 1580 O O4  . SO4 D 4 .   ? 5.438   12.321  12.081  1.00 45.19  ? 203 SO4 B O4  1 
HETATM 1581 O O   . HOH E 5 .   ? 18.972  -0.678  -2.506  1.00 44.65  ? 301 HOH B O   1 
HETATM 1582 O O   . HOH E 5 .   ? -1.205  -17.177 -0.255  1.00 28.44  ? 302 HOH B O   1 
HETATM 1583 O O   . HOH E 5 .   ? 6.793   -3.705  13.839  1.00 31.62  ? 303 HOH B O   1 
HETATM 1584 O O   . HOH E 5 .   ? 1.028   12.524  -7.778  1.00 27.91  ? 304 HOH B O   1 
HETATM 1585 O O   . HOH E 5 .   ? -9.258  13.145  8.112   1.00 29.19  ? 305 HOH B O   1 
HETATM 1586 O O   . HOH E 5 .   ? 12.161  -12.639 -5.140  1.00 47.72  ? 306 HOH B O   1 
HETATM 1587 O O   . HOH E 5 .   ? 14.251  15.031  5.495   1.00 25.19  ? 307 HOH B O   1 
HETATM 1588 O O   . HOH E 5 .   ? 23.062  4.868   -10.475 1.00 35.30  ? 308 HOH B O   1 
HETATM 1589 O O   . HOH E 5 .   ? -18.627 9.634   -2.762  1.00 18.85  ? 309 HOH B O   1 
HETATM 1590 O O   . HOH E 5 .   ? 13.934  -12.656 2.587   1.00 44.36  ? 310 HOH B O   1 
HETATM 1591 O O   . HOH E 5 .   ? -12.517 9.180   12.283  1.00 41.68  ? 311 HOH B O   1 
HETATM 1592 O O   . HOH E 5 .   ? 14.625  -12.846 5.841   1.00 39.26  ? 312 HOH B O   1 
HETATM 1593 O O   . HOH E 5 .   ? -20.091 4.624   -6.585  1.00 45.20  ? 313 HOH B O   1 
HETATM 1594 O O   . HOH E 5 .   ? -18.224 -2.503  -7.370  1.00 44.20  ? 314 HOH B O   1 
HETATM 1595 O O   . HOH E 5 .   ? 23.617  -5.049  -7.283  1.00 41.71  ? 315 HOH B O   1 
HETATM 1596 O O   . HOH E 5 .   ? 10.209  2.332   -13.159 1.00 21.43  ? 316 HOH B O   1 
HETATM 1597 O O   . HOH E 5 .   ? 14.420  -13.112 -3.744  1.00 34.43  ? 317 HOH B O   1 
HETATM 1598 O O   . HOH E 5 .   ? 3.101   12.295  3.527   1.00 40.33  ? 318 HOH B O   1 
HETATM 1599 O O   . HOH E 5 .   ? 4.084   -17.203 -2.243  1.00 43.61  ? 319 HOH B O   1 
HETATM 1600 O O   . HOH E 5 .   ? 1.312   -17.807 -2.404  1.00 39.12  ? 320 HOH B O   1 
HETATM 1601 O O   . HOH E 5 .   ? -16.988 2.345   13.581  1.00 28.54  ? 321 HOH B O   1 
HETATM 1602 O O   . HOH E 5 .   ? 1.188   16.126  -2.424  1.00 41.04  ? 322 HOH B O   1 
HETATM 1603 O O   . HOH E 5 .   ? -8.971  -14.096 -3.270  1.00 34.60  ? 323 HOH B O   1 
HETATM 1604 O O   . HOH E 5 .   ? 14.977  -5.689  -5.789  1.00 24.34  ? 324 HOH B O   1 
HETATM 1605 O O   . HOH E 5 .   ? -1.010  -3.987  -16.913 1.00 33.35  ? 325 HOH B O   1 
HETATM 1606 O O   . HOH E 5 .   ? 14.415  7.844   4.941   1.00 35.28  ? 326 HOH B O   1 
HETATM 1607 O O   . HOH E 5 .   ? -13.232 13.461  -4.442  1.00 20.40  ? 327 HOH B O   1 
HETATM 1608 O O   . HOH E 5 .   ? 1.224   5.837   12.690  1.00 27.37  ? 328 HOH B O   1 
HETATM 1609 O O   . HOH E 5 .   ? 3.796   -11.141 5.237   1.00 17.66  ? 329 HOH B O   1 
HETATM 1610 O O   . HOH E 5 .   ? 6.728   2.989   6.921   1.00 33.94  ? 330 HOH B O   1 
HETATM 1611 O O   . HOH E 5 .   ? -17.190 11.097  -6.849  1.00 32.53  ? 331 HOH B O   1 
HETATM 1612 O O   . HOH E 5 .   ? 22.444  -0.140  -2.929  1.00 38.07  ? 332 HOH B O   1 
HETATM 1613 O O   . HOH E 5 .   ? -20.212 2.440   -1.277  1.00 34.82  ? 333 HOH B O   1 
HETATM 1614 O O   . HOH E 5 .   ? -7.178  15.680  -1.158  1.00 32.95  ? 334 HOH B O   1 
HETATM 1615 O O   . HOH E 5 .   ? 5.715   17.827  -3.586  1.00 31.25  ? 335 HOH B O   1 
HETATM 1616 O O   . HOH E 5 .   ? -14.666 -5.429  9.330   1.00 21.03  ? 336 HOH B O   1 
HETATM 1617 O O   . HOH E 5 .   ? 0.573   1.273   20.441  1.00 41.77  ? 337 HOH B O   1 
HETATM 1618 O O   . HOH E 5 .   ? -18.743 -1.889  3.376   1.00 31.42  ? 338 HOH B O   1 
HETATM 1619 O O   . HOH E 5 .   ? 1.936   15.025  6.325   1.00 38.26  ? 339 HOH B O   1 
HETATM 1620 O O   . HOH E 5 .   ? 8.840   -6.162  16.094  1.00 34.85  ? 340 HOH B O   1 
HETATM 1621 O O   . HOH E 5 .   ? 7.496   -11.081 -3.678  1.00 30.67  ? 341 HOH B O   1 
HETATM 1622 O O   . HOH E 5 .   ? 11.179  -0.282  -15.610 1.00 25.99  ? 342 HOH B O   1 
HETATM 1623 O O   . HOH E 5 .   ? -15.008 -4.351  5.520   1.00 30.52  ? 343 HOH B O   1 
HETATM 1624 O O   . HOH E 5 .   ? -4.022  16.091  2.498   1.00 29.23  ? 344 HOH B O   1 
HETATM 1625 O O   . HOH E 5 .   ? -17.478 3.724   8.971   1.00 20.58  ? 345 HOH B O   1 
HETATM 1626 O O   . HOH E 5 .   ? -2.206  4.441   8.167   1.00 15.34  ? 346 HOH B O   1 
HETATM 1627 O O   . HOH E 5 .   ? 5.462   0.593   -18.384 1.00 38.65  ? 347 HOH B O   1 
HETATM 1628 O O   . HOH E 5 .   ? 10.154  -8.855  9.280   1.00 19.49  ? 348 HOH B O   1 
HETATM 1629 O O   . HOH E 5 .   ? -21.754 1.020   1.972   1.00 31.64  ? 349 HOH B O   1 
HETATM 1630 O O   . HOH E 5 .   ? 0.505   11.237  12.699  1.00 36.55  ? 350 HOH B O   1 
HETATM 1631 O O   . HOH E 5 .   ? -5.671  -5.185  -9.387  1.00 23.48  ? 351 HOH B O   1 
HETATM 1632 O O   . HOH E 5 .   ? -8.025  11.275  8.902   1.00 32.34  ? 352 HOH B O   1 
HETATM 1633 O O   . HOH E 5 .   ? -8.653  2.561   13.278  1.00 18.71  ? 353 HOH B O   1 
HETATM 1634 O O   . HOH E 5 .   ? 13.134  -3.508  -0.833  1.00 18.36  ? 354 HOH B O   1 
HETATM 1635 O O   . HOH E 5 .   ? 16.194  12.273  -9.840  1.00 31.03  ? 355 HOH B O   1 
HETATM 1636 O O   . HOH E 5 .   ? 2.896   -9.061  -13.553 1.00 28.35  ? 356 HOH B O   1 
HETATM 1637 O O   . HOH E 5 .   ? 0.235   17.973  1.009   1.00 45.25  ? 357 HOH B O   1 
HETATM 1638 O O   . HOH E 5 .   ? -8.296  -17.029 0.168   1.00 40.50  ? 358 HOH B O   1 
HETATM 1639 O O   . HOH E 5 .   ? -14.680 12.820  1.023   1.00 22.66  ? 359 HOH B O   1 
HETATM 1640 O O   . HOH E 5 .   ? 15.621  -13.212 -0.521  1.00 40.18  ? 360 HOH B O   1 
HETATM 1641 O O   . HOH E 5 .   ? 12.489  -13.695 14.985  1.00 46.35  ? 361 HOH B O   1 
HETATM 1642 O O   . HOH E 5 .   ? 0.336   14.119  4.294   1.00 20.28  ? 362 HOH B O   1 
HETATM 1643 O O   . HOH E 5 .   ? -12.840 13.386  -7.306  1.00 32.95  ? 363 HOH B O   1 
HETATM 1644 O O   . HOH E 5 .   ? 14.126  12.059  -8.087  1.00 37.47  ? 364 HOH B O   1 
HETATM 1645 O O   . HOH E 5 .   ? -4.873  -21.291 6.639   1.00 43.02  ? 365 HOH B O   1 
HETATM 1646 O O   . HOH E 5 .   ? 12.518  12.857  -5.002  1.00 31.99  ? 366 HOH B O   1 
HETATM 1647 O O   . HOH E 5 .   ? -5.328  -13.981 12.773  1.00 30.70  ? 367 HOH B O   1 
HETATM 1648 O O   . HOH E 5 .   ? 1.721   -9.207  -11.154 1.00 36.41  ? 368 HOH B O   1 
HETATM 1649 O O   . HOH E 5 .   ? -5.120  -13.307 9.371   1.00 21.34  ? 369 HOH B O   1 
HETATM 1650 O O   . HOH E 5 .   ? -4.874  -7.141  -7.532  1.00 21.95  ? 370 HOH B O   1 
HETATM 1651 O O   . HOH E 5 .   ? 11.674  5.171   -10.046 1.00 23.21  ? 371 HOH B O   1 
HETATM 1652 O O   . HOH E 5 .   ? -5.105  -8.790  13.225  1.00 18.65  ? 372 HOH B O   1 
HETATM 1653 O O   . HOH E 5 .   ? -15.292 12.536  -8.501  1.00 30.40  ? 373 HOH B O   1 
HETATM 1654 O O   . HOH E 5 .   ? 5.972   -10.415 3.659   1.00 17.68  ? 374 HOH B O   1 
HETATM 1655 O O   . HOH E 5 .   ? 9.331   11.440  1.451   1.00 16.17  ? 375 HOH B O   1 
HETATM 1656 O O   . HOH E 5 .   ? -6.024  -7.709  15.679  1.00 18.75  ? 376 HOH B O   1 
HETATM 1657 O O   . HOH E 5 .   ? 11.866  -4.404  -3.192  1.00 15.89  ? 377 HOH B O   1 
HETATM 1658 O O   . HOH E 5 .   ? -6.810  -20.228 2.202   1.00 38.93  ? 378 HOH B O   1 
HETATM 1659 O O   . HOH E 5 .   ? 10.128  13.011  -13.623 1.00 25.35  ? 379 HOH B O   1 
HETATM 1660 O O   . HOH E 5 .   ? 14.632  -7.591  8.576   1.00 29.80  ? 380 HOH B O   1 
HETATM 1661 O O   . HOH E 5 .   ? -9.824  -12.802 11.516  1.00 20.42  ? 381 HOH B O   1 
HETATM 1662 O O   . HOH E 5 .   ? 11.491  16.218  6.944   1.00 35.24  ? 382 HOH B O   1 
HETATM 1663 O O   . HOH E 5 .   ? 22.984  -2.005  4.720   1.00 43.65  ? 383 HOH B O   1 
HETATM 1664 O O   . HOH E 5 .   ? -11.314 10.951  -8.113  1.00 26.47  ? 384 HOH B O   1 
HETATM 1665 O O   . HOH E 5 .   ? 13.795  10.052  6.162   1.00 36.13  ? 385 HOH B O   1 
HETATM 1666 O O   . HOH E 5 .   ? -18.922 0.248   -6.229  1.00 34.83  ? 386 HOH B O   1 
HETATM 1667 O O   . HOH E 5 .   ? -14.535 7.224   -8.080  1.00 33.12  ? 387 HOH B O   1 
HETATM 1668 O O   . HOH E 5 .   ? 12.945  10.832  -16.349 1.00 44.76  ? 388 HOH B O   1 
HETATM 1669 O O   . HOH E 5 .   ? -9.684  8.891   9.053   1.00 19.13  ? 389 HOH B O   1 
HETATM 1670 O O   . HOH E 5 .   ? 9.591   -5.145  -17.069 1.00 34.74  ? 390 HOH B O   1 
HETATM 1671 O O   . HOH E 5 .   ? 13.010  -10.451 -0.236  1.00 20.74  ? 391 HOH B O   1 
HETATM 1672 O O   . HOH E 5 .   ? 12.216  -0.989  5.646   1.00 22.24  ? 392 HOH B O   1 
HETATM 1673 O O   . HOH E 5 .   ? -2.333  -0.928  -1.974  1.00 16.28  ? 393 HOH B O   1 
HETATM 1674 O O   . HOH E 5 .   ? 12.165  -5.642  9.054   1.00 24.89  ? 394 HOH B O   1 
HETATM 1675 O O   . HOH E 5 .   ? -13.100 -12.545 6.523   1.00 44.51  ? 395 HOH B O   1 
HETATM 1676 O O   . HOH E 5 .   ? 9.393   7.841   -13.997 1.00 26.68  ? 396 HOH B O   1 
HETATM 1677 O O   . HOH E 5 .   ? 2.050   -9.078  14.616  1.00 26.80  ? 397 HOH B O   1 
HETATM 1678 O O   . HOH E 5 .   ? -16.841 9.135   -8.580  1.00 37.71  ? 398 HOH B O   1 
HETATM 1679 O O   . HOH E 5 .   ? -12.175 -13.240 9.735   1.00 28.14  ? 399 HOH B O   1 
HETATM 1680 O O   . HOH E 5 .   ? -8.211  16.611  -5.099  1.00 26.18  ? 400 HOH B O   1 
HETATM 1681 O O   . HOH E 5 .   ? 10.021  2.950   4.790   1.00 31.70  ? 401 HOH B O   1 
HETATM 1682 O O   . HOH E 5 .   ? -5.623  -11.411 11.439  1.00 19.97  ? 402 HOH B O   1 
HETATM 1683 O O   . HOH E 5 .   ? 16.403  -10.313 -0.728  1.00 22.24  ? 403 HOH B O   1 
HETATM 1684 O O   . HOH E 5 .   ? 19.245  -1.825  -9.865  1.00 35.49  ? 404 HOH B O   1 
HETATM 1685 O O   . HOH E 5 .   ? 9.736   -4.599  -11.097 1.00 27.91  ? 405 HOH B O   1 
HETATM 1686 O O   . HOH E 5 .   ? 19.813  -7.881  -1.746  1.00 24.42  ? 406 HOH B O   1 
HETATM 1687 O O   . HOH E 5 .   ? -3.991  -15.719 10.315  1.00 25.60  ? 407 HOH B O   1 
HETATM 1688 O O   . HOH E 5 .   ? -8.815  6.770   -12.012 1.00 29.79  ? 408 HOH B O   1 
HETATM 1689 O O   . HOH E 5 .   ? -11.045 -2.233  -13.111 1.00 40.65  ? 409 HOH B O   1 
HETATM 1690 O O   . HOH E 5 .   ? 9.494   -6.912  -10.235 1.00 27.09  ? 410 HOH B O   1 
HETATM 1691 O O   . HOH E 5 .   ? 12.790  10.172  -5.303  1.00 24.00  ? 411 HOH B O   1 
HETATM 1692 O O   . HOH E 5 .   ? 5.986   -12.831 11.621  1.00 53.19  ? 412 HOH B O   1 
HETATM 1693 O O   . HOH E 5 .   ? 20.509  12.913  7.630   1.00 53.08  ? 413 HOH B O   1 
HETATM 1694 O O   . HOH E 5 .   ? 18.587  -3.546  -2.969  1.00 35.19  ? 414 HOH B O   1 
HETATM 1695 O O   . HOH E 5 .   ? 22.700  6.247   -6.294  0.50 28.47  ? 415 HOH B O   1 
HETATM 1696 O O   . HOH E 5 .   ? 6.586   -12.549 8.969   1.00 37.82  ? 416 HOH B O   1 
HETATM 1697 O O   . HOH E 5 .   ? 19.609  1.143   -13.544 1.00 37.87  ? 417 HOH B O   1 
HETATM 1698 O O   . HOH E 5 .   ? 16.034  16.380  -11.697 1.00 31.34  ? 418 HOH B O   1 
HETATM 1699 O O   . HOH E 5 .   ? -1.326  -9.343  -13.055 1.00 40.85  ? 419 HOH B O   1 
HETATM 1700 O O   . HOH E 5 .   ? 6.003   -6.739  -17.243 1.00 30.94  ? 420 HOH B O   1 
HETATM 1701 O O   . HOH E 5 .   ? -12.144 -16.308 6.895   1.00 50.18  ? 421 HOH B O   1 
HETATM 1702 O O   . HOH E 5 .   ? -0.184  19.324  -7.461  1.00 45.06  ? 422 HOH B O   1 
HETATM 1703 O O   . HOH E 5 .   ? 13.159  18.919  -9.005  1.00 45.07  ? 423 HOH B O   1 
HETATM 1704 O O   . HOH E 5 .   ? 0.274   5.594   -14.884 1.00 38.22  ? 424 HOH B O   1 
HETATM 1705 O O   . HOH E 5 .   ? -9.578  -14.804 -0.061  1.00 39.83  ? 425 HOH B O   1 
HETATM 1706 O O   . HOH E 5 .   ? -1.592  16.197  3.534   1.00 34.39  ? 426 HOH B O   1 
HETATM 1707 O O   . HOH E 5 .   ? 8.897   -11.444 9.021   1.00 37.51  ? 427 HOH B O   1 
HETATM 1708 O O   . HOH E 5 .   ? 14.235  9.977   -18.168 1.00 55.44  ? 428 HOH B O   1 
HETATM 1709 O O   . HOH E 5 .   ? -9.940  7.866   11.512  1.00 36.52  ? 429 HOH B O   1 
HETATM 1710 O O   . HOH E 5 .   ? 2.990   -5.003  -20.687 1.00 38.35  ? 430 HOH B O   1 
HETATM 1711 O O   . HOH E 5 .   ? -23.183 6.827   -4.044  1.00 34.21  ? 431 HOH B O   1 
HETATM 1712 O O   . HOH E 5 .   ? 1.645   -11.626 -10.429 1.00 43.80  ? 432 HOH B O   1 
HETATM 1713 O O   . HOH E 5 .   ? 17.889  -6.969  -6.012  1.00 34.21  ? 433 HOH B O   1 
HETATM 1714 O O   . HOH E 5 .   ? -16.554 -3.713  7.901   1.00 32.77  ? 434 HOH B O   1 
HETATM 1715 O O   . HOH E 5 .   ? 7.386   19.637  -3.689  1.00 40.88  ? 435 HOH B O   1 
HETATM 1716 O O   . HOH E 5 .   ? -7.954  4.543   15.105  1.00 30.62  ? 436 HOH B O   1 
HETATM 1717 O O   . HOH E 5 .   ? -18.359 1.022   9.427   1.00 47.75  ? 437 HOH B O   1 
HETATM 1718 O O   . HOH E 5 .   ? -11.130 11.578  12.186  1.00 32.43  ? 438 HOH B O   1 
HETATM 1719 O O   . HOH E 5 .   ? 11.077  4.318   6.959   1.00 38.89  ? 439 HOH B O   1 
# 
